data_2G5F
#
_entry.id   2G5F
#
_cell.length_a   51.820
_cell.length_b   163.370
_cell.length_c   194.930
_cell.angle_alpha   90.00
_cell.angle_beta   90.00
_cell.angle_gamma   90.00
#
_symmetry.space_group_name_H-M   'P 21 21 21'
#
loop_
_entity.id
_entity.type
_entity.pdbx_description
1 polymer 'COG0147: Anthranilate/para-aminobenzoate synthases component I'
2 non-polymer 'PYRUVIC ACID'
3 non-polymer IMIDAZOLE
4 non-polymer GLYCEROL
5 water water
#
_entity_poly.entity_id   1
_entity_poly.type   'polypeptide(L)'
_entity_poly.pdbx_seq_one_letter_code
;VSELSVATGAVSTASSSIPMPAGVNPADLAAELAAVVTESVDEDYLLYECDGQWVLAAGVQAMVELDSDELRVIRDGVTR
RQQWSGRPGAALGEAVDRLLLETDQAFGWVAFEFGVHRYGLQQRLAPHTPLARVFSPRTRIMVSEKEIRLFDAGIRHREA
IDRLLATGVREVPQSRSVDVSDDPSGFRRRVAVAVDEIAAGRYHKVILSRCVEVPFAIDFPLTYRLGRRHNTPVRSFLLQ
LGGIRALGYSPELVTAVRADGVVITEPLAGTRALGRGPAIDRLARDDLESNSKEIVEHAISVRSSLEEITDIAEPGSAAV
IDFMTVRERGSVQHLGSTIRARLDPSSDRMAALEALFPAVTASGIPKAAGVEAIFRLDECPRGLYSGAVVMLSADGGLDA
ALTLRAAYQVGGRTWLRAGAGIIEESEPEREFEETCEKLSTLTPYLVARQ
;
_entity_poly.pdbx_strand_id   A,B,C,D
#
loop_
_chem_comp.id
_chem_comp.type
_chem_comp.name
_chem_comp.formula
GOL non-polymer GLYCEROL 'C3 H8 O3'
IMD non-polymer IMIDAZOLE 'C3 H5 N2 1'
PYR non-polymer 'PYRUVIC ACID' 'C3 H4 O3'
#
# COMPACT_ATOMS: atom_id res chain seq x y z
N SER A 15 18.90 -15.09 -9.79
CA SER A 15 19.95 -14.15 -10.26
C SER A 15 21.34 -14.74 -10.06
N SER A 16 21.70 -14.98 -8.80
CA SER A 16 23.01 -15.54 -8.48
C SER A 16 22.87 -16.99 -8.02
N SER A 17 23.88 -17.81 -8.31
CA SER A 17 23.83 -19.22 -7.93
C SER A 17 25.13 -19.75 -7.33
N ILE A 18 24.99 -20.80 -6.53
CA ILE A 18 26.13 -21.44 -5.87
C ILE A 18 25.93 -22.95 -5.95
N PRO A 19 26.86 -23.66 -6.60
CA PRO A 19 26.73 -25.11 -6.70
C PRO A 19 26.68 -25.78 -5.33
N MET A 20 25.78 -26.73 -5.14
CA MET A 20 25.69 -27.43 -3.85
C MET A 20 26.84 -28.47 -3.83
N PRO A 21 27.81 -28.32 -2.89
CA PRO A 21 29.01 -29.16 -2.67
C PRO A 21 28.79 -30.64 -2.48
N ALA A 22 29.87 -31.40 -2.65
CA ALA A 22 29.92 -32.86 -2.49
C ALA A 22 28.92 -33.42 -1.47
N GLY A 23 29.29 -33.40 -0.19
CA GLY A 23 28.40 -33.93 0.84
C GLY A 23 27.26 -32.94 0.99
N VAL A 24 27.44 -31.99 1.90
CA VAL A 24 26.45 -30.95 2.18
C VAL A 24 25.05 -31.30 1.70
N ASN A 25 24.24 -31.84 2.60
CA ASN A 25 22.86 -32.20 2.28
C ASN A 25 22.06 -30.91 2.14
N PRO A 26 21.19 -30.81 1.12
CA PRO A 26 20.39 -29.60 0.89
C PRO A 26 19.53 -29.23 2.11
N ALA A 27 18.93 -30.24 2.73
CA ALA A 27 18.08 -30.02 3.89
C ALA A 27 18.87 -29.37 5.02
N ASP A 28 20.08 -29.84 5.24
CA ASP A 28 20.91 -29.29 6.30
C ASP A 28 21.30 -27.85 6.02
N LEU A 29 21.68 -27.56 4.78
CA LEU A 29 22.06 -26.21 4.43
C LEU A 29 20.85 -25.28 4.49
N ALA A 30 19.73 -25.72 3.94
CA ALA A 30 18.50 -24.92 3.92
C ALA A 30 18.02 -24.57 5.32
N ALA A 31 18.10 -25.53 6.24
CA ALA A 31 17.64 -25.30 7.61
C ALA A 31 18.57 -24.36 8.37
N GLU A 32 19.83 -24.28 7.95
CA GLU A 32 20.80 -23.42 8.63
C GLU A 32 20.92 -22.03 8.01
N LEU A 33 20.41 -21.88 6.79
CA LEU A 33 20.48 -20.59 6.07
C LEU A 33 19.87 -19.40 6.82
N ALA A 34 18.72 -19.61 7.43
CA ALA A 34 18.03 -18.54 8.15
C ALA A 34 18.95 -17.76 9.08
N ALA A 35 19.68 -18.49 9.91
CA ALA A 35 20.59 -17.88 10.88
C ALA A 35 21.62 -16.93 10.27
N VAL A 36 22.09 -17.25 9.07
CA VAL A 36 23.11 -16.42 8.44
C VAL A 36 22.63 -15.32 7.47
N VAL A 37 21.44 -15.50 6.89
CA VAL A 37 20.92 -14.49 5.96
C VAL A 37 20.01 -13.53 6.70
N THR A 38 19.49 -13.99 7.83
CA THR A 38 18.61 -13.19 8.68
C THR A 38 19.30 -11.91 9.13
N GLU A 39 18.89 -10.78 8.55
CA GLU A 39 19.44 -9.49 8.96
C GLU A 39 19.00 -9.29 10.41
N SER A 40 19.93 -9.51 11.33
CA SER A 40 19.68 -9.37 12.77
C SER A 40 18.55 -10.20 13.40
N VAL A 41 18.65 -10.35 14.71
CA VAL A 41 17.65 -11.04 15.53
C VAL A 41 17.20 -12.46 15.22
N ASP A 42 15.98 -12.72 15.69
CA ASP A 42 15.23 -13.95 15.52
C ASP A 42 14.23 -13.51 14.47
N GLU A 43 14.75 -13.02 13.34
CA GLU A 43 13.92 -12.54 12.24
C GLU A 43 13.08 -13.70 11.76
N ASP A 44 11.79 -13.44 11.55
CA ASP A 44 10.90 -14.49 11.11
C ASP A 44 11.30 -15.03 9.74
N TYR A 45 10.86 -16.24 9.46
CA TYR A 45 11.18 -16.89 8.21
C TYR A 45 10.32 -18.13 8.07
N LEU A 46 10.27 -18.68 6.86
CA LEU A 46 9.53 -19.90 6.60
C LEU A 46 10.30 -20.64 5.52
N LEU A 47 10.64 -21.89 5.80
CA LEU A 47 11.34 -22.75 4.87
C LEU A 47 10.31 -23.76 4.39
N TYR A 48 10.12 -23.84 3.08
CA TYR A 48 9.12 -24.74 2.52
C TYR A 48 9.78 -25.69 1.52
N GLU A 49 9.58 -26.98 1.71
CA GLU A 49 10.15 -27.97 0.80
C GLU A 49 9.09 -28.60 -0.10
N CYS A 50 9.41 -28.66 -1.38
CA CYS A 50 8.53 -29.29 -2.36
C CYS A 50 9.32 -30.40 -3.04
N ASP A 51 9.20 -31.61 -2.48
CA ASP A 51 9.87 -32.79 -3.01
C ASP A 51 11.35 -32.60 -3.39
N GLY A 52 12.17 -32.20 -2.43
CA GLY A 52 13.58 -32.02 -2.71
C GLY A 52 13.96 -30.63 -3.19
N GLN A 53 12.98 -29.73 -3.24
CA GLN A 53 13.23 -28.36 -3.66
C GLN A 53 12.83 -27.46 -2.49
N TRP A 54 13.80 -26.79 -1.89
CA TRP A 54 13.55 -25.92 -0.75
C TRP A 54 13.52 -24.44 -1.11
N VAL A 55 12.61 -23.71 -0.47
CA VAL A 55 12.55 -22.27 -0.69
C VAL A 55 12.50 -21.62 0.68
N LEU A 56 13.46 -20.75 0.93
CA LEU A 56 13.53 -20.05 2.20
C LEU A 56 13.02 -18.63 2.00
N ALA A 57 11.98 -18.28 2.76
CA ALA A 57 11.41 -16.95 2.70
C ALA A 57 11.87 -16.33 4.02
N ALA A 58 12.96 -15.57 3.96
CA ALA A 58 13.53 -14.95 5.15
C ALA A 58 13.18 -13.48 5.30
N GLY A 59 12.79 -13.10 6.51
CA GLY A 59 12.44 -11.72 6.78
C GLY A 59 11.02 -11.39 6.35
N VAL A 60 10.39 -10.46 7.06
CA VAL A 60 9.02 -10.07 6.73
C VAL A 60 8.97 -8.66 6.18
N GLN A 61 8.58 -8.54 4.93
CA GLN A 61 8.45 -7.24 4.30
C GLN A 61 7.08 -6.70 4.70
N ALA A 62 6.08 -7.54 4.51
CA ALA A 62 4.70 -7.23 4.85
C ALA A 62 4.02 -8.51 5.32
N MET A 63 3.28 -8.41 6.42
CA MET A 63 2.60 -9.56 6.98
C MET A 63 1.10 -9.31 7.04
N VAL A 64 0.33 -10.29 6.58
CA VAL A 64 -1.13 -10.22 6.61
C VAL A 64 -1.60 -11.17 7.70
N GLU A 65 -2.34 -10.64 8.66
CA GLU A 65 -2.84 -11.46 9.75
C GLU A 65 -4.36 -11.46 9.72
N LEU A 66 -4.94 -12.62 9.43
CA LEU A 66 -6.38 -12.73 9.40
C LEU A 66 -6.83 -13.46 10.64
N ASP A 67 -7.62 -12.77 11.48
CA ASP A 67 -8.15 -13.37 12.70
C ASP A 67 -9.65 -13.49 12.50
N SER A 68 -10.32 -14.17 13.43
CA SER A 68 -11.75 -14.36 13.35
C SER A 68 -12.51 -13.05 13.41
N ASP A 69 -11.92 -12.03 14.03
CA ASP A 69 -12.58 -10.75 14.19
C ASP A 69 -11.84 -9.54 13.62
N GLU A 70 -10.75 -9.78 12.90
CA GLU A 70 -10.00 -8.65 12.36
C GLU A 70 -9.00 -9.04 11.29
N LEU A 71 -8.65 -8.07 10.45
CA LEU A 71 -7.67 -8.28 9.39
C LEU A 71 -6.62 -7.18 9.53
N ARG A 72 -5.37 -7.59 9.76
CA ARG A 72 -4.30 -6.62 9.93
C ARG A 72 -3.21 -6.80 8.88
N VAL A 73 -2.58 -5.69 8.51
CA VAL A 73 -1.48 -5.72 7.56
C VAL A 73 -0.37 -4.98 8.30
N ILE A 74 0.70 -5.71 8.60
CA ILE A 74 1.81 -5.14 9.34
C ILE A 74 3.05 -4.96 8.47
N ARG A 75 3.56 -3.74 8.44
CA ARG A 75 4.74 -3.42 7.66
C ARG A 75 5.68 -2.57 8.52
N ASP A 76 6.89 -3.08 8.73
CA ASP A 76 7.90 -2.38 9.53
C ASP A 76 7.37 -1.82 10.86
N GLY A 77 6.72 -2.66 11.65
CA GLY A 77 6.20 -2.21 12.93
C GLY A 77 4.95 -1.36 12.85
N VAL A 78 4.50 -1.05 11.63
CA VAL A 78 3.30 -0.25 11.45
C VAL A 78 2.13 -1.15 11.08
N THR A 79 1.08 -1.10 11.88
CA THR A 79 -0.09 -1.93 11.65
C THR A 79 -1.28 -1.18 11.06
N ARG A 80 -2.08 -1.88 10.28
CA ARG A 80 -3.28 -1.32 9.66
C ARG A 80 -4.40 -2.29 10.00
N ARG A 81 -5.21 -1.91 10.99
CA ARG A 81 -6.33 -2.75 11.43
C ARG A 81 -7.64 -2.42 10.71
N GLN A 82 -8.45 -3.44 10.48
CA GLN A 82 -9.73 -3.25 9.81
C GLN A 82 -10.61 -4.48 9.94
N GLN A 83 -11.92 -4.25 9.90
CA GLN A 83 -12.87 -5.34 9.99
C GLN A 83 -13.03 -5.94 8.60
N TRP A 84 -13.33 -7.23 8.54
CA TRP A 84 -13.55 -7.89 7.27
C TRP A 84 -14.89 -8.62 7.37
N SER A 85 -15.49 -8.94 6.24
CA SER A 85 -16.77 -9.63 6.23
C SER A 85 -16.85 -10.59 5.06
N GLY A 86 -17.86 -11.44 5.06
CA GLY A 86 -18.01 -12.40 3.99
C GLY A 86 -17.26 -13.68 4.31
N ARG A 87 -16.86 -14.41 3.27
CA ARG A 87 -16.15 -15.66 3.47
C ARG A 87 -14.66 -15.40 3.70
N PRO A 88 -14.04 -16.16 4.61
CA PRO A 88 -12.62 -15.96 4.89
C PRO A 88 -11.73 -16.12 3.65
N GLY A 89 -12.12 -17.00 2.75
CA GLY A 89 -11.35 -17.21 1.54
C GLY A 89 -11.33 -15.95 0.68
N ALA A 90 -12.45 -15.24 0.67
CA ALA A 90 -12.55 -14.01 -0.09
C ALA A 90 -11.68 -12.93 0.54
N ALA A 91 -11.83 -12.77 1.85
CA ALA A 91 -11.06 -11.78 2.60
C ALA A 91 -9.56 -12.03 2.49
N LEU A 92 -9.16 -13.28 2.68
CA LEU A 92 -7.75 -13.64 2.60
C LEU A 92 -7.24 -13.46 1.17
N GLY A 93 -8.04 -13.90 0.20
CA GLY A 93 -7.66 -13.78 -1.19
C GLY A 93 -7.38 -12.35 -1.62
N GLU A 94 -8.25 -11.44 -1.19
CA GLU A 94 -8.10 -10.03 -1.52
C GLU A 94 -6.81 -9.46 -0.93
N ALA A 95 -6.51 -9.84 0.32
CA ALA A 95 -5.31 -9.35 0.99
C ALA A 95 -4.04 -9.91 0.38
N VAL A 96 -4.03 -11.21 0.11
CA VAL A 96 -2.86 -11.85 -0.48
C VAL A 96 -2.65 -11.36 -1.92
N ASP A 97 -3.74 -11.19 -2.66
CA ASP A 97 -3.60 -10.71 -4.04
C ASP A 97 -2.88 -9.36 -4.04
N ARG A 98 -3.13 -8.53 -3.03
CA ARG A 98 -2.48 -7.23 -2.95
C ARG A 98 -1.01 -7.41 -2.54
N LEU A 99 -0.74 -8.38 -1.67
CA LEU A 99 0.62 -8.66 -1.24
C LEU A 99 1.45 -9.08 -2.44
N LEU A 100 0.88 -9.93 -3.28
CA LEU A 100 1.59 -10.43 -4.45
C LEU A 100 1.81 -9.40 -5.55
N LEU A 101 1.42 -8.15 -5.29
CA LEU A 101 1.64 -7.09 -6.26
C LEU A 101 3.05 -6.58 -6.00
N GLU A 102 3.58 -6.90 -4.82
CA GLU A 102 4.92 -6.46 -4.44
C GLU A 102 5.95 -7.58 -4.33
N THR A 103 5.52 -8.82 -4.52
CA THR A 103 6.44 -9.96 -4.43
C THR A 103 5.97 -11.08 -5.35
N ASP A 104 6.91 -11.90 -5.82
CA ASP A 104 6.57 -13.01 -6.70
C ASP A 104 5.98 -14.19 -5.93
N GLN A 105 6.28 -14.27 -4.64
CA GLN A 105 5.76 -15.37 -3.81
C GLN A 105 5.48 -14.96 -2.38
N ALA A 106 4.42 -15.54 -1.79
CA ALA A 106 4.04 -15.27 -0.41
C ALA A 106 3.97 -16.60 0.31
N PHE A 107 4.23 -16.58 1.61
CA PHE A 107 4.23 -17.81 2.39
C PHE A 107 3.50 -17.64 3.71
N GLY A 108 3.11 -18.76 4.30
CA GLY A 108 2.43 -18.67 5.57
C GLY A 108 1.71 -19.94 5.94
N TRP A 109 0.71 -19.80 6.80
CA TRP A 109 -0.05 -20.95 7.23
C TRP A 109 -1.51 -20.58 7.38
N VAL A 110 -2.36 -21.60 7.29
CA VAL A 110 -3.79 -21.43 7.40
C VAL A 110 -4.24 -22.35 8.50
N ALA A 111 -4.99 -21.81 9.45
CA ALA A 111 -5.48 -22.56 10.58
C ALA A 111 -6.68 -23.43 10.27
N PHE A 112 -6.83 -24.49 11.05
CA PHE A 112 -7.95 -25.40 10.93
C PHE A 112 -9.24 -24.55 10.97
N GLU A 113 -9.24 -23.56 11.86
CA GLU A 113 -10.39 -22.67 12.05
C GLU A 113 -10.80 -21.90 10.79
N PHE A 114 -9.92 -21.84 9.81
CA PHE A 114 -10.22 -21.15 8.55
C PHE A 114 -11.40 -21.84 7.83
N GLY A 115 -11.60 -23.13 8.09
CA GLY A 115 -12.67 -23.84 7.42
C GLY A 115 -13.98 -24.04 8.17
N VAL A 116 -14.20 -23.27 9.23
CA VAL A 116 -15.44 -23.44 10.00
C VAL A 116 -16.57 -22.53 9.54
N HIS A 117 -16.23 -21.38 8.96
CA HIS A 117 -17.23 -20.43 8.48
C HIS A 117 -18.22 -21.05 7.51
N ARG A 118 -17.72 -21.90 6.61
CA ARG A 118 -18.58 -22.55 5.62
C ARG A 118 -19.66 -23.43 6.24
N TYR A 119 -19.53 -23.71 7.54
CA TYR A 119 -20.52 -24.54 8.21
C TYR A 119 -21.32 -23.75 9.25
N GLY A 120 -21.16 -22.43 9.22
CA GLY A 120 -21.86 -21.56 10.15
C GLY A 120 -21.44 -21.74 11.60
N LEU A 121 -20.19 -22.13 11.82
CA LEU A 121 -19.69 -22.36 13.16
C LEU A 121 -18.71 -21.30 13.64
N GLN A 122 -18.46 -20.26 12.82
CA GLN A 122 -17.50 -19.25 13.21
C GLN A 122 -17.86 -18.52 14.50
N GLN A 123 -19.13 -18.52 14.86
CA GLN A 123 -19.57 -17.86 16.08
C GLN A 123 -18.99 -18.58 17.31
N ARG A 124 -18.54 -19.81 17.11
CA ARG A 124 -17.98 -20.59 18.22
C ARG A 124 -16.51 -20.30 18.46
N LEU A 125 -15.90 -19.52 17.57
CA LEU A 125 -14.49 -19.15 17.71
C LEU A 125 -14.36 -18.03 18.73
N ALA A 126 -13.37 -18.14 19.61
CA ALA A 126 -13.15 -17.10 20.60
C ALA A 126 -12.58 -15.91 19.86
N PRO A 127 -12.64 -14.71 20.46
CA PRO A 127 -12.11 -13.54 19.75
C PRO A 127 -10.61 -13.70 19.54
N HIS A 128 -10.10 -13.07 18.50
CA HIS A 128 -8.68 -13.11 18.17
C HIS A 128 -8.19 -14.49 17.76
N THR A 129 -9.09 -15.35 17.29
CA THR A 129 -8.66 -16.66 16.83
C THR A 129 -7.97 -16.49 15.48
N PRO A 130 -6.70 -16.90 15.37
CA PRO A 130 -6.05 -16.73 14.06
C PRO A 130 -6.64 -17.66 13.01
N LEU A 131 -6.76 -17.16 11.78
CA LEU A 131 -7.28 -17.97 10.69
C LEU A 131 -6.19 -18.19 9.64
N ALA A 132 -5.35 -17.17 9.46
CA ALA A 132 -4.27 -17.26 8.50
C ALA A 132 -3.20 -16.21 8.77
N ARG A 133 -1.98 -16.53 8.35
CA ARG A 133 -0.84 -15.64 8.49
C ARG A 133 -0.07 -15.85 7.20
N VAL A 134 0.00 -14.79 6.39
CA VAL A 134 0.71 -14.85 5.11
C VAL A 134 1.58 -13.63 4.98
N PHE A 135 2.81 -13.84 4.48
CA PHE A 135 3.72 -12.71 4.35
C PHE A 135 4.56 -12.68 3.08
N SER A 136 4.99 -11.48 2.73
CA SER A 136 5.87 -11.28 1.59
C SER A 136 7.23 -11.23 2.28
N PRO A 137 8.19 -12.04 1.82
CA PRO A 137 9.53 -12.09 2.42
C PRO A 137 10.43 -10.95 1.97
N ARG A 138 11.47 -10.68 2.75
CA ARG A 138 12.43 -9.64 2.39
C ARG A 138 13.40 -10.25 1.38
N THR A 139 13.63 -11.56 1.50
CA THR A 139 14.52 -12.27 0.58
C THR A 139 14.09 -13.72 0.42
N ARG A 140 14.37 -14.27 -0.76
CA ARG A 140 14.03 -15.65 -1.06
C ARG A 140 15.25 -16.37 -1.59
N ILE A 141 15.49 -17.56 -1.03
CA ILE A 141 16.62 -18.37 -1.44
C ILE A 141 16.11 -19.77 -1.73
N MET A 142 16.49 -20.30 -2.89
CA MET A 142 16.07 -21.65 -3.27
C MET A 142 17.24 -22.60 -3.10
N VAL A 143 16.95 -23.79 -2.59
CA VAL A 143 18.00 -24.78 -2.36
C VAL A 143 17.60 -26.16 -2.87
N SER A 144 18.49 -26.76 -3.66
CA SER A 144 18.25 -28.09 -4.20
C SER A 144 19.55 -28.88 -4.11
N GLU A 145 19.50 -30.15 -4.47
CA GLU A 145 20.69 -30.99 -4.43
C GLU A 145 21.70 -30.44 -5.43
N LYS A 146 21.21 -29.68 -6.40
CA LYS A 146 22.05 -29.10 -7.44
C LYS A 146 22.68 -27.76 -7.08
N GLU A 147 21.90 -26.85 -6.52
CA GLU A 147 22.45 -25.53 -6.20
C GLU A 147 21.64 -24.65 -5.26
N ILE A 148 22.24 -23.51 -4.91
CA ILE A 148 21.63 -22.51 -4.05
C ILE A 148 21.42 -21.29 -4.95
N ARG A 149 20.19 -20.81 -5.04
CA ARG A 149 19.90 -19.64 -5.88
C ARG A 149 19.44 -18.43 -5.08
N LEU A 150 20.10 -17.30 -5.29
CA LEU A 150 19.77 -16.05 -4.61
C LEU A 150 19.06 -15.13 -5.60
N PHE A 151 18.16 -14.29 -5.08
CA PHE A 151 17.39 -13.38 -5.93
C PHE A 151 17.49 -11.89 -5.56
N ASP A 152 17.58 -11.05 -6.60
CA ASP A 152 17.67 -9.61 -6.44
C ASP A 152 18.64 -9.16 -5.33
N ALA A 153 18.16 -8.28 -4.46
CA ALA A 153 18.97 -7.76 -3.36
C ALA A 153 19.53 -8.87 -2.47
N GLY A 154 18.81 -9.99 -2.40
CA GLY A 154 19.26 -11.11 -1.58
C GLY A 154 20.63 -11.59 -2.01
N ILE A 155 21.06 -11.18 -3.20
CA ILE A 155 22.36 -11.58 -3.74
C ILE A 155 23.50 -11.11 -2.83
N ARG A 156 23.22 -10.17 -1.94
CA ARG A 156 24.25 -9.65 -1.04
C ARG A 156 24.49 -10.59 0.15
N HIS A 157 23.78 -11.70 0.19
CA HIS A 157 23.95 -12.68 1.25
C HIS A 157 24.93 -13.74 0.76
N ARG A 158 25.47 -13.49 -0.43
CA ARG A 158 26.43 -14.40 -1.05
C ARG A 158 27.62 -14.67 -0.13
N GLU A 159 28.18 -13.60 0.43
CA GLU A 159 29.33 -13.74 1.32
C GLU A 159 29.01 -14.58 2.55
N ALA A 160 27.87 -14.31 3.18
CA ALA A 160 27.47 -15.05 4.38
C ALA A 160 27.25 -16.53 4.07
N ILE A 161 26.61 -16.82 2.95
CA ILE A 161 26.36 -18.20 2.56
C ILE A 161 27.66 -18.93 2.24
N ASP A 162 28.56 -18.25 1.54
CA ASP A 162 29.85 -18.84 1.19
C ASP A 162 30.64 -19.08 2.48
N ARG A 163 30.43 -18.20 3.46
CA ARG A 163 31.09 -18.31 4.75
C ARG A 163 30.63 -19.58 5.45
N LEU A 164 29.31 -19.79 5.44
CA LEU A 164 28.72 -20.97 6.07
C LEU A 164 29.23 -22.26 5.46
N LEU A 165 29.28 -22.30 4.12
CA LEU A 165 29.75 -23.48 3.41
C LEU A 165 31.24 -23.72 3.71
N ALA A 166 31.98 -22.65 3.95
CA ALA A 166 33.39 -22.75 4.24
C ALA A 166 33.64 -23.39 5.61
N THR A 167 32.90 -22.94 6.61
CA THR A 167 33.06 -23.47 7.97
C THR A 167 32.25 -24.74 8.18
N GLY A 168 31.20 -24.91 7.39
CA GLY A 168 30.35 -26.09 7.52
C GLY A 168 29.21 -25.82 8.49
N VAL A 169 28.08 -26.48 8.26
CA VAL A 169 26.90 -26.33 9.10
C VAL A 169 27.05 -27.02 10.45
N ARG A 170 26.38 -26.49 11.47
CA ARG A 170 26.42 -27.06 12.81
C ARG A 170 26.13 -28.55 12.71
N GLU A 171 26.78 -29.37 13.53
CA GLU A 171 26.48 -30.79 13.47
C GLU A 171 25.26 -31.05 14.35
N VAL A 172 24.60 -32.17 14.11
CA VAL A 172 23.41 -32.55 14.84
C VAL A 172 23.70 -33.50 15.99
N PRO A 173 23.51 -33.02 17.23
CA PRO A 173 23.77 -33.86 18.41
C PRO A 173 22.68 -34.92 18.60
N GLN A 174 22.86 -35.78 19.60
CA GLN A 174 21.87 -36.81 19.88
C GLN A 174 20.57 -36.18 20.32
N SER A 175 19.47 -36.85 20.03
CA SER A 175 18.15 -36.37 20.39
C SER A 175 17.84 -36.76 21.84
N ARG A 176 16.78 -36.18 22.40
CA ARG A 176 16.35 -36.48 23.76
C ARG A 176 14.96 -37.09 23.69
N SER A 177 14.78 -38.23 24.35
CA SER A 177 13.49 -38.92 24.31
C SER A 177 12.38 -38.21 25.08
N VAL A 178 11.14 -38.54 24.72
CA VAL A 178 9.95 -37.97 25.35
C VAL A 178 8.90 -39.06 25.50
N ASP A 179 8.16 -39.03 26.60
CA ASP A 179 7.13 -40.03 26.84
C ASP A 179 5.80 -39.60 26.22
N VAL A 180 5.19 -40.50 25.46
CA VAL A 180 3.91 -40.21 24.82
C VAL A 180 2.81 -41.11 25.36
N SER A 181 3.09 -41.82 26.46
CA SER A 181 2.12 -42.74 27.04
C SER A 181 1.09 -42.13 27.98
N ASP A 182 1.37 -40.94 28.51
CA ASP A 182 0.42 -40.28 29.41
C ASP A 182 -0.76 -39.77 28.60
N ASP A 183 -1.92 -39.66 29.23
CA ASP A 183 -3.13 -39.18 28.55
C ASP A 183 -3.88 -38.15 29.40
N PRO A 184 -3.21 -37.01 29.68
CA PRO A 184 -3.78 -35.92 30.48
C PRO A 184 -5.06 -35.28 29.91
N SER A 185 -5.25 -35.35 28.61
CA SER A 185 -6.44 -34.76 27.98
C SER A 185 -7.60 -35.76 27.85
N GLY A 186 -7.39 -36.97 28.38
CA GLY A 186 -8.44 -37.97 28.32
C GLY A 186 -8.84 -38.38 26.91
N PHE A 187 -7.86 -38.54 26.04
CA PHE A 187 -8.11 -38.95 24.66
C PHE A 187 -9.02 -40.18 24.61
N ARG A 188 -8.67 -41.20 25.37
CA ARG A 188 -9.45 -42.43 25.40
C ARG A 188 -10.92 -42.18 25.73
N ARG A 189 -11.18 -41.33 26.72
CA ARG A 189 -12.56 -41.03 27.11
C ARG A 189 -13.29 -40.24 26.04
N ARG A 190 -12.58 -39.32 25.38
CA ARG A 190 -13.19 -38.53 24.33
C ARG A 190 -13.53 -39.39 23.12
N VAL A 191 -12.71 -40.41 22.87
CA VAL A 191 -12.99 -41.32 21.76
C VAL A 191 -14.24 -42.14 22.10
N ALA A 192 -14.39 -42.52 23.36
CA ALA A 192 -15.55 -43.29 23.77
C ALA A 192 -16.81 -42.47 23.53
N VAL A 193 -16.73 -41.17 23.81
CA VAL A 193 -17.87 -40.28 23.62
C VAL A 193 -18.23 -40.19 22.15
N ALA A 194 -17.22 -40.09 21.29
CA ALA A 194 -17.45 -39.99 19.85
C ALA A 194 -18.10 -41.27 19.33
N VAL A 195 -17.57 -42.42 19.73
CA VAL A 195 -18.12 -43.70 19.28
C VAL A 195 -19.60 -43.76 19.63
N ASP A 196 -19.96 -43.27 20.81
CA ASP A 196 -21.36 -43.27 21.23
C ASP A 196 -22.21 -42.40 20.31
N GLU A 197 -21.70 -41.22 19.97
CA GLU A 197 -22.43 -40.31 19.09
C GLU A 197 -22.58 -40.93 17.70
N ILE A 198 -21.54 -41.60 17.24
CA ILE A 198 -21.59 -42.25 15.92
C ILE A 198 -22.60 -43.40 15.96
N ALA A 199 -22.62 -44.13 17.06
CA ALA A 199 -23.56 -45.24 17.22
C ALA A 199 -24.98 -44.69 17.21
N ALA A 200 -25.12 -43.44 17.65
CA ALA A 200 -26.42 -42.78 17.69
C ALA A 200 -26.79 -42.21 16.33
N GLY A 201 -25.83 -42.23 15.40
CA GLY A 201 -26.08 -41.75 14.05
C GLY A 201 -25.87 -40.27 13.79
N ARG A 202 -25.24 -39.57 14.73
CA ARG A 202 -24.99 -38.14 14.56
C ARG A 202 -24.02 -37.84 13.42
N TYR A 203 -23.11 -38.78 13.16
CA TYR A 203 -22.14 -38.65 12.07
C TYR A 203 -21.44 -39.99 11.85
N HIS A 204 -20.71 -40.08 10.75
CA HIS A 204 -20.02 -41.31 10.37
C HIS A 204 -18.60 -41.45 10.91
N LYS A 205 -17.87 -40.35 10.93
CA LYS A 205 -16.49 -40.36 11.41
C LYS A 205 -16.03 -38.99 11.86
N VAL A 206 -15.12 -38.98 12.82
CA VAL A 206 -14.56 -37.72 13.31
C VAL A 206 -13.12 -37.97 13.72
N ILE A 207 -12.25 -37.03 13.38
CA ILE A 207 -10.85 -37.16 13.75
C ILE A 207 -10.63 -36.40 15.06
N LEU A 208 -10.23 -37.13 16.09
CA LEU A 208 -9.94 -36.53 17.39
C LEU A 208 -8.44 -36.63 17.62
N SER A 209 -7.89 -35.74 18.42
CA SER A 209 -6.46 -35.75 18.66
C SER A 209 -6.08 -35.44 20.10
N ARG A 210 -4.79 -35.54 20.40
CA ARG A 210 -4.27 -35.24 21.71
C ARG A 210 -2.89 -34.60 21.57
N CYS A 211 -2.56 -33.71 22.50
CA CYS A 211 -1.27 -33.06 22.49
C CYS A 211 -0.32 -33.76 23.44
N VAL A 212 0.97 -33.75 23.11
CA VAL A 212 1.99 -34.34 23.96
C VAL A 212 2.98 -33.23 24.21
N GLU A 213 3.11 -32.84 25.47
CA GLU A 213 4.03 -31.76 25.82
C GLU A 213 5.48 -32.23 25.84
N VAL A 214 6.37 -31.44 25.24
CA VAL A 214 7.79 -31.75 25.25
C VAL A 214 8.32 -30.94 26.42
N PRO A 215 8.82 -31.61 27.47
CA PRO A 215 9.35 -30.99 28.69
C PRO A 215 10.72 -30.32 28.61
N PHE A 216 11.08 -29.82 27.44
CA PHE A 216 12.35 -29.15 27.25
C PHE A 216 12.32 -28.40 25.93
N ALA A 217 13.03 -27.28 25.87
CA ALA A 217 13.06 -26.49 24.65
C ALA A 217 13.85 -27.27 23.61
N ILE A 218 13.41 -27.23 22.36
CA ILE A 218 14.13 -27.94 21.31
C ILE A 218 14.68 -26.94 20.30
N ASP A 219 15.72 -27.36 19.59
CA ASP A 219 16.32 -26.53 18.56
C ASP A 219 15.56 -26.92 17.30
N PHE A 220 14.70 -26.04 16.81
CA PHE A 220 13.91 -26.37 15.63
C PHE A 220 14.71 -26.70 14.38
N PRO A 221 15.70 -25.86 14.02
CA PRO A 221 16.46 -26.19 12.82
C PRO A 221 17.16 -27.55 12.94
N LEU A 222 17.73 -27.85 14.11
CA LEU A 222 18.41 -29.12 14.31
C LEU A 222 17.43 -30.29 14.29
N THR A 223 16.30 -30.10 14.95
CA THR A 223 15.28 -31.15 14.99
C THR A 223 14.76 -31.38 13.58
N TYR A 224 14.50 -30.30 12.85
CA TYR A 224 14.01 -30.44 11.48
C TYR A 224 14.99 -31.26 10.65
N ARG A 225 16.27 -30.93 10.76
CA ARG A 225 17.31 -31.65 10.01
C ARG A 225 17.38 -33.13 10.36
N LEU A 226 17.34 -33.43 11.66
CA LEU A 226 17.40 -34.82 12.09
C LEU A 226 16.19 -35.58 11.57
N GLY A 227 15.01 -34.98 11.73
CA GLY A 227 13.79 -35.62 11.29
C GLY A 227 13.74 -35.81 9.78
N ARG A 228 14.33 -34.86 9.05
CA ARG A 228 14.33 -34.94 7.60
C ARG A 228 15.24 -36.05 7.06
N ARG A 229 16.08 -36.62 7.93
CA ARG A 229 16.95 -37.71 7.50
C ARG A 229 16.28 -39.05 7.72
N HIS A 230 15.07 -39.01 8.28
CA HIS A 230 14.31 -40.22 8.56
C HIS A 230 12.90 -40.14 7.97
N ASN A 231 12.53 -38.95 7.50
CA ASN A 231 11.23 -38.73 6.87
C ASN A 231 11.53 -38.08 5.52
N THR A 232 10.85 -38.56 4.47
CA THR A 232 11.06 -38.02 3.13
C THR A 232 9.71 -37.69 2.48
N PRO A 233 8.94 -36.78 3.09
CA PRO A 233 7.62 -36.37 2.60
C PRO A 233 7.69 -35.52 1.35
N VAL A 234 6.59 -35.45 0.60
CA VAL A 234 6.57 -34.63 -0.60
C VAL A 234 6.65 -33.16 -0.24
N ARG A 235 6.25 -32.83 1.00
CA ARG A 235 6.29 -31.46 1.49
C ARG A 235 6.76 -31.47 2.93
N SER A 236 7.51 -30.43 3.30
CA SER A 236 7.98 -30.29 4.68
C SER A 236 8.20 -28.82 4.95
N PHE A 237 8.32 -28.46 6.22
CA PHE A 237 8.49 -27.06 6.55
C PHE A 237 9.17 -26.84 7.90
N LEU A 238 9.67 -25.62 8.07
CA LEU A 238 10.35 -25.18 9.27
C LEU A 238 10.09 -23.69 9.27
N LEU A 239 9.55 -23.17 10.37
CA LEU A 239 9.26 -21.75 10.41
C LEU A 239 9.35 -21.11 11.77
N GLN A 240 9.50 -19.78 11.75
CA GLN A 240 9.51 -18.95 12.93
C GLN A 240 8.72 -17.75 12.46
N LEU A 241 7.48 -17.66 12.89
CA LEU A 241 6.61 -16.58 12.46
C LEU A 241 5.68 -16.08 13.55
N GLY A 242 5.79 -14.79 13.86
CA GLY A 242 4.94 -14.19 14.87
C GLY A 242 4.85 -14.92 16.21
N GLY A 243 5.99 -15.27 16.78
CA GLY A 243 5.99 -15.95 18.06
C GLY A 243 5.78 -17.45 18.00
N ILE A 244 5.62 -17.99 16.80
CA ILE A 244 5.42 -19.43 16.67
C ILE A 244 6.60 -20.09 15.97
N ARG A 245 7.07 -21.19 16.54
CA ARG A 245 8.14 -21.97 15.89
C ARG A 245 7.42 -23.26 15.54
N ALA A 246 7.68 -23.79 14.36
CA ALA A 246 7.04 -25.04 13.97
C ALA A 246 7.81 -25.72 12.86
N LEU A 247 7.72 -27.04 12.84
CA LEU A 247 8.37 -27.84 11.81
C LEU A 247 7.46 -29.01 11.55
N GLY A 248 7.51 -29.56 10.35
CA GLY A 248 6.65 -30.68 10.04
C GLY A 248 6.97 -31.37 8.74
N TYR A 249 6.49 -32.60 8.64
CA TYR A 249 6.67 -33.45 7.46
C TYR A 249 5.25 -33.78 7.01
N SER A 250 4.89 -33.29 5.83
CA SER A 250 3.54 -33.45 5.31
C SER A 250 3.43 -34.20 3.98
N PRO A 251 2.98 -35.45 4.04
CA PRO A 251 2.84 -36.24 2.81
C PRO A 251 1.53 -35.93 2.08
N GLU A 252 0.61 -35.22 2.74
CA GLU A 252 -0.67 -34.91 2.10
C GLU A 252 -0.85 -33.48 1.61
N LEU A 253 -1.18 -33.36 0.33
CA LEU A 253 -1.45 -32.06 -0.27
C LEU A 253 -2.97 -31.83 -0.17
N VAL A 254 -3.38 -30.83 0.61
CA VAL A 254 -4.81 -30.58 0.72
C VAL A 254 -5.30 -29.85 -0.52
N THR A 255 -4.47 -28.96 -1.06
CA THR A 255 -4.86 -28.21 -2.25
C THR A 255 -3.64 -27.68 -2.99
N ALA A 256 -3.66 -27.81 -4.32
CA ALA A 256 -2.59 -27.30 -5.16
C ALA A 256 -3.29 -26.70 -6.37
N VAL A 257 -3.00 -25.43 -6.66
CA VAL A 257 -3.59 -24.76 -7.81
C VAL A 257 -2.43 -24.30 -8.69
N ARG A 258 -2.47 -24.68 -9.97
CA ARG A 258 -1.42 -24.28 -10.89
C ARG A 258 -1.83 -23.02 -11.64
N ALA A 259 -0.84 -22.30 -12.16
CA ALA A 259 -1.08 -21.06 -12.89
C ALA A 259 -2.05 -21.26 -14.05
N ASP A 260 -2.04 -22.46 -14.64
CA ASP A 260 -2.92 -22.75 -15.76
C ASP A 260 -4.35 -23.08 -15.33
N GLY A 261 -4.61 -23.10 -14.03
CA GLY A 261 -5.96 -23.38 -13.57
C GLY A 261 -6.23 -24.79 -13.08
N VAL A 262 -5.28 -25.70 -13.25
CA VAL A 262 -5.49 -27.06 -12.79
C VAL A 262 -5.45 -27.08 -11.26
N VAL A 263 -6.40 -27.77 -10.64
CA VAL A 263 -6.48 -27.86 -9.19
C VAL A 263 -6.37 -29.32 -8.81
N ILE A 264 -5.61 -29.61 -7.75
CA ILE A 264 -5.44 -30.98 -7.30
C ILE A 264 -5.55 -31.07 -5.79
N THR A 265 -5.99 -32.23 -5.32
CA THR A 265 -6.08 -32.51 -3.90
C THR A 265 -5.74 -33.99 -3.80
N GLU A 266 -5.02 -34.38 -2.76
CA GLU A 266 -4.62 -35.78 -2.63
C GLU A 266 -4.92 -36.40 -1.28
N PRO A 267 -6.17 -36.82 -1.05
CA PRO A 267 -6.49 -37.43 0.23
C PRO A 267 -5.68 -38.70 0.46
N LEU A 268 -5.09 -38.82 1.63
CA LEU A 268 -4.29 -39.99 1.98
C LEU A 268 -5.18 -40.99 2.70
N ALA A 269 -5.12 -42.26 2.30
CA ALA A 269 -5.94 -43.31 2.88
C ALA A 269 -5.34 -43.97 4.12
N GLY A 270 -4.03 -44.19 4.09
CA GLY A 270 -3.37 -44.84 5.21
C GLY A 270 -1.88 -44.93 4.98
N THR A 271 -1.15 -45.29 6.03
CA THR A 271 0.29 -45.39 5.97
C THR A 271 0.79 -46.64 6.68
N ARG A 272 1.92 -47.19 6.21
CA ARG A 272 2.53 -48.36 6.83
C ARG A 272 4.04 -48.19 6.75
N ALA A 273 4.76 -48.84 7.64
CA ALA A 273 6.21 -48.73 7.64
C ALA A 273 6.76 -49.36 6.36
N LEU A 274 7.95 -48.94 5.96
CA LEU A 274 8.61 -49.46 4.77
C LEU A 274 10.11 -49.59 5.04
N GLY A 275 10.78 -50.47 4.32
CA GLY A 275 12.21 -50.65 4.49
C GLY A 275 12.60 -51.55 5.64
N ARG A 276 11.74 -52.49 5.99
CA ARG A 276 12.03 -53.42 7.08
C ARG A 276 12.22 -54.83 6.54
N GLY A 277 12.63 -54.92 5.28
CA GLY A 277 12.84 -56.21 4.66
C GLY A 277 11.67 -56.64 3.82
N PRO A 278 11.89 -57.51 2.83
CA PRO A 278 10.85 -58.01 1.93
C PRO A 278 9.58 -58.49 2.62
N ALA A 279 9.66 -59.67 3.24
CA ALA A 279 8.53 -60.29 3.93
C ALA A 279 7.69 -59.31 4.76
N ILE A 280 8.34 -58.54 5.63
CA ILE A 280 7.63 -57.60 6.48
C ILE A 280 6.97 -56.48 5.66
N ASP A 281 7.72 -55.93 4.73
CA ASP A 281 7.23 -54.84 3.88
C ASP A 281 6.04 -55.24 3.00
N ARG A 282 6.11 -56.42 2.39
CA ARG A 282 5.02 -56.87 1.54
C ARG A 282 3.79 -57.18 2.37
N LEU A 283 3.99 -57.67 3.59
CA LEU A 283 2.88 -57.96 4.49
C LEU A 283 2.18 -56.64 4.80
N ALA A 284 2.97 -55.62 5.07
CA ALA A 284 2.46 -54.29 5.38
C ALA A 284 1.72 -53.70 4.18
N ARG A 285 2.28 -53.90 3.00
CA ARG A 285 1.64 -53.38 1.79
C ARG A 285 0.33 -54.09 1.48
N ASP A 286 0.31 -55.41 1.65
CA ASP A 286 -0.89 -56.17 1.37
C ASP A 286 -2.03 -55.71 2.27
N ASP A 287 -1.71 -55.41 3.52
CA ASP A 287 -2.70 -54.94 4.47
C ASP A 287 -3.15 -53.54 4.08
N LEU A 288 -2.20 -52.71 3.66
CA LEU A 288 -2.50 -51.34 3.26
C LEU A 288 -3.44 -51.30 2.06
N GLU A 289 -3.25 -52.23 1.14
CA GLU A 289 -4.09 -52.28 -0.07
C GLU A 289 -5.33 -53.15 0.04
N SER A 290 -5.52 -53.82 1.18
CA SER A 290 -6.68 -54.69 1.35
C SER A 290 -7.48 -54.40 2.61
N ASN A 291 -6.97 -53.51 3.45
CA ASN A 291 -7.64 -53.15 4.69
C ASN A 291 -9.03 -52.56 4.39
N SER A 292 -10.07 -53.34 4.64
CA SER A 292 -11.44 -52.90 4.38
C SER A 292 -11.78 -51.56 5.03
N LYS A 293 -11.37 -51.39 6.28
CA LYS A 293 -11.61 -50.15 7.01
C LYS A 293 -11.01 -48.94 6.29
N GLU A 294 -9.73 -49.01 5.96
CA GLU A 294 -9.09 -47.89 5.29
C GLU A 294 -9.64 -47.69 3.89
N ILE A 295 -9.91 -48.78 3.19
CA ILE A 295 -10.47 -48.71 1.83
C ILE A 295 -11.80 -47.98 1.83
N VAL A 296 -12.72 -48.39 2.71
CA VAL A 296 -14.04 -47.74 2.76
C VAL A 296 -13.95 -46.27 3.10
N GLU A 297 -13.16 -45.94 4.12
CA GLU A 297 -13.02 -44.55 4.53
C GLU A 297 -12.37 -43.72 3.43
N HIS A 298 -11.45 -44.33 2.70
CA HIS A 298 -10.78 -43.61 1.62
C HIS A 298 -11.78 -43.36 0.51
N ALA A 299 -12.59 -44.36 0.18
CA ALA A 299 -13.59 -44.22 -0.86
C ALA A 299 -14.53 -43.07 -0.51
N ILE A 300 -14.95 -43.02 0.75
CA ILE A 300 -15.84 -41.98 1.21
C ILE A 300 -15.14 -40.62 1.14
N SER A 301 -13.86 -40.59 1.49
CA SER A 301 -13.09 -39.34 1.45
C SER A 301 -12.91 -38.88 0.00
N VAL A 302 -12.64 -39.82 -0.89
CA VAL A 302 -12.46 -39.48 -2.30
C VAL A 302 -13.77 -38.93 -2.86
N ARG A 303 -14.89 -39.56 -2.50
CA ARG A 303 -16.19 -39.09 -2.98
C ARG A 303 -16.43 -37.67 -2.46
N SER A 304 -16.08 -37.45 -1.19
CA SER A 304 -16.24 -36.15 -0.58
C SER A 304 -15.41 -35.08 -1.29
N SER A 305 -14.15 -35.40 -1.58
CA SER A 305 -13.28 -34.45 -2.26
C SER A 305 -13.77 -34.13 -3.66
N LEU A 306 -14.31 -35.14 -4.35
CA LEU A 306 -14.83 -34.93 -5.70
C LEU A 306 -16.01 -33.97 -5.68
N GLU A 307 -16.89 -34.16 -4.70
CA GLU A 307 -18.05 -33.30 -4.57
C GLU A 307 -17.63 -31.87 -4.24
N GLU A 308 -16.68 -31.73 -3.33
CA GLU A 308 -16.21 -30.41 -2.94
C GLU A 308 -15.53 -29.68 -4.10
N ILE A 309 -14.63 -30.38 -4.79
CA ILE A 309 -13.92 -29.76 -5.91
C ILE A 309 -14.88 -29.42 -7.06
N THR A 310 -15.93 -30.21 -7.19
CA THR A 310 -16.90 -29.97 -8.26
C THR A 310 -17.59 -28.61 -8.13
N ASP A 311 -17.76 -28.13 -6.89
CA ASP A 311 -18.41 -26.85 -6.66
C ASP A 311 -17.61 -25.62 -7.10
N ILE A 312 -16.35 -25.82 -7.45
CA ILE A 312 -15.50 -24.71 -7.90
C ILE A 312 -14.79 -25.01 -9.21
N ALA A 313 -15.14 -26.12 -9.84
CA ALA A 313 -14.50 -26.51 -11.09
C ALA A 313 -15.35 -26.31 -12.33
N GLU A 314 -14.69 -26.28 -13.48
CA GLU A 314 -15.41 -26.15 -14.75
C GLU A 314 -16.21 -27.45 -14.83
N PRO A 315 -17.47 -27.37 -15.27
CA PRO A 315 -18.30 -28.56 -15.38
C PRO A 315 -17.64 -29.70 -16.17
N GLY A 316 -17.66 -30.90 -15.58
CA GLY A 316 -17.09 -32.06 -16.24
C GLY A 316 -15.57 -32.18 -16.28
N SER A 317 -14.87 -31.35 -15.52
CA SER A 317 -13.41 -31.40 -15.52
C SER A 317 -12.85 -32.17 -14.34
N ALA A 318 -13.69 -32.43 -13.34
CA ALA A 318 -13.25 -33.17 -12.15
C ALA A 318 -13.08 -34.65 -12.43
N ALA A 319 -12.02 -35.24 -11.90
CA ALA A 319 -11.75 -36.66 -12.11
C ALA A 319 -10.79 -37.19 -11.06
N VAL A 320 -10.75 -38.51 -10.90
CA VAL A 320 -9.84 -39.13 -9.96
C VAL A 320 -8.74 -39.79 -10.77
N ILE A 321 -7.51 -39.34 -10.53
CA ILE A 321 -6.34 -39.87 -11.22
C ILE A 321 -5.55 -40.68 -10.17
N ASP A 322 -4.99 -41.80 -10.59
CA ASP A 322 -4.20 -42.65 -9.69
C ASP A 322 -4.98 -43.08 -8.45
N PHE A 323 -6.15 -43.67 -8.66
CA PHE A 323 -7.01 -44.14 -7.59
C PHE A 323 -6.34 -45.25 -6.78
N MET A 324 -6.32 -45.08 -5.47
CA MET A 324 -5.72 -46.05 -4.56
C MET A 324 -4.36 -46.54 -5.01
N THR A 325 -3.43 -45.62 -5.20
CA THR A 325 -2.08 -46.00 -5.60
C THR A 325 -1.18 -45.88 -4.38
N VAL A 326 -0.14 -46.71 -4.34
CA VAL A 326 0.79 -46.70 -3.21
C VAL A 326 2.03 -45.89 -3.57
N ARG A 327 2.40 -44.97 -2.69
CA ARG A 327 3.59 -44.14 -2.89
C ARG A 327 4.60 -44.46 -1.82
N GLU A 328 5.75 -45.00 -2.22
CA GLU A 328 6.79 -45.34 -1.28
C GLU A 328 7.64 -44.11 -1.02
N ARG A 329 7.84 -43.79 0.26
CA ARG A 329 8.62 -42.62 0.63
C ARG A 329 9.66 -42.95 1.70
N GLY A 330 10.63 -43.77 1.33
CA GLY A 330 11.68 -44.13 2.26
C GLY A 330 11.29 -45.05 3.41
N SER A 331 11.07 -44.45 4.57
CA SER A 331 10.71 -45.20 5.77
C SER A 331 9.24 -45.57 5.85
N VAL A 332 8.44 -45.02 4.95
CA VAL A 332 7.02 -45.31 4.94
C VAL A 332 6.44 -45.40 3.54
N GLN A 333 5.25 -45.97 3.46
CA GLN A 333 4.54 -46.11 2.19
C GLN A 333 3.11 -45.66 2.44
N HIS A 334 2.60 -44.82 1.55
CA HIS A 334 1.25 -44.27 1.69
C HIS A 334 0.29 -44.79 0.62
N LEU A 335 -0.98 -44.92 0.99
CA LEU A 335 -2.01 -45.32 0.05
C LEU A 335 -2.85 -44.06 -0.13
N GLY A 336 -3.14 -43.68 -1.38
CA GLY A 336 -3.95 -42.49 -1.60
C GLY A 336 -4.45 -42.36 -3.02
N SER A 337 -5.07 -41.22 -3.31
CA SER A 337 -5.62 -40.93 -4.64
C SER A 337 -5.42 -39.44 -4.95
N THR A 338 -5.46 -39.12 -6.24
CA THR A 338 -5.30 -37.72 -6.66
C THR A 338 -6.57 -37.29 -7.36
N ILE A 339 -7.17 -36.22 -6.89
CA ILE A 339 -8.38 -35.71 -7.52
C ILE A 339 -7.98 -34.44 -8.24
N ARG A 340 -8.35 -34.35 -9.52
CA ARG A 340 -7.98 -33.21 -10.35
C ARG A 340 -9.17 -32.56 -11.05
N ALA A 341 -9.09 -31.26 -11.28
CA ALA A 341 -10.14 -30.52 -11.97
C ALA A 341 -9.54 -29.25 -12.51
N ARG A 342 -10.37 -28.45 -13.18
CA ARG A 342 -9.95 -27.17 -13.71
C ARG A 342 -10.80 -26.14 -12.98
N LEU A 343 -10.13 -25.17 -12.38
CA LEU A 343 -10.82 -24.13 -11.63
C LEU A 343 -11.79 -23.37 -12.54
N ASP A 344 -13.01 -23.16 -12.07
CA ASP A 344 -14.00 -22.44 -12.86
C ASP A 344 -13.52 -21.00 -13.00
N PRO A 345 -13.67 -20.41 -14.21
CA PRO A 345 -13.23 -19.02 -14.41
C PRO A 345 -13.88 -18.01 -13.47
N SER A 346 -14.89 -18.44 -12.72
CA SER A 346 -15.59 -17.56 -11.79
C SER A 346 -15.14 -17.84 -10.36
N SER A 347 -14.16 -18.73 -10.22
CA SER A 347 -13.63 -19.09 -8.91
C SER A 347 -12.18 -18.62 -8.80
N ASP A 348 -11.54 -18.90 -7.66
CA ASP A 348 -10.16 -18.49 -7.45
C ASP A 348 -9.45 -19.49 -6.52
N ARG A 349 -8.13 -19.41 -6.45
CA ARG A 349 -7.35 -20.34 -5.62
C ARG A 349 -7.80 -20.37 -4.17
N MET A 350 -8.23 -19.24 -3.63
CA MET A 350 -8.69 -19.18 -2.25
C MET A 350 -10.03 -19.89 -2.09
N ALA A 351 -10.87 -19.79 -3.11
CA ALA A 351 -12.18 -20.43 -3.08
C ALA A 351 -11.93 -21.93 -3.14
N ALA A 352 -10.87 -22.32 -3.84
CA ALA A 352 -10.52 -23.73 -3.97
C ALA A 352 -10.04 -24.24 -2.61
N LEU A 353 -9.19 -23.45 -1.96
CA LEU A 353 -8.68 -23.86 -0.66
C LEU A 353 -9.81 -24.04 0.33
N GLU A 354 -10.69 -23.04 0.44
CA GLU A 354 -11.79 -23.16 1.39
C GLU A 354 -12.80 -24.22 0.99
N ALA A 355 -12.86 -24.56 -0.30
CA ALA A 355 -13.80 -25.59 -0.74
C ALA A 355 -13.35 -26.96 -0.22
N LEU A 356 -12.04 -27.14 -0.12
CA LEU A 356 -11.46 -28.40 0.35
C LEU A 356 -11.05 -28.37 1.81
N PHE A 357 -11.37 -27.27 2.49
CA PHE A 357 -11.02 -27.07 3.90
C PHE A 357 -12.21 -27.26 4.84
N PRO A 358 -12.00 -27.90 6.00
CA PRO A 358 -10.72 -28.47 6.42
C PRO A 358 -10.59 -29.79 5.68
N ALA A 359 -9.38 -30.34 5.62
CA ALA A 359 -9.18 -31.62 4.92
C ALA A 359 -10.15 -32.66 5.48
N VAL A 360 -10.83 -33.36 4.59
CA VAL A 360 -11.77 -34.38 5.01
C VAL A 360 -11.05 -35.46 5.82
N THR A 361 -9.78 -35.68 5.52
CA THR A 361 -9.00 -36.72 6.22
C THR A 361 -8.61 -36.32 7.64
N ALA A 362 -8.78 -35.04 7.97
CA ALA A 362 -8.42 -34.57 9.31
C ALA A 362 -9.59 -33.95 10.07
N SER A 363 -10.81 -34.07 9.52
CA SER A 363 -11.98 -33.52 10.19
C SER A 363 -13.02 -34.60 10.46
N GLY A 364 -13.79 -34.96 9.45
CA GLY A 364 -14.80 -35.99 9.63
C GLY A 364 -15.78 -36.11 8.49
N ILE A 365 -16.75 -37.00 8.66
CA ILE A 365 -17.78 -37.24 7.65
C ILE A 365 -19.13 -37.45 8.37
N PRO A 366 -20.14 -36.64 8.05
CA PRO A 366 -20.14 -35.52 7.10
C PRO A 366 -19.22 -34.46 7.67
N LYS A 367 -18.57 -33.69 6.80
CA LYS A 367 -17.64 -32.68 7.28
C LYS A 367 -18.26 -31.69 8.27
N ALA A 368 -19.43 -31.16 7.95
CA ALA A 368 -20.10 -30.20 8.82
C ALA A 368 -20.28 -30.78 10.23
N ALA A 369 -20.73 -32.03 10.32
CA ALA A 369 -20.94 -32.67 11.62
C ALA A 369 -19.61 -32.98 12.29
N GLY A 370 -18.61 -33.36 11.49
CA GLY A 370 -17.31 -33.67 12.04
C GLY A 370 -16.65 -32.46 12.67
N VAL A 371 -16.66 -31.33 11.95
CA VAL A 371 -16.07 -30.10 12.47
C VAL A 371 -16.75 -29.69 13.78
N GLU A 372 -18.07 -29.78 13.81
CA GLU A 372 -18.85 -29.40 14.99
C GLU A 372 -18.45 -30.27 16.19
N ALA A 373 -18.26 -31.57 15.95
CA ALA A 373 -17.87 -32.48 17.02
C ALA A 373 -16.49 -32.12 17.55
N ILE A 374 -15.59 -31.73 16.65
CA ILE A 374 -14.24 -31.36 17.03
C ILE A 374 -14.27 -30.16 17.99
N PHE A 375 -15.25 -29.28 17.83
CA PHE A 375 -15.37 -28.14 18.71
C PHE A 375 -15.74 -28.60 20.13
N ARG A 376 -16.41 -29.74 20.21
CA ARG A 376 -16.85 -30.28 21.49
C ARG A 376 -15.97 -31.36 22.10
N LEU A 377 -15.32 -32.15 21.26
CA LEU A 377 -14.52 -33.26 21.75
C LEU A 377 -13.00 -33.17 21.56
N ASP A 378 -12.51 -32.04 21.07
CA ASP A 378 -11.08 -31.87 20.85
C ASP A 378 -10.63 -30.53 21.45
N GLU A 379 -9.34 -30.42 21.74
CA GLU A 379 -8.81 -29.18 22.30
C GLU A 379 -8.74 -28.14 21.20
N CYS A 380 -9.55 -27.09 21.31
CA CYS A 380 -9.58 -26.02 20.32
C CYS A 380 -9.10 -24.69 20.89
N PRO A 381 -8.58 -23.79 20.04
CA PRO A 381 -8.40 -23.93 18.58
C PRO A 381 -7.30 -24.91 18.23
N ARG A 382 -7.39 -25.53 17.06
CA ARG A 382 -6.37 -26.46 16.63
C ARG A 382 -5.20 -25.69 16.02
N GLY A 383 -5.48 -24.51 15.50
CA GLY A 383 -4.45 -23.68 14.90
C GLY A 383 -3.76 -24.34 13.72
N LEU A 384 -2.44 -24.41 13.75
CA LEU A 384 -1.69 -25.02 12.66
C LEU A 384 -1.98 -26.51 12.49
N TYR A 385 -2.29 -27.19 13.59
CA TYR A 385 -2.57 -28.62 13.50
C TYR A 385 -3.84 -28.87 12.68
N SER A 386 -3.72 -29.73 11.66
CA SER A 386 -4.80 -30.07 10.73
C SER A 386 -5.15 -28.87 9.86
N GLY A 387 -4.27 -27.87 9.90
CA GLY A 387 -4.40 -26.69 9.08
C GLY A 387 -3.40 -26.92 7.96
N ALA A 388 -2.91 -25.87 7.33
CA ALA A 388 -1.93 -26.05 6.25
C ALA A 388 -0.86 -24.98 6.22
N VAL A 389 0.28 -25.34 5.64
CA VAL A 389 1.37 -24.40 5.45
C VAL A 389 1.23 -24.15 3.95
N VAL A 390 1.31 -22.88 3.55
CA VAL A 390 1.08 -22.52 2.16
C VAL A 390 2.14 -21.68 1.48
N MET A 391 2.16 -21.79 0.15
CA MET A 391 3.06 -21.02 -0.71
C MET A 391 2.20 -20.52 -1.85
N LEU A 392 2.15 -19.19 -2.03
CA LEU A 392 1.35 -18.61 -3.10
C LEU A 392 2.24 -17.85 -4.06
N SER A 393 1.94 -17.94 -5.35
CA SER A 393 2.72 -17.27 -6.38
C SER A 393 1.92 -16.19 -7.11
N ALA A 394 2.64 -15.17 -7.57
CA ALA A 394 2.01 -14.05 -8.27
C ALA A 394 1.25 -14.50 -9.51
N ASP A 395 1.66 -15.62 -10.11
CA ASP A 395 1.00 -16.10 -11.32
C ASP A 395 -0.31 -16.85 -11.06
N GLY A 396 -0.74 -16.88 -9.79
CA GLY A 396 -1.98 -17.55 -9.44
C GLY A 396 -1.80 -18.88 -8.75
N GLY A 397 -0.55 -19.31 -8.58
CA GLY A 397 -0.27 -20.58 -7.94
C GLY A 397 -0.53 -20.63 -6.45
N LEU A 398 -0.87 -21.82 -5.97
CA LEU A 398 -1.13 -22.07 -4.56
C LEU A 398 -0.74 -23.49 -4.25
N ASP A 399 0.01 -23.67 -3.16
CA ASP A 399 0.41 -25.01 -2.73
C ASP A 399 0.14 -25.05 -1.22
N ALA A 400 -0.73 -25.98 -0.80
CA ALA A 400 -1.08 -26.08 0.61
C ALA A 400 -0.90 -27.50 1.14
N ALA A 401 0.09 -27.66 2.01
CA ALA A 401 0.42 -28.95 2.60
C ALA A 401 -0.29 -29.12 3.95
N LEU A 402 -1.02 -30.22 4.11
CA LEU A 402 -1.73 -30.48 5.36
C LEU A 402 -0.76 -30.75 6.50
N THR A 403 -0.92 -30.00 7.59
CA THR A 403 -0.04 -30.14 8.76
C THR A 403 -0.60 -31.12 9.78
N LEU A 404 0.10 -32.22 10.00
CA LEU A 404 -0.34 -33.21 10.98
C LEU A 404 0.86 -33.63 11.83
N ARG A 405 1.87 -34.22 11.19
CA ARG A 405 3.09 -34.64 11.88
C ARG A 405 3.98 -33.40 12.02
N ALA A 406 3.83 -32.68 13.13
CA ALA A 406 4.59 -31.46 13.35
C ALA A 406 4.85 -31.19 14.82
N ALA A 407 5.76 -30.26 15.09
CA ALA A 407 6.08 -29.87 16.46
C ALA A 407 5.91 -28.35 16.52
N TYR A 408 5.46 -27.84 17.65
CA TYR A 408 5.24 -26.40 17.79
C TYR A 408 5.84 -25.86 19.08
N GLN A 409 6.17 -24.57 19.06
CA GLN A 409 6.68 -23.89 20.25
C GLN A 409 6.00 -22.54 20.25
N VAL A 410 5.23 -22.28 21.29
CA VAL A 410 4.51 -21.02 21.41
C VAL A 410 4.39 -20.60 22.87
N GLY A 411 4.69 -19.33 23.13
CA GLY A 411 4.60 -18.81 24.49
C GLY A 411 5.39 -19.60 25.51
N GLY A 412 6.50 -20.18 25.10
CA GLY A 412 7.32 -20.94 26.02
C GLY A 412 6.97 -22.41 26.15
N ARG A 413 5.88 -22.83 25.49
CA ARG A 413 5.47 -24.22 25.55
C ARG A 413 5.82 -24.93 24.24
N THR A 414 6.20 -26.20 24.33
CA THR A 414 6.56 -26.96 23.16
C THR A 414 5.73 -28.25 23.14
N TRP A 415 5.18 -28.60 21.98
CA TRP A 415 4.38 -29.80 21.93
C TRP A 415 4.20 -30.42 20.56
N LEU A 416 3.64 -31.62 20.57
CA LEU A 416 3.37 -32.40 19.36
C LEU A 416 1.88 -32.71 19.47
N ARG A 417 1.26 -33.02 18.33
CA ARG A 417 -0.16 -33.36 18.34
C ARG A 417 -0.40 -34.43 17.31
N ALA A 418 -1.23 -35.41 17.66
CA ALA A 418 -1.55 -36.48 16.74
C ALA A 418 -2.97 -36.95 16.99
N GLY A 419 -3.63 -37.39 15.92
CA GLY A 419 -5.00 -37.85 16.04
C GLY A 419 -5.24 -39.19 15.37
N ALA A 420 -6.50 -39.58 15.35
CA ALA A 420 -6.91 -40.84 14.75
C ALA A 420 -8.35 -40.67 14.28
N GLY A 421 -8.69 -41.35 13.19
CA GLY A 421 -10.04 -41.27 12.67
C GLY A 421 -10.92 -42.20 13.47
N ILE A 422 -11.97 -41.66 14.07
CA ILE A 422 -12.88 -42.45 14.87
C ILE A 422 -14.15 -42.82 14.14
N ILE A 423 -14.46 -44.11 14.10
CA ILE A 423 -15.66 -44.63 13.46
C ILE A 423 -16.40 -45.50 14.48
N GLU A 424 -17.57 -46.01 14.09
CA GLU A 424 -18.40 -46.82 14.96
C GLU A 424 -17.71 -47.99 15.65
N GLU A 425 -16.81 -48.67 14.94
CA GLU A 425 -16.11 -49.82 15.49
C GLU A 425 -14.83 -49.50 16.26
N SER A 426 -14.44 -48.23 16.30
CA SER A 426 -13.21 -47.84 16.97
C SER A 426 -13.13 -48.18 18.46
N GLU A 427 -11.94 -48.62 18.89
CA GLU A 427 -11.69 -48.94 20.28
C GLU A 427 -10.74 -47.87 20.81
N PRO A 428 -11.14 -47.16 21.88
CA PRO A 428 -10.29 -46.11 22.44
C PRO A 428 -8.83 -46.50 22.65
N GLU A 429 -8.60 -47.72 23.15
CA GLU A 429 -7.23 -48.16 23.39
C GLU A 429 -6.45 -48.33 22.09
N ARG A 430 -7.10 -48.91 21.08
CA ARG A 430 -6.45 -49.12 19.80
C ARG A 430 -6.14 -47.76 19.15
N GLU A 431 -7.08 -46.83 19.26
CA GLU A 431 -6.89 -45.50 18.69
C GLU A 431 -5.80 -44.73 19.44
N PHE A 432 -5.73 -44.91 20.75
CA PHE A 432 -4.69 -44.24 21.50
C PHE A 432 -3.35 -44.75 20.97
N GLU A 433 -3.27 -46.05 20.74
CA GLU A 433 -2.05 -46.65 20.23
C GLU A 433 -1.71 -46.08 18.85
N GLU A 434 -2.74 -45.84 18.03
CA GLU A 434 -2.49 -45.27 16.71
C GLU A 434 -1.81 -43.91 16.84
N THR A 435 -2.22 -43.12 17.82
CA THR A 435 -1.62 -41.80 18.01
C THR A 435 -0.15 -41.95 18.41
N CYS A 436 0.15 -42.99 19.18
CA CYS A 436 1.54 -43.22 19.58
C CYS A 436 2.38 -43.55 18.36
N GLU A 437 1.82 -44.37 17.46
CA GLU A 437 2.51 -44.76 16.24
C GLU A 437 2.84 -43.55 15.38
N LYS A 438 1.89 -42.63 15.26
CA LYS A 438 2.10 -41.43 14.46
C LYS A 438 3.14 -40.51 15.08
N LEU A 439 3.05 -40.32 16.40
CA LEU A 439 3.99 -39.47 17.09
C LEU A 439 5.42 -40.00 16.95
N SER A 440 5.56 -41.32 16.80
CA SER A 440 6.87 -41.95 16.69
C SER A 440 7.65 -41.57 15.45
N THR A 441 7.05 -40.79 14.56
CA THR A 441 7.76 -40.36 13.36
C THR A 441 8.53 -39.08 13.68
N LEU A 442 8.29 -38.52 14.87
CA LEU A 442 8.95 -37.30 15.30
C LEU A 442 9.63 -37.39 16.66
N THR A 443 8.99 -38.07 17.60
CA THR A 443 9.52 -38.19 18.95
C THR A 443 10.97 -38.65 19.10
N PRO A 444 11.46 -39.51 18.20
CA PRO A 444 12.86 -39.94 18.37
C PRO A 444 13.89 -38.97 17.80
N TYR A 445 13.43 -37.87 17.22
CA TYR A 445 14.35 -36.92 16.61
C TYR A 445 14.36 -35.52 17.20
N LEU A 446 13.89 -35.40 18.44
CA LEU A 446 13.85 -34.10 19.09
C LEU A 446 15.22 -33.71 19.66
N VAL A 447 15.78 -32.62 19.14
CA VAL A 447 17.07 -32.14 19.61
C VAL A 447 16.85 -30.98 20.57
N ALA A 448 17.32 -31.15 21.80
CA ALA A 448 17.15 -30.15 22.85
C ALA A 448 17.89 -28.83 22.70
N ARG A 449 17.38 -27.84 23.43
CA ARG A 449 17.89 -26.46 23.51
C ARG A 449 17.31 -25.50 22.49
N SER B 17 -9.84 -11.24 -12.17
CA SER B 17 -11.19 -11.76 -11.84
C SER B 17 -11.91 -12.17 -13.12
N ILE B 18 -11.57 -11.52 -14.23
CA ILE B 18 -12.21 -11.81 -15.51
C ILE B 18 -11.17 -12.20 -16.57
N PRO B 19 -11.36 -13.35 -17.22
CA PRO B 19 -10.41 -13.78 -18.26
C PRO B 19 -10.43 -12.79 -19.43
N MET B 20 -9.29 -12.59 -20.07
CA MET B 20 -9.21 -11.67 -21.20
C MET B 20 -10.11 -12.16 -22.34
N PRO B 21 -10.93 -11.26 -22.91
CA PRO B 21 -11.80 -11.66 -24.02
C PRO B 21 -10.98 -12.14 -25.21
N ALA B 22 -11.49 -13.14 -25.92
CA ALA B 22 -10.82 -13.71 -27.07
C ALA B 22 -10.39 -12.69 -28.11
N GLY B 23 -9.16 -12.84 -28.58
CA GLY B 23 -8.62 -11.96 -29.62
C GLY B 23 -8.47 -10.50 -29.28
N VAL B 24 -8.49 -10.15 -27.99
CA VAL B 24 -8.33 -8.75 -27.60
C VAL B 24 -6.97 -8.54 -26.96
N ASN B 25 -6.23 -7.56 -27.46
CA ASN B 25 -4.92 -7.27 -26.90
C ASN B 25 -5.12 -6.45 -25.62
N PRO B 26 -4.30 -6.72 -24.59
CA PRO B 26 -4.40 -6.01 -23.32
C PRO B 26 -4.34 -4.49 -23.48
N ALA B 27 -3.42 -4.03 -24.33
CA ALA B 27 -3.27 -2.61 -24.57
C ALA B 27 -4.60 -1.96 -24.95
N ASP B 28 -5.30 -2.59 -25.89
CA ASP B 28 -6.58 -2.08 -26.37
C ASP B 28 -7.66 -2.12 -25.31
N LEU B 29 -7.73 -3.23 -24.58
CA LEU B 29 -8.73 -3.37 -23.54
C LEU B 29 -8.49 -2.35 -22.43
N ALA B 30 -7.23 -2.18 -22.04
CA ALA B 30 -6.87 -1.24 -20.98
C ALA B 30 -7.27 0.19 -21.34
N ALA B 31 -6.87 0.62 -22.53
CA ALA B 31 -7.19 1.98 -22.98
C ALA B 31 -8.69 2.18 -23.15
N GLU B 32 -9.36 1.15 -23.67
CA GLU B 32 -10.79 1.18 -23.89
C GLU B 32 -11.49 1.31 -22.53
N LEU B 33 -10.96 0.61 -21.53
CA LEU B 33 -11.53 0.67 -20.19
C LEU B 33 -11.47 2.08 -19.66
N ALA B 34 -10.32 2.73 -19.82
CA ALA B 34 -10.14 4.10 -19.35
C ALA B 34 -11.18 5.04 -19.97
N ALA B 35 -11.43 4.86 -21.26
CA ALA B 35 -12.40 5.69 -21.96
C ALA B 35 -13.83 5.41 -21.50
N VAL B 36 -14.19 4.13 -21.47
CA VAL B 36 -15.54 3.72 -21.08
C VAL B 36 -15.92 4.11 -19.65
N VAL B 37 -14.99 3.98 -18.71
CA VAL B 37 -15.29 4.31 -17.32
C VAL B 37 -15.19 5.81 -17.01
N THR B 38 -15.18 6.64 -18.05
CA THR B 38 -15.09 8.08 -17.86
C THR B 38 -16.05 8.83 -18.79
N GLU B 39 -16.67 8.10 -19.70
CA GLU B 39 -17.61 8.69 -20.66
C GLU B 39 -18.95 8.98 -20.01
N ASP B 42 -17.30 13.03 -16.13
CA ASP B 42 -15.85 13.08 -16.29
C ASP B 42 -15.16 12.64 -15.00
N GLU B 43 -14.04 11.94 -15.15
CA GLU B 43 -13.29 11.44 -14.01
C GLU B 43 -11.80 11.30 -14.37
N ASP B 44 -10.93 11.53 -13.39
CA ASP B 44 -9.49 11.43 -13.63
C ASP B 44 -8.99 10.00 -13.52
N TYR B 45 -7.87 9.72 -14.18
CA TYR B 45 -7.31 8.39 -14.15
C TYR B 45 -5.91 8.42 -14.71
N LEU B 46 -5.18 7.33 -14.50
CA LEU B 46 -3.83 7.18 -15.04
C LEU B 46 -3.65 5.70 -15.37
N LEU B 47 -3.33 5.42 -16.62
CA LEU B 47 -3.09 4.06 -17.06
C LEU B 47 -1.58 3.94 -17.20
N TYR B 48 -0.99 2.98 -16.50
CA TYR B 48 0.46 2.81 -16.54
C TYR B 48 0.82 1.39 -16.94
N GLU B 49 1.71 1.27 -17.91
CA GLU B 49 2.13 -0.04 -18.38
C GLU B 49 3.56 -0.33 -17.96
N CYS B 50 3.77 -1.52 -17.42
CA CYS B 50 5.10 -1.99 -17.04
C CYS B 50 5.29 -3.25 -17.87
N ASP B 51 5.90 -3.06 -19.04
CA ASP B 51 6.16 -4.11 -20.02
C ASP B 51 5.14 -5.24 -20.11
N GLY B 52 3.98 -4.95 -20.69
CA GLY B 52 2.96 -5.96 -20.84
C GLY B 52 1.93 -6.07 -19.73
N GLN B 53 2.13 -5.32 -18.65
CA GLN B 53 1.20 -5.35 -17.53
C GLN B 53 0.69 -3.93 -17.31
N TRP B 54 -0.62 -3.74 -17.45
CA TRP B 54 -1.24 -2.43 -17.28
C TRP B 54 -1.99 -2.30 -15.96
N VAL B 55 -1.95 -1.12 -15.39
CA VAL B 55 -2.69 -0.84 -14.18
C VAL B 55 -3.45 0.45 -14.45
N LEU B 56 -4.77 0.39 -14.38
CA LEU B 56 -5.58 1.58 -14.58
C LEU B 56 -6.00 2.09 -13.22
N ALA B 57 -5.44 3.22 -12.81
CA ALA B 57 -5.75 3.83 -11.53
C ALA B 57 -6.86 4.81 -11.87
N ALA B 58 -8.09 4.45 -11.52
CA ALA B 58 -9.25 5.28 -11.85
C ALA B 58 -9.89 5.99 -10.67
N GLY B 59 -10.19 7.27 -10.87
CA GLY B 59 -10.81 8.06 -9.81
C GLY B 59 -9.78 8.49 -8.79
N VAL B 60 -10.03 9.62 -8.13
CA VAL B 60 -9.10 10.13 -7.15
C VAL B 60 -9.61 9.99 -5.72
N GLN B 61 -8.91 9.21 -4.91
CA GLN B 61 -9.28 9.01 -3.51
C GLN B 61 -8.68 10.19 -2.74
N ALA B 62 -7.43 10.50 -3.05
CA ALA B 62 -6.70 11.59 -2.43
C ALA B 62 -5.67 12.05 -3.46
N MET B 63 -5.47 13.36 -3.56
CA MET B 63 -4.54 13.93 -4.53
C MET B 63 -3.54 14.87 -3.87
N VAL B 64 -2.26 14.68 -4.17
CA VAL B 64 -1.21 15.54 -3.63
C VAL B 64 -0.72 16.41 -4.78
N GLU B 65 -0.83 17.71 -4.64
CA GLU B 65 -0.37 18.62 -5.69
C GLU B 65 0.75 19.48 -5.16
N LEU B 66 1.93 19.32 -5.74
CA LEU B 66 3.07 20.11 -5.33
C LEU B 66 3.39 21.14 -6.40
N ASP B 67 3.30 22.41 -6.03
CA ASP B 67 3.61 23.52 -6.93
C ASP B 67 4.86 24.20 -6.36
N SER B 68 5.45 25.10 -7.13
CA SER B 68 6.65 25.80 -6.68
C SER B 68 6.45 26.63 -5.41
N ASP B 69 5.24 27.10 -5.20
CA ASP B 69 4.94 27.95 -4.05
C ASP B 69 3.82 27.45 -3.13
N GLU B 70 3.46 26.18 -3.23
CA GLU B 70 2.39 25.64 -2.41
C GLU B 70 2.21 24.14 -2.55
N LEU B 71 1.70 23.52 -1.49
CA LEU B 71 1.45 22.09 -1.47
C LEU B 71 -0.02 21.90 -1.12
N ARG B 72 -0.74 21.17 -1.96
CA ARG B 72 -2.16 20.93 -1.75
C ARG B 72 -2.47 19.46 -1.60
N VAL B 73 -3.41 19.14 -0.71
CA VAL B 73 -3.84 17.77 -0.50
C VAL B 73 -5.36 17.84 -0.65
N ILE B 74 -5.87 17.19 -1.70
CA ILE B 74 -7.29 17.21 -1.99
C ILE B 74 -7.95 15.85 -1.76
N ARG B 75 -9.10 15.88 -1.10
CA ARG B 75 -9.83 14.65 -0.80
C ARG B 75 -11.32 14.93 -0.65
N GLY B 77 -13.13 17.35 -3.42
CA GLY B 77 -13.73 17.68 -2.15
C GLY B 77 -12.97 18.77 -1.41
N VAL B 78 -12.66 18.50 -0.15
CA VAL B 78 -11.94 19.45 0.69
C VAL B 78 -10.48 19.61 0.24
N THR B 79 -10.07 20.86 0.01
CA THR B 79 -8.70 21.14 -0.41
C THR B 79 -7.92 21.81 0.72
N ARG B 80 -6.92 21.10 1.23
CA ARG B 80 -6.08 21.64 2.29
C ARG B 80 -4.78 22.15 1.67
N ARG B 81 -4.56 23.45 1.76
CA ARG B 81 -3.35 24.03 1.20
C ARG B 81 -2.37 24.47 2.29
N GLN B 82 -1.09 24.41 1.96
CA GLN B 82 -0.05 24.78 2.89
C GLN B 82 1.22 25.20 2.15
N GLN B 83 2.05 26.00 2.81
CA GLN B 83 3.29 26.43 2.22
C GLN B 83 4.28 25.32 2.59
N TRP B 84 5.24 25.06 1.71
CA TRP B 84 6.23 24.03 2.01
C TRP B 84 7.60 24.66 1.95
N SER B 85 8.58 23.98 2.55
CA SER B 85 9.94 24.47 2.57
C SER B 85 10.88 23.27 2.53
N GLY B 86 12.17 23.53 2.30
CA GLY B 86 13.13 22.45 2.23
C GLY B 86 13.16 21.89 0.83
N ARG B 87 13.63 20.66 0.68
CA ARG B 87 13.70 20.04 -0.63
C ARG B 87 12.34 19.54 -1.12
N PRO B 88 12.05 19.74 -2.41
CA PRO B 88 10.76 19.32 -2.97
C PRO B 88 10.53 17.82 -2.79
N GLY B 89 11.62 17.05 -2.81
CA GLY B 89 11.52 15.61 -2.64
C GLY B 89 11.03 15.26 -1.25
N ALA B 90 11.54 15.97 -0.25
CA ALA B 90 11.13 15.71 1.13
C ALA B 90 9.66 16.07 1.29
N ALA B 91 9.27 17.24 0.78
CA ALA B 91 7.90 17.70 0.87
C ALA B 91 6.94 16.70 0.23
N LEU B 92 7.24 16.30 -1.01
CA LEU B 92 6.40 15.34 -1.72
C LEU B 92 6.41 13.98 -1.04
N GLY B 93 7.59 13.52 -0.64
CA GLY B 93 7.71 12.23 0.01
C GLY B 93 6.85 12.07 1.24
N GLU B 94 6.88 13.07 2.11
CA GLU B 94 6.08 13.04 3.33
C GLU B 94 4.60 12.89 3.02
N ALA B 95 4.11 13.69 2.07
CA ALA B 95 2.70 13.66 1.69
C ALA B 95 2.27 12.35 1.03
N VAL B 96 3.10 11.85 0.12
CA VAL B 96 2.77 10.62 -0.57
C VAL B 96 2.79 9.42 0.38
N ASP B 97 3.71 9.43 1.35
CA ASP B 97 3.76 8.33 2.31
C ASP B 97 2.42 8.25 3.05
N ARG B 98 1.82 9.41 3.30
CA ARG B 98 0.53 9.46 3.98
C ARG B 98 -0.55 8.79 3.13
N LEU B 99 -0.50 9.03 1.83
CA LEU B 99 -1.47 8.42 0.92
C LEU B 99 -1.37 6.91 0.96
N LEU B 100 -0.15 6.42 1.00
CA LEU B 100 0.12 4.99 1.00
C LEU B 100 -0.13 4.27 2.31
N LEU B 101 -0.72 4.96 3.28
CA LEU B 101 -1.04 4.32 4.55
C LEU B 101 -2.43 3.68 4.37
N GLU B 102 -3.21 4.26 3.48
CA GLU B 102 -4.58 3.80 3.20
C GLU B 102 -4.67 2.80 2.06
N THR B 103 -3.74 2.87 1.12
CA THR B 103 -3.74 1.94 0.00
C THR B 103 -2.30 1.60 -0.35
N ASP B 104 -2.10 0.58 -1.17
CA ASP B 104 -0.75 0.14 -1.50
C ASP B 104 -0.06 0.75 -2.71
N GLN B 105 -0.78 1.46 -3.58
CA GLN B 105 -0.15 2.09 -4.74
C GLN B 105 -0.64 3.52 -5.00
N ALA B 106 0.27 4.36 -5.48
CA ALA B 106 -0.03 5.75 -5.80
C ALA B 106 0.55 5.99 -7.19
N PHE B 107 -0.04 6.92 -7.92
CA PHE B 107 0.39 7.20 -9.28
C PHE B 107 0.41 8.68 -9.55
N GLY B 108 1.18 9.07 -10.58
CA GLY B 108 1.21 10.48 -10.92
C GLY B 108 2.35 10.84 -11.85
N TRP B 109 2.69 12.12 -11.84
CA TRP B 109 3.78 12.58 -12.68
C TRP B 109 4.58 13.65 -11.97
N VAL B 110 5.84 13.77 -12.38
CA VAL B 110 6.75 14.73 -11.79
C VAL B 110 7.25 15.60 -12.93
N ALA B 111 7.20 16.91 -12.74
CA ALA B 111 7.63 17.85 -13.78
C ALA B 111 9.14 18.01 -13.81
N PHE B 112 9.64 18.43 -14.97
CA PHE B 112 11.06 18.68 -15.17
C PHE B 112 11.51 19.67 -14.08
N GLU B 113 10.65 20.64 -13.81
CA GLU B 113 10.92 21.69 -12.84
C GLU B 113 11.17 21.18 -11.42
N PHE B 114 10.77 19.94 -11.14
CA PHE B 114 10.99 19.33 -9.84
C PHE B 114 12.50 19.24 -9.58
N GLY B 115 13.29 19.14 -10.64
CA GLY B 115 14.73 19.03 -10.46
C GLY B 115 15.57 20.30 -10.43
N VAL B 116 14.94 21.47 -10.42
CA VAL B 116 15.71 22.72 -10.43
C VAL B 116 16.15 23.21 -9.05
N HIS B 117 15.43 22.79 -8.02
CA HIS B 117 15.74 23.20 -6.65
C HIS B 117 17.13 22.80 -6.20
N ARG B 118 17.57 21.62 -6.58
CA ARG B 118 18.88 21.12 -6.19
C ARG B 118 20.05 21.99 -6.66
N TYR B 119 19.79 22.81 -7.68
CA TYR B 119 20.81 23.69 -8.24
C TYR B 119 20.57 25.15 -7.84
N GLY B 120 19.67 25.35 -6.88
CA GLY B 120 19.37 26.69 -6.42
C GLY B 120 18.77 27.60 -7.48
N LEU B 121 18.04 27.01 -8.43
CA LEU B 121 17.43 27.79 -9.51
C LEU B 121 15.92 27.96 -9.38
N GLN B 122 15.37 27.69 -8.20
CA GLN B 122 13.93 27.80 -7.96
C GLN B 122 13.32 29.16 -8.29
N GLN B 123 14.07 30.23 -8.05
CA GLN B 123 13.58 31.58 -8.30
C GLN B 123 13.30 31.88 -9.77
N ARG B 124 13.83 31.04 -10.66
CA ARG B 124 13.61 31.25 -12.09
C ARG B 124 12.22 30.74 -12.49
N LEU B 125 11.61 29.94 -11.62
CA LEU B 125 10.29 29.40 -11.90
C LEU B 125 9.19 30.44 -11.72
N ALA B 126 8.23 30.45 -12.62
CA ALA B 126 7.12 31.38 -12.52
C ALA B 126 6.28 30.91 -11.34
N PRO B 127 5.40 31.77 -10.82
CA PRO B 127 4.58 31.32 -9.68
C PRO B 127 3.61 30.23 -10.11
N HIS B 128 3.20 29.38 -9.17
CA HIS B 128 2.26 28.31 -9.46
C HIS B 128 2.81 27.30 -10.47
N THR B 129 4.12 27.11 -10.49
CA THR B 129 4.71 26.15 -11.42
C THR B 129 4.48 24.74 -10.87
N PRO B 130 3.83 23.86 -11.65
CA PRO B 130 3.58 22.49 -11.19
C PRO B 130 4.87 21.71 -11.00
N LEU B 131 5.03 21.03 -9.86
CA LEU B 131 6.23 20.24 -9.64
C LEU B 131 5.89 18.76 -9.66
N ALA B 132 4.77 18.40 -9.05
CA ALA B 132 4.36 17.01 -9.02
C ALA B 132 2.87 16.87 -8.74
N ARG B 133 2.31 15.75 -9.17
CA ARG B 133 0.90 15.43 -8.96
C ARG B 133 0.89 13.93 -8.71
N VAL B 134 0.50 13.53 -7.49
CA VAL B 134 0.44 12.11 -7.16
C VAL B 134 -0.87 11.82 -6.43
N PHE B 135 -1.54 10.74 -6.81
CA PHE B 135 -2.82 10.42 -6.19
C PHE B 135 -2.98 8.95 -5.85
N SER B 136 -3.88 8.69 -4.91
CA SER B 136 -4.22 7.34 -4.52
C SER B 136 -5.51 7.16 -5.31
N PRO B 137 -5.66 6.03 -6.03
CA PRO B 137 -6.88 5.84 -6.81
C PRO B 137 -8.05 5.27 -6.03
N ARG B 138 -9.25 5.51 -6.54
CA ARG B 138 -10.46 4.98 -5.90
C ARG B 138 -10.55 3.51 -6.27
N THR B 139 -10.15 3.23 -7.52
CA THR B 139 -10.21 1.87 -8.07
C THR B 139 -9.01 1.57 -8.95
N ARG B 140 -8.63 0.29 -8.99
CA ARG B 140 -7.52 -0.14 -9.84
C ARG B 140 -7.94 -1.37 -10.61
N ILE B 141 -7.66 -1.37 -11.90
CA ILE B 141 -7.98 -2.52 -12.74
C ILE B 141 -6.65 -2.92 -13.37
N MET B 142 -6.25 -4.16 -13.13
CA MET B 142 -4.99 -4.67 -13.69
C MET B 142 -5.32 -5.46 -14.95
N VAL B 143 -4.62 -5.16 -16.03
CA VAL B 143 -4.87 -5.82 -17.30
C VAL B 143 -3.59 -6.45 -17.84
N SER B 144 -3.67 -7.73 -18.19
CA SER B 144 -2.53 -8.44 -18.74
C SER B 144 -3.07 -9.37 -19.82
N GLU B 145 -2.16 -10.04 -20.53
CA GLU B 145 -2.57 -10.95 -21.59
C GLU B 145 -3.51 -12.04 -21.08
N LYS B 146 -3.39 -12.38 -19.81
CA LYS B 146 -4.21 -13.44 -19.24
C LYS B 146 -5.53 -13.03 -18.61
N GLU B 147 -5.55 -11.95 -17.84
CA GLU B 147 -6.78 -11.57 -17.18
C GLU B 147 -6.93 -10.09 -16.81
N ILE B 148 -8.13 -9.77 -16.36
CA ILE B 148 -8.50 -8.45 -15.91
C ILE B 148 -8.77 -8.63 -14.41
N ARG B 149 -8.05 -7.89 -13.57
CA ARG B 149 -8.24 -7.99 -12.12
C ARG B 149 -8.78 -6.68 -11.57
N LEU B 150 -9.83 -6.78 -10.78
CA LEU B 150 -10.47 -5.61 -10.19
C LEU B 150 -10.14 -5.42 -8.72
N PHE B 151 -9.68 -4.22 -8.38
CA PHE B 151 -9.35 -3.88 -7.00
C PHE B 151 -10.22 -2.69 -6.59
N ASP B 152 -11.11 -2.90 -5.63
CA ASP B 152 -11.98 -1.83 -5.14
C ASP B 152 -12.84 -1.20 -6.23
N ALA B 153 -13.38 -2.03 -7.11
CA ALA B 153 -14.22 -1.54 -8.20
C ALA B 153 -15.68 -1.42 -7.80
N GLY B 154 -16.26 -0.25 -8.04
CA GLY B 154 -17.65 -0.02 -7.71
C GLY B 154 -18.57 -0.63 -8.73
N ILE B 155 -19.87 -0.60 -8.46
CA ILE B 155 -20.85 -1.18 -9.37
C ILE B 155 -20.81 -0.47 -10.73
N ARG B 156 -20.57 0.84 -10.72
CA ARG B 156 -20.49 1.59 -11.97
C ARG B 156 -19.36 1.03 -12.81
N HIS B 157 -18.20 0.83 -12.18
CA HIS B 157 -17.03 0.28 -12.86
C HIS B 157 -17.40 -1.09 -13.42
N ARG B 158 -18.07 -1.89 -12.59
CA ARG B 158 -18.50 -3.23 -12.95
C ARG B 158 -19.31 -3.20 -14.25
N GLU B 159 -20.31 -2.33 -14.28
CA GLU B 159 -21.19 -2.19 -15.44
C GLU B 159 -20.42 -1.79 -16.69
N ALA B 160 -19.48 -0.86 -16.55
CA ALA B 160 -18.69 -0.42 -17.69
C ALA B 160 -17.92 -1.59 -18.29
N ILE B 161 -17.30 -2.39 -17.42
CA ILE B 161 -16.53 -3.55 -17.87
C ILE B 161 -17.41 -4.51 -18.66
N ASP B 162 -18.61 -4.77 -18.14
CA ASP B 162 -19.55 -5.67 -18.80
C ASP B 162 -20.06 -5.10 -20.11
N ARG B 163 -20.35 -3.80 -20.11
CA ARG B 163 -20.84 -3.14 -21.32
C ARG B 163 -19.75 -3.27 -22.38
N LEU B 164 -18.51 -2.96 -21.98
CA LEU B 164 -17.38 -3.04 -22.90
C LEU B 164 -17.21 -4.46 -23.42
N LEU B 165 -17.29 -5.43 -22.52
CA LEU B 165 -17.15 -6.83 -22.89
C LEU B 165 -18.28 -7.30 -23.80
N ALA B 166 -19.45 -6.67 -23.66
CA ALA B 166 -20.61 -7.04 -24.46
C ALA B 166 -20.58 -6.46 -25.87
N THR B 167 -19.91 -5.33 -26.05
CA THR B 167 -19.85 -4.70 -27.37
C THR B 167 -18.50 -4.85 -28.05
N GLY B 168 -17.47 -5.16 -27.28
CA GLY B 168 -16.14 -5.30 -27.86
C GLY B 168 -15.50 -3.93 -27.93
N VAL B 169 -14.21 -3.87 -28.26
CA VAL B 169 -13.52 -2.58 -28.33
C VAL B 169 -13.87 -1.87 -29.63
N ARG B 170 -13.86 -0.54 -29.58
CA ARG B 170 -14.16 0.27 -30.75
C ARG B 170 -13.04 0.12 -31.76
N GLU B 171 -13.34 0.41 -33.02
CA GLU B 171 -12.32 0.34 -34.05
C GLU B 171 -11.58 1.67 -33.97
N VAL B 172 -10.28 1.65 -34.28
CA VAL B 172 -9.48 2.85 -34.23
C VAL B 172 -9.57 3.56 -35.58
N PRO B 173 -10.15 4.77 -35.61
CA PRO B 173 -10.28 5.51 -36.87
C PRO B 173 -8.92 5.88 -37.45
N GLN B 174 -8.91 6.24 -38.73
CA GLN B 174 -7.67 6.64 -39.39
C GLN B 174 -7.11 7.87 -38.69
N SER B 175 -5.77 7.95 -38.64
CA SER B 175 -5.12 9.08 -38.00
C SER B 175 -5.18 10.32 -38.90
N ARG B 176 -4.88 11.48 -38.33
CA ARG B 176 -4.87 12.73 -39.09
C ARG B 176 -3.45 13.28 -39.07
N SER B 177 -2.90 13.52 -40.25
CA SER B 177 -1.53 14.02 -40.37
C SER B 177 -1.28 15.37 -39.71
N VAL B 178 -0.01 15.59 -39.37
CA VAL B 178 0.42 16.84 -38.77
C VAL B 178 1.79 17.13 -39.38
N ASP B 179 2.07 18.40 -39.65
CA ASP B 179 3.34 18.75 -40.24
C ASP B 179 4.40 19.07 -39.19
N VAL B 180 5.52 18.36 -39.24
CA VAL B 180 6.61 18.57 -38.29
C VAL B 180 7.78 19.33 -38.92
N SER B 181 7.60 19.75 -40.17
CA SER B 181 8.66 20.45 -40.88
C SER B 181 8.76 21.94 -40.53
N ASP B 182 7.66 22.54 -40.10
CA ASP B 182 7.65 23.96 -39.74
C ASP B 182 8.43 24.19 -38.45
N ASP B 183 9.15 25.30 -38.37
CA ASP B 183 9.93 25.63 -37.19
C ASP B 183 9.57 27.00 -36.62
N PRO B 184 8.32 27.14 -36.12
CA PRO B 184 7.82 28.39 -35.53
C PRO B 184 8.52 28.87 -34.27
N SER B 185 9.14 27.96 -33.52
CA SER B 185 9.82 28.34 -32.29
C SER B 185 11.31 28.59 -32.51
N GLY B 186 11.73 28.55 -33.78
CA GLY B 186 13.12 28.80 -34.11
C GLY B 186 14.11 27.85 -33.47
N PHE B 187 13.84 26.55 -33.56
CA PHE B 187 14.74 25.54 -32.99
C PHE B 187 16.14 25.66 -33.59
N ARG B 188 16.23 25.78 -34.90
CA ARG B 188 17.52 25.87 -35.57
C ARG B 188 18.35 27.03 -35.06
N ARG B 189 17.69 28.16 -34.83
CA ARG B 189 18.36 29.36 -34.35
C ARG B 189 18.85 29.17 -32.91
N ARG B 190 17.98 28.61 -32.08
CA ARG B 190 18.32 28.38 -30.68
C ARG B 190 19.47 27.37 -30.54
N VAL B 191 19.52 26.38 -31.42
CA VAL B 191 20.60 25.41 -31.37
C VAL B 191 21.92 26.16 -31.66
N ALA B 192 21.88 27.04 -32.65
CA ALA B 192 23.05 27.83 -33.02
C ALA B 192 23.55 28.67 -31.85
N VAL B 193 22.62 29.18 -31.04
CA VAL B 193 22.97 29.97 -29.87
C VAL B 193 23.67 29.08 -28.84
N ALA B 194 23.11 27.89 -28.62
CA ALA B 194 23.68 26.95 -27.68
C ALA B 194 25.10 26.56 -28.12
N VAL B 195 25.27 26.29 -29.41
CA VAL B 195 26.57 25.91 -29.92
C VAL B 195 27.62 26.99 -29.63
N ASP B 196 27.24 28.25 -29.80
CA ASP B 196 28.18 29.34 -29.52
C ASP B 196 28.52 29.39 -28.04
N GLU B 197 27.54 29.13 -27.18
CA GLU B 197 27.78 29.15 -25.74
C GLU B 197 28.71 28.00 -25.36
N ILE B 198 28.54 26.86 -26.02
CA ILE B 198 29.38 25.70 -25.75
C ILE B 198 30.80 25.98 -26.23
N ALA B 199 30.93 26.63 -27.39
CA ALA B 199 32.23 26.96 -27.94
C ALA B 199 32.93 27.95 -27.02
N ALA B 200 32.14 28.78 -26.33
CA ALA B 200 32.67 29.76 -25.40
C ALA B 200 33.01 29.07 -24.07
N GLY B 201 32.70 27.79 -24.00
CA GLY B 201 33.00 27.01 -22.81
C GLY B 201 32.06 27.12 -21.62
N ARG B 202 30.83 27.59 -21.83
CA ARG B 202 29.89 27.74 -20.73
C ARG B 202 29.37 26.40 -20.18
N TYR B 203 29.37 25.39 -21.05
CA TYR B 203 28.93 24.04 -20.68
C TYR B 203 29.30 23.08 -21.82
N HIS B 204 29.13 21.79 -21.57
CA HIS B 204 29.50 20.78 -22.57
C HIS B 204 28.35 20.35 -23.47
N LYS B 205 27.16 20.23 -22.89
CA LYS B 205 26.01 19.81 -23.65
C LYS B 205 24.72 20.30 -23.03
N VAL B 206 23.73 20.57 -23.87
CA VAL B 206 22.43 20.98 -23.39
C VAL B 206 21.39 20.40 -24.34
N ILE B 207 20.31 19.88 -23.79
CA ILE B 207 19.26 19.33 -24.62
C ILE B 207 18.23 20.41 -24.83
N LEU B 208 18.02 20.78 -26.09
CA LEU B 208 17.03 21.79 -26.43
C LEU B 208 15.92 21.07 -27.17
N SER B 209 14.72 21.64 -27.14
CA SER B 209 13.60 21.01 -27.79
C SER B 209 12.71 22.01 -28.49
N ARG B 210 11.68 21.48 -29.16
CA ARG B 210 10.72 22.31 -29.86
C ARG B 210 9.36 21.63 -29.74
N CYS B 211 8.32 22.45 -29.64
CA CYS B 211 6.97 21.93 -29.54
C CYS B 211 6.34 21.94 -30.92
N VAL B 212 5.52 20.94 -31.19
CA VAL B 212 4.79 20.86 -32.44
C VAL B 212 3.33 20.93 -32.03
N GLU B 213 2.66 22.03 -32.39
CA GLU B 213 1.27 22.19 -32.03
C GLU B 213 0.40 21.31 -32.92
N VAL B 214 -0.56 20.62 -32.30
CA VAL B 214 -1.49 19.79 -33.06
C VAL B 214 -2.73 20.68 -33.21
N PRO B 215 -3.03 21.11 -34.44
CA PRO B 215 -4.16 21.99 -34.78
C PRO B 215 -5.57 21.45 -34.54
N PHE B 216 -5.67 20.33 -33.85
CA PHE B 216 -6.98 19.75 -33.56
C PHE B 216 -6.96 18.97 -32.24
N ALA B 217 -8.13 18.82 -31.64
CA ALA B 217 -8.22 18.06 -30.39
C ALA B 217 -8.06 16.60 -30.79
N ILE B 218 -7.33 15.84 -29.98
CA ILE B 218 -7.15 14.43 -30.31
C ILE B 218 -7.82 13.57 -29.25
N ASP B 219 -8.11 12.32 -29.62
CA ASP B 219 -8.72 11.39 -28.69
C ASP B 219 -7.54 10.64 -28.10
N PHE B 220 -7.23 10.92 -26.84
CA PHE B 220 -6.08 10.28 -26.21
C PHE B 220 -6.14 8.76 -26.13
N PRO B 221 -7.24 8.21 -25.61
CA PRO B 221 -7.28 6.74 -25.53
C PRO B 221 -7.08 6.05 -26.88
N LEU B 222 -7.75 6.54 -27.92
CA LEU B 222 -7.64 5.95 -29.24
C LEU B 222 -6.24 6.19 -29.82
N THR B 223 -5.69 7.37 -29.59
CA THR B 223 -4.35 7.68 -30.07
C THR B 223 -3.36 6.76 -29.36
N TYR B 224 -3.57 6.55 -28.07
CA TYR B 224 -2.69 5.69 -27.29
C TYR B 224 -2.67 4.28 -27.88
N ARG B 225 -3.86 3.78 -28.23
CA ARG B 225 -3.97 2.44 -28.79
C ARG B 225 -3.24 2.32 -30.11
N LEU B 226 -3.44 3.29 -31.01
CA LEU B 226 -2.79 3.25 -32.30
C LEU B 226 -1.26 3.34 -32.15
N GLY B 227 -0.81 4.26 -31.32
CA GLY B 227 0.63 4.39 -31.11
C GLY B 227 1.25 3.17 -30.46
N ARG B 228 0.50 2.52 -29.57
CA ARG B 228 1.00 1.35 -28.86
C ARG B 228 1.13 0.12 -29.77
N ARG B 229 0.57 0.20 -30.97
CA ARG B 229 0.68 -0.91 -31.91
C ARG B 229 2.01 -0.76 -32.67
N HIS B 230 2.60 0.42 -32.56
CA HIS B 230 3.86 0.70 -33.26
C HIS B 230 5.01 1.12 -32.34
N ASN B 231 4.76 1.05 -31.04
CA ASN B 231 5.74 1.37 -30.01
C ASN B 231 5.55 0.34 -28.91
N THR B 232 6.61 -0.38 -28.56
CA THR B 232 6.53 -1.38 -27.51
C THR B 232 7.61 -1.14 -26.44
N PRO B 233 7.54 0.02 -25.76
CA PRO B 233 8.47 0.46 -24.72
C PRO B 233 8.26 -0.32 -23.43
N VAL B 234 9.27 -0.34 -22.56
CA VAL B 234 9.15 -1.04 -21.29
C VAL B 234 8.10 -0.37 -20.41
N ARG B 235 7.83 0.91 -20.68
CA ARG B 235 6.84 1.68 -19.93
C ARG B 235 6.05 2.57 -20.88
N SER B 236 4.77 2.75 -20.59
CA SER B 236 3.93 3.63 -21.41
C SER B 236 2.83 4.13 -20.50
N PHE B 237 2.13 5.18 -20.91
CA PHE B 237 1.09 5.73 -20.07
C PHE B 237 0.03 6.47 -20.86
N LEU B 238 -1.11 6.65 -20.22
CA LEU B 238 -2.25 7.36 -20.77
C LEU B 238 -2.91 7.96 -19.55
N LEU B 239 -3.11 9.28 -19.53
CA LEU B 239 -3.71 9.87 -18.35
C LEU B 239 -4.62 11.06 -18.60
N GLN B 240 -5.47 11.30 -17.62
CA GLN B 240 -6.40 12.43 -17.62
C GLN B 240 -6.39 12.80 -16.15
N LEU B 241 -5.58 13.78 -15.80
CA LEU B 241 -5.46 14.17 -14.41
C LEU B 241 -5.38 15.68 -14.25
N GLY B 242 -6.21 16.21 -13.36
CA GLY B 242 -6.21 17.64 -13.09
C GLY B 242 -6.20 18.54 -14.32
N GLY B 243 -7.13 18.33 -15.24
CA GLY B 243 -7.22 19.17 -16.41
C GLY B 243 -6.24 18.92 -17.55
N ILE B 244 -5.33 17.97 -17.36
CA ILE B 244 -4.37 17.68 -18.43
C ILE B 244 -4.49 16.23 -18.90
N ARG B 245 -4.34 16.05 -20.21
CA ARG B 245 -4.39 14.73 -20.80
C ARG B 245 -3.01 14.51 -21.38
N ALA B 246 -2.55 13.26 -21.38
CA ALA B 246 -1.24 12.96 -21.94
C ALA B 246 -1.11 11.48 -22.16
N LEU B 247 -0.24 11.13 -23.09
CA LEU B 247 0.02 9.73 -23.37
C LEU B 247 1.46 9.69 -23.84
N GLY B 248 2.12 8.56 -23.64
CA GLY B 248 3.49 8.46 -24.06
C GLY B 248 4.06 7.06 -23.99
N TYR B 249 5.20 6.88 -24.64
CA TYR B 249 5.91 5.62 -24.70
C TYR B 249 7.30 5.95 -24.21
N SER B 250 7.67 5.36 -23.07
CA SER B 250 8.93 5.65 -22.42
C SER B 250 9.85 4.46 -22.20
N PRO B 251 10.87 4.30 -23.04
CA PRO B 251 11.81 3.18 -22.90
C PRO B 251 12.89 3.48 -21.86
N GLU B 252 12.91 4.72 -21.36
CA GLU B 252 13.94 5.12 -20.42
C GLU B 252 13.45 5.34 -18.99
N LEU B 253 14.06 4.60 -18.06
CA LEU B 253 13.74 4.71 -16.64
C LEU B 253 14.71 5.71 -16.02
N VAL B 254 14.19 6.79 -15.43
CA VAL B 254 15.07 7.76 -14.81
C VAL B 254 15.46 7.26 -13.43
N THR B 255 14.52 6.59 -12.75
CA THR B 255 14.78 6.08 -11.42
C THR B 255 13.80 4.99 -11.05
N ALA B 256 14.32 3.92 -10.46
CA ALA B 256 13.49 2.82 -9.99
C ALA B 256 14.07 2.42 -8.64
N VAL B 257 13.20 2.31 -7.64
CA VAL B 257 13.62 1.92 -6.31
C VAL B 257 12.80 0.71 -5.89
N ARG B 258 13.46 -0.34 -5.44
CA ARG B 258 12.76 -1.54 -5.02
C ARG B 258 12.64 -1.58 -3.50
N ALA B 259 11.63 -2.29 -3.01
CA ALA B 259 11.38 -2.41 -1.58
C ALA B 259 12.64 -2.86 -0.83
N ASP B 260 13.45 -3.69 -1.49
CA ASP B 260 14.67 -4.19 -0.89
C ASP B 260 15.80 -3.16 -0.87
N GLY B 261 15.54 -1.98 -1.40
CA GLY B 261 16.55 -0.93 -1.39
C GLY B 261 17.38 -0.73 -2.65
N VAL B 262 17.29 -1.65 -3.61
CA VAL B 262 18.07 -1.48 -4.83
C VAL B 262 17.51 -0.32 -5.65
N VAL B 263 18.39 0.54 -6.12
CA VAL B 263 18.02 1.71 -6.91
C VAL B 263 18.70 1.58 -8.27
N ILE B 264 17.96 1.85 -9.33
CA ILE B 264 18.55 1.77 -10.67
C ILE B 264 18.11 2.93 -11.52
N THR B 265 18.94 3.24 -12.51
CA THR B 265 18.64 4.29 -13.46
C THR B 265 19.21 3.75 -14.77
N GLU B 266 18.53 4.00 -15.89
CA GLU B 266 19.02 3.47 -17.16
C GLU B 266 19.13 4.52 -18.26
N PRO B 267 20.23 5.29 -18.27
CA PRO B 267 20.37 6.30 -19.31
C PRO B 267 20.44 5.64 -20.69
N LEU B 268 19.70 6.21 -21.64
CA LEU B 268 19.68 5.70 -23.00
C LEU B 268 20.69 6.49 -23.80
N ALA B 269 21.50 5.78 -24.60
CA ALA B 269 22.53 6.39 -25.42
C ALA B 269 22.02 6.81 -26.79
N GLY B 270 21.20 5.97 -27.38
CA GLY B 270 20.67 6.27 -28.70
C GLY B 270 19.65 5.25 -29.15
N THR B 271 18.98 5.56 -30.25
CA THR B 271 17.94 4.69 -30.81
C THR B 271 18.01 4.65 -32.33
N ARG B 272 17.71 3.49 -32.91
CA ARG B 272 17.68 3.34 -34.36
C ARG B 272 16.47 2.47 -34.70
N ALA B 273 16.03 2.55 -35.94
CA ALA B 273 14.88 1.77 -36.36
C ALA B 273 15.22 0.28 -36.37
N LEU B 274 14.19 -0.55 -36.25
CA LEU B 274 14.35 -2.00 -36.26
C LEU B 274 13.16 -2.60 -37.01
N GLY B 275 13.32 -3.82 -37.50
CA GLY B 275 12.23 -4.47 -38.22
C GLY B 275 12.07 -4.08 -39.69
N ARG B 276 13.16 -3.66 -40.32
CA ARG B 276 13.11 -3.28 -41.73
C ARG B 276 13.93 -4.23 -42.59
N GLY B 277 14.19 -5.42 -42.05
CA GLY B 277 14.96 -6.40 -42.78
C GLY B 277 16.33 -6.56 -42.16
N PRO B 278 16.94 -7.75 -42.27
CA PRO B 278 18.26 -8.00 -41.69
C PRO B 278 19.36 -7.03 -42.15
N ALA B 279 19.47 -6.82 -43.46
CA ALA B 279 20.49 -5.93 -44.00
C ALA B 279 20.38 -4.52 -43.46
N ILE B 280 19.17 -3.95 -43.52
CA ILE B 280 18.93 -2.60 -43.04
C ILE B 280 19.11 -2.52 -41.52
N ASP B 281 18.55 -3.48 -40.80
CA ASP B 281 18.66 -3.51 -39.35
C ASP B 281 20.11 -3.66 -38.89
N ARG B 282 20.88 -4.46 -39.62
CA ARG B 282 22.28 -4.66 -39.26
C ARG B 282 23.07 -3.36 -39.38
N LEU B 283 22.89 -2.66 -40.50
CA LEU B 283 23.59 -1.40 -40.71
C LEU B 283 23.22 -0.44 -39.57
N ALA B 284 21.94 -0.42 -39.23
CA ALA B 284 21.44 0.44 -38.17
C ALA B 284 22.06 0.08 -36.83
N ARG B 285 22.18 -1.21 -36.56
CA ARG B 285 22.77 -1.62 -35.30
C ARG B 285 24.25 -1.27 -35.23
N ASP B 286 24.97 -1.45 -36.34
CA ASP B 286 26.39 -1.13 -36.36
C ASP B 286 26.61 0.35 -36.08
N ASP B 287 25.77 1.19 -36.66
CA ASP B 287 25.89 2.64 -36.45
C ASP B 287 25.60 2.95 -34.99
N LEU B 288 24.55 2.32 -34.47
CA LEU B 288 24.13 2.51 -33.09
C LEU B 288 25.28 2.19 -32.12
N GLU B 289 25.95 1.08 -32.35
CA GLU B 289 27.04 0.65 -31.48
C GLU B 289 28.41 1.24 -31.80
N SER B 290 28.51 2.05 -32.86
CA SER B 290 29.80 2.63 -33.21
C SER B 290 29.83 4.15 -33.31
N ASN B 291 28.67 4.78 -33.28
CA ASN B 291 28.61 6.24 -33.40
C ASN B 291 29.38 6.94 -32.29
N SER B 292 30.50 7.57 -32.65
CA SER B 292 31.35 8.26 -31.69
C SER B 292 30.65 9.29 -30.80
N LYS B 293 29.86 10.18 -31.41
CA LYS B 293 29.15 11.20 -30.64
C LYS B 293 28.26 10.56 -29.58
N GLU B 294 27.48 9.57 -30.01
CA GLU B 294 26.59 8.90 -29.07
C GLU B 294 27.32 8.12 -27.99
N ILE B 295 28.43 7.48 -28.36
CA ILE B 295 29.21 6.73 -27.37
C ILE B 295 29.82 7.66 -26.32
N VAL B 296 30.44 8.76 -26.78
CA VAL B 296 31.05 9.72 -25.85
C VAL B 296 30.04 10.32 -24.90
N GLU B 297 28.92 10.79 -25.45
CA GLU B 297 27.91 11.40 -24.62
C GLU B 297 27.29 10.38 -23.67
N HIS B 298 27.16 9.14 -24.12
CA HIS B 298 26.62 8.11 -23.24
C HIS B 298 27.59 7.86 -22.08
N ALA B 299 28.89 7.80 -22.41
CA ALA B 299 29.91 7.58 -21.39
C ALA B 299 29.85 8.67 -20.34
N ILE B 300 29.73 9.91 -20.80
CA ILE B 300 29.65 11.04 -19.90
C ILE B 300 28.39 10.97 -19.06
N SER B 301 27.29 10.53 -19.67
CA SER B 301 26.02 10.41 -18.96
C SER B 301 26.08 9.31 -17.90
N VAL B 302 26.76 8.22 -18.24
CA VAL B 302 26.90 7.10 -17.29
C VAL B 302 27.73 7.56 -16.11
N ARG B 303 28.81 8.28 -16.40
CA ARG B 303 29.68 8.80 -15.35
C ARG B 303 28.85 9.71 -14.43
N SER B 304 28.07 10.60 -15.04
CA SER B 304 27.22 11.51 -14.29
C SER B 304 26.23 10.77 -13.40
N SER B 305 25.56 9.77 -13.98
CA SER B 305 24.58 8.98 -13.24
C SER B 305 25.22 8.27 -12.05
N LEU B 306 26.43 7.76 -12.26
CA LEU B 306 27.14 7.06 -11.20
C LEU B 306 27.46 8.02 -10.06
N GLU B 307 27.97 9.19 -10.40
CA GLU B 307 28.31 10.20 -9.42
C GLU B 307 27.08 10.59 -8.60
N GLU B 308 25.96 10.82 -9.28
CA GLU B 308 24.73 11.19 -8.60
C GLU B 308 24.15 10.09 -7.73
N ILE B 309 24.15 8.87 -8.24
CA ILE B 309 23.59 7.76 -7.47
C ILE B 309 24.46 7.47 -6.25
N THR B 310 25.76 7.71 -6.37
CA THR B 310 26.67 7.48 -5.25
C THR B 310 26.35 8.41 -4.08
N ASP B 311 25.82 9.60 -4.37
CA ASP B 311 25.49 10.54 -3.30
C ASP B 311 24.38 10.08 -2.38
N ILE B 312 23.63 9.07 -2.79
CA ILE B 312 22.53 8.55 -1.98
C ILE B 312 22.61 7.04 -1.76
N ALA B 313 23.75 6.46 -2.13
CA ALA B 313 23.94 5.02 -1.99
C ALA B 313 24.89 4.61 -0.87
N GLU B 314 24.79 3.35 -0.49
CA GLU B 314 25.66 2.80 0.53
C GLU B 314 27.04 2.75 -0.12
N PRO B 315 28.08 3.21 0.59
CA PRO B 315 29.44 3.20 0.04
C PRO B 315 29.80 1.91 -0.68
N GLY B 316 30.38 2.04 -1.87
CA GLY B 316 30.79 0.88 -2.65
C GLY B 316 29.71 -0.01 -3.23
N SER B 317 28.47 0.48 -3.30
CA SER B 317 27.39 -0.35 -3.84
C SER B 317 27.04 0.02 -5.28
N ALA B 318 27.47 1.20 -5.72
CA ALA B 318 27.18 1.66 -7.07
C ALA B 318 27.97 0.92 -8.12
N ALA B 319 27.31 0.53 -9.20
CA ALA B 319 27.96 -0.20 -10.29
C ALA B 319 27.18 -0.07 -11.59
N VAL B 320 27.88 -0.25 -12.71
CA VAL B 320 27.25 -0.21 -14.01
C VAL B 320 27.07 -1.65 -14.46
N ILE B 321 25.83 -2.05 -14.73
CA ILE B 321 25.58 -3.40 -15.21
C ILE B 321 25.03 -3.30 -16.64
N ASP B 322 25.39 -4.25 -17.49
CA ASP B 322 24.94 -4.25 -18.88
C ASP B 322 25.35 -2.98 -19.63
N PHE B 323 26.56 -2.51 -19.38
CA PHE B 323 27.11 -1.31 -20.02
C PHE B 323 27.04 -1.42 -21.56
N MET B 324 26.45 -0.40 -22.18
CA MET B 324 26.33 -0.36 -23.63
C MET B 324 25.75 -1.60 -24.27
N THR B 325 24.57 -2.01 -23.80
CA THR B 325 23.93 -3.18 -24.37
C THR B 325 22.77 -2.69 -25.23
N VAL B 326 22.45 -3.46 -26.25
CA VAL B 326 21.35 -3.10 -27.13
C VAL B 326 20.08 -3.82 -26.75
N ARG B 327 18.98 -3.08 -26.71
CA ARG B 327 17.67 -3.63 -26.39
C ARG B 327 16.77 -3.50 -27.61
N GLU B 328 16.37 -4.63 -28.17
CA GLU B 328 15.48 -4.59 -29.32
C GLU B 328 14.06 -4.52 -28.80
N ARG B 329 13.32 -3.53 -29.27
CA ARG B 329 11.94 -3.35 -28.84
C ARG B 329 11.00 -3.23 -30.03
N GLY B 330 10.99 -4.25 -30.87
CA GLY B 330 10.11 -4.23 -32.03
C GLY B 330 10.45 -3.29 -33.16
N SER B 331 9.86 -2.10 -33.15
CA SER B 331 10.07 -1.09 -34.17
C SER B 331 11.38 -0.32 -34.03
N VAL B 332 12.02 -0.45 -32.87
CA VAL B 332 13.27 0.24 -32.62
C VAL B 332 14.21 -0.59 -31.77
N GLN B 333 15.46 -0.16 -31.75
CA GLN B 333 16.48 -0.82 -30.95
C GLN B 333 17.19 0.32 -30.22
N HIS B 334 17.43 0.12 -28.92
CA HIS B 334 18.08 1.15 -28.11
C HIS B 334 19.43 0.69 -27.57
N LEU B 335 20.33 1.64 -27.41
CA LEU B 335 21.65 1.38 -26.83
C LEU B 335 21.58 2.07 -25.47
N GLY B 336 21.98 1.38 -24.41
CA GLY B 336 21.95 2.00 -23.09
C GLY B 336 22.73 1.23 -22.06
N SER B 337 22.68 1.72 -20.82
CA SER B 337 23.36 1.09 -19.70
C SER B 337 22.48 1.16 -18.46
N THR B 338 22.75 0.27 -17.52
CA THR B 338 21.99 0.24 -16.28
C THR B 338 22.92 0.52 -15.10
N ILE B 339 22.61 1.55 -14.34
CA ILE B 339 23.40 1.90 -13.18
C ILE B 339 22.58 1.45 -11.98
N ARG B 340 23.20 0.71 -11.07
CA ARG B 340 22.51 0.22 -9.90
C ARG B 340 23.29 0.51 -8.63
N ALA B 341 22.59 0.58 -7.50
CA ALA B 341 23.23 0.83 -6.23
C ALA B 341 22.27 0.41 -5.14
N ARG B 342 22.70 0.51 -3.89
CA ARG B 342 21.85 0.19 -2.76
C ARG B 342 21.59 1.52 -2.08
N LEU B 343 20.31 1.80 -1.82
CA LEU B 343 19.91 3.04 -1.19
C LEU B 343 20.46 3.11 0.24
N ASP B 344 21.13 4.21 0.56
CA ASP B 344 21.70 4.41 1.90
C ASP B 344 20.54 4.40 2.89
N PRO B 345 20.70 3.71 4.03
CA PRO B 345 19.62 3.67 5.03
C PRO B 345 19.19 5.05 5.51
N SER B 346 20.01 6.06 5.24
CA SER B 346 19.70 7.42 5.65
C SER B 346 18.96 8.18 4.55
N SER B 347 18.89 7.56 3.37
CA SER B 347 18.21 8.16 2.22
C SER B 347 16.88 7.47 1.97
N ASP B 348 16.08 8.03 1.06
CA ASP B 348 14.78 7.46 0.73
C ASP B 348 14.50 7.52 -0.79
N ARG B 349 13.41 6.90 -1.22
CA ARG B 349 13.08 6.88 -2.64
C ARG B 349 12.96 8.26 -3.26
N MET B 350 12.45 9.23 -2.51
CA MET B 350 12.29 10.57 -3.04
C MET B 350 13.64 11.27 -3.18
N ALA B 351 14.56 10.97 -2.28
CA ALA B 351 15.90 11.56 -2.33
C ALA B 351 16.62 10.95 -3.52
N ALA B 352 16.25 9.71 -3.85
CA ALA B 352 16.86 9.02 -4.99
C ALA B 352 16.39 9.69 -6.28
N LEU B 353 15.09 9.96 -6.36
CA LEU B 353 14.54 10.60 -7.54
C LEU B 353 15.14 11.98 -7.77
N GLU B 354 15.25 12.79 -6.71
CA GLU B 354 15.79 14.12 -6.94
C GLU B 354 17.30 14.11 -7.22
N ALA B 355 17.98 13.04 -6.81
CA ALA B 355 19.42 12.93 -7.06
C ALA B 355 19.69 12.65 -8.54
N LEU B 356 18.72 12.02 -9.19
CA LEU B 356 18.86 11.67 -10.61
C LEU B 356 17.99 12.56 -11.49
N PHE B 357 17.42 13.60 -10.90
CA PHE B 357 16.55 14.55 -11.61
C PHE B 357 17.20 15.91 -11.77
N PRO B 358 17.07 16.53 -12.96
CA PRO B 358 16.37 15.99 -14.12
C PRO B 358 17.30 14.97 -14.78
N ALA B 359 16.77 14.11 -15.61
CA ALA B 359 17.57 13.10 -16.27
C ALA B 359 18.73 13.77 -17.01
N VAL B 360 19.94 13.25 -16.81
CA VAL B 360 21.12 13.81 -17.46
C VAL B 360 20.96 13.73 -18.99
N THR B 361 20.23 12.73 -19.47
CA THR B 361 20.05 12.57 -20.91
C THR B 361 19.08 13.57 -21.53
N ALA B 362 18.34 14.30 -20.71
CA ALA B 362 17.38 15.27 -21.22
C ALA B 362 17.63 16.68 -20.70
N SER B 363 18.74 16.88 -20.02
CA SER B 363 19.07 18.19 -19.48
C SER B 363 20.38 18.72 -20.07
N GLY B 364 21.50 18.29 -19.53
CA GLY B 364 22.78 18.75 -20.06
C GLY B 364 23.95 18.39 -19.17
N ILE B 365 25.13 18.82 -19.61
CA ILE B 365 26.38 18.56 -18.88
C ILE B 365 27.25 19.82 -18.90
N PRO B 366 27.62 20.35 -17.72
CA PRO B 366 27.26 19.89 -16.38
C PRO B 366 25.76 20.12 -16.22
N LYS B 367 25.11 19.31 -15.39
CA LYS B 367 23.68 19.46 -15.19
C LYS B 367 23.23 20.86 -14.81
N ALA B 368 23.85 21.41 -13.77
CA ALA B 368 23.48 22.74 -13.30
C ALA B 368 23.47 23.77 -14.43
N ALA B 369 24.50 23.75 -15.28
CA ALA B 369 24.62 24.67 -16.40
C ALA B 369 23.60 24.34 -17.48
N GLY B 370 23.38 23.04 -17.70
CA GLY B 370 22.42 22.61 -18.70
C GLY B 370 21.03 23.08 -18.35
N VAL B 371 20.63 22.86 -17.11
CA VAL B 371 19.32 23.28 -16.65
C VAL B 371 19.16 24.79 -16.80
N GLU B 372 20.20 25.53 -16.42
CA GLU B 372 20.18 26.99 -16.52
C GLU B 372 19.99 27.42 -17.97
N ALA B 373 20.69 26.77 -18.89
CA ALA B 373 20.58 27.09 -20.31
C ALA B 373 19.19 26.82 -20.85
N ILE B 374 18.55 25.76 -20.34
CA ILE B 374 17.22 25.39 -20.77
C ILE B 374 16.23 26.51 -20.40
N PHE B 375 16.44 27.14 -19.25
CA PHE B 375 15.57 28.26 -18.85
C PHE B 375 15.63 29.40 -19.86
N ARG B 376 16.80 29.60 -20.47
CA ARG B 376 17.01 30.68 -21.43
C ARG B 376 16.83 30.34 -22.90
N LEU B 377 17.12 29.10 -23.28
CA LEU B 377 17.04 28.71 -24.69
C LEU B 377 15.90 27.79 -25.08
N ASP B 378 15.07 27.40 -24.12
CA ASP B 378 13.96 26.51 -24.39
C ASP B 378 12.64 27.13 -23.93
N GLU B 379 11.52 26.62 -24.46
CA GLU B 379 10.21 27.12 -24.07
C GLU B 379 9.88 26.52 -22.71
N CYS B 380 9.82 27.36 -21.67
CA CYS B 380 9.53 26.87 -20.34
C CYS B 380 8.18 27.35 -19.81
N PRO B 381 7.60 26.63 -18.83
CA PRO B 381 8.11 25.40 -18.22
C PRO B 381 7.98 24.20 -19.15
N ARG B 382 8.78 23.17 -18.89
CA ARG B 382 8.71 21.96 -19.71
C ARG B 382 7.58 21.05 -19.25
N GLY B 383 7.20 21.18 -17.98
CA GLY B 383 6.13 20.36 -17.46
C GLY B 383 6.45 18.88 -17.51
N LEU B 384 5.53 18.09 -18.07
CA LEU B 384 5.71 16.67 -18.18
C LEU B 384 6.85 16.28 -19.12
N TYR B 385 7.14 17.11 -20.11
CA TYR B 385 8.22 16.82 -21.06
C TYR B 385 9.56 16.81 -20.30
N SER B 386 10.29 15.70 -20.42
CA SER B 386 11.57 15.48 -19.75
C SER B 386 11.36 15.36 -18.25
N GLY B 387 10.10 15.18 -17.87
CA GLY B 387 9.72 14.95 -16.48
C GLY B 387 9.49 13.45 -16.42
N ALA B 388 8.71 12.96 -15.47
CA ALA B 388 8.48 11.52 -15.41
C ALA B 388 7.06 11.16 -14.96
N VAL B 389 6.61 9.97 -15.36
CA VAL B 389 5.32 9.47 -14.91
C VAL B 389 5.76 8.46 -13.86
N VAL B 390 5.10 8.48 -12.70
CA VAL B 390 5.52 7.62 -11.61
C VAL B 390 4.47 6.73 -10.96
N MET B 391 4.96 5.64 -10.36
CA MET B 391 4.13 4.70 -9.63
C MET B 391 4.89 4.44 -8.34
N LEU B 392 4.20 4.56 -7.21
CA LEU B 392 4.82 4.34 -5.91
C LEU B 392 4.02 3.30 -5.15
N SER B 393 4.69 2.56 -4.26
CA SER B 393 3.99 1.54 -3.49
C SER B 393 4.30 1.63 -2.00
N ALA B 394 3.37 1.08 -1.21
CA ALA B 394 3.48 1.09 0.25
C ALA B 394 4.72 0.37 0.76
N ASP B 395 5.28 -0.51 -0.08
CA ASP B 395 6.48 -1.26 0.30
C ASP B 395 7.73 -0.40 0.17
N GLY B 396 7.57 0.81 -0.34
CA GLY B 396 8.70 1.71 -0.51
C GLY B 396 9.22 1.76 -1.93
N GLY B 397 8.49 1.13 -2.85
CA GLY B 397 8.92 1.13 -4.24
C GLY B 397 8.63 2.41 -4.98
N LEU B 398 9.38 2.66 -6.05
CA LEU B 398 9.21 3.84 -6.88
C LEU B 398 9.59 3.46 -8.30
N ASP B 399 8.80 3.86 -9.27
CA ASP B 399 9.10 3.57 -10.66
C ASP B 399 8.83 4.86 -11.42
N ALA B 400 9.89 5.46 -11.97
CA ALA B 400 9.75 6.72 -12.69
C ALA B 400 10.27 6.60 -14.12
N ALA B 401 9.34 6.67 -15.08
CA ALA B 401 9.65 6.59 -16.50
C ALA B 401 9.83 7.98 -17.09
N LEU B 402 10.96 8.20 -17.76
CA LEU B 402 11.24 9.51 -18.36
C LEU B 402 10.26 9.76 -19.52
N THR B 403 9.60 10.90 -19.48
CA THR B 403 8.62 11.28 -20.49
C THR B 403 9.26 12.13 -21.59
N LEU B 404 9.31 11.60 -22.81
CA LEU B 404 9.88 12.34 -23.95
C LEU B 404 9.00 12.20 -25.18
N ARG B 405 8.74 10.95 -25.58
CA ARG B 405 7.88 10.68 -26.73
C ARG B 405 6.47 10.64 -26.20
N ALA B 406 5.81 11.79 -26.21
CA ALA B 406 4.47 11.89 -25.67
C ALA B 406 3.68 13.04 -26.30
N ALA B 407 2.37 13.02 -26.08
CA ALA B 407 1.46 14.05 -26.56
C ALA B 407 0.75 14.60 -25.32
N TYR B 408 0.48 15.90 -25.32
CA TYR B 408 -0.15 16.55 -24.19
C TYR B 408 -1.32 17.46 -24.61
N GLN B 409 -2.23 17.70 -23.68
CA GLN B 409 -3.36 18.61 -23.88
C GLN B 409 -3.56 19.33 -22.55
N VAL B 410 -3.23 20.61 -22.53
CA VAL B 410 -3.39 21.42 -21.33
C VAL B 410 -4.17 22.64 -21.76
N GLY B 411 -5.23 22.97 -21.04
CA GLY B 411 -6.04 24.10 -21.43
C GLY B 411 -6.57 23.83 -22.82
N GLY B 412 -6.47 24.80 -23.72
CA GLY B 412 -6.95 24.59 -25.08
C GLY B 412 -5.81 24.32 -26.04
N ARG B 413 -4.69 23.85 -25.52
CA ARG B 413 -3.52 23.56 -26.36
C ARG B 413 -3.15 22.08 -26.41
N THR B 414 -2.93 21.56 -27.61
CA THR B 414 -2.54 20.18 -27.82
C THR B 414 -1.19 20.19 -28.54
N TRP B 415 -0.21 19.45 -28.01
CA TRP B 415 1.09 19.46 -28.66
C TRP B 415 1.96 18.24 -28.40
N LEU B 416 3.06 18.18 -29.15
CA LEU B 416 4.07 17.14 -29.05
C LEU B 416 5.37 17.91 -28.84
N ARG B 417 6.37 17.25 -28.23
CA ARG B 417 7.64 17.92 -27.99
C ARG B 417 8.80 16.95 -28.18
N ALA B 418 9.85 17.41 -28.87
CA ALA B 418 11.01 16.57 -29.11
C ALA B 418 12.28 17.43 -29.07
N GLY B 419 13.37 16.85 -28.61
CA GLY B 419 14.60 17.59 -28.52
C GLY B 419 15.80 16.83 -29.04
N ALA B 420 16.98 17.41 -28.84
CA ALA B 420 18.22 16.82 -29.29
C ALA B 420 19.36 17.30 -28.40
N GLY B 421 20.37 16.44 -28.22
CA GLY B 421 21.49 16.82 -27.40
C GLY B 421 22.40 17.70 -28.24
N ILE B 422 22.63 18.92 -27.78
CA ILE B 422 23.47 19.85 -28.51
C ILE B 422 24.87 19.91 -27.92
N ILE B 423 25.88 19.64 -28.75
CA ILE B 423 27.27 19.71 -28.31
C ILE B 423 28.01 20.67 -29.25
N GLU B 424 29.29 20.89 -28.99
CA GLU B 424 30.08 21.82 -29.79
C GLU B 424 30.07 21.60 -31.31
N GLU B 425 30.06 20.34 -31.74
CA GLU B 425 30.08 20.05 -33.18
C GLU B 425 28.69 19.97 -33.80
N SER B 426 27.65 20.19 -33.00
CA SER B 426 26.28 20.12 -33.50
C SER B 426 25.94 21.09 -34.63
N GLU B 427 25.19 20.59 -35.61
CA GLU B 427 24.74 21.40 -36.75
C GLU B 427 23.24 21.56 -36.60
N PRO B 428 22.75 22.81 -36.52
CA PRO B 428 21.31 23.05 -36.38
C PRO B 428 20.41 22.24 -37.32
N GLU B 429 20.80 22.11 -38.58
CA GLU B 429 19.99 21.37 -39.54
C GLU B 429 19.85 19.89 -39.21
N ARG B 430 20.95 19.26 -38.81
CA ARG B 430 20.92 17.84 -38.49
C ARG B 430 20.11 17.62 -37.21
N GLU B 431 20.28 18.51 -36.24
CA GLU B 431 19.56 18.40 -34.98
C GLU B 431 18.06 18.57 -35.20
N PHE B 432 17.68 19.43 -36.14
CA PHE B 432 16.26 19.62 -36.42
C PHE B 432 15.74 18.32 -37.02
N GLU B 433 16.50 17.75 -37.95
CA GLU B 433 16.11 16.49 -38.57
C GLU B 433 15.99 15.43 -37.49
N GLU B 434 16.86 15.53 -36.50
CA GLU B 434 16.89 14.61 -35.38
C GLU B 434 15.53 14.64 -34.68
N THR B 435 15.05 15.84 -34.39
CA THR B 435 13.75 15.99 -33.71
C THR B 435 12.59 15.47 -34.57
N CYS B 436 12.71 15.59 -35.88
CA CYS B 436 11.67 15.11 -36.79
C CYS B 436 11.56 13.59 -36.72
N GLU B 437 12.71 12.93 -36.66
CA GLU B 437 12.73 11.48 -36.58
C GLU B 437 12.09 11.02 -35.29
N LYS B 438 12.36 11.71 -34.19
CA LYS B 438 11.78 11.33 -32.90
C LYS B 438 10.28 11.56 -32.89
N LEU B 439 9.85 12.70 -33.43
CA LEU B 439 8.43 13.02 -33.47
C LEU B 439 7.65 12.01 -34.32
N SER B 440 8.32 11.45 -35.33
CA SER B 440 7.71 10.49 -36.23
C SER B 440 7.30 9.18 -35.61
N THR B 441 7.72 8.93 -34.38
CA THR B 441 7.34 7.68 -33.72
C THR B 441 5.93 7.85 -33.16
N LEU B 442 5.39 9.06 -33.25
CA LEU B 442 4.06 9.34 -32.72
C LEU B 442 3.15 10.17 -33.65
N THR B 443 3.76 11.02 -34.49
CA THR B 443 2.99 11.87 -35.39
C THR B 443 2.12 11.16 -36.42
N PRO B 444 2.43 9.89 -36.75
CA PRO B 444 1.59 9.22 -37.74
C PRO B 444 0.38 8.53 -37.10
N TYR B 445 0.28 8.62 -35.77
CA TYR B 445 -0.80 7.92 -35.07
C TYR B 445 -1.74 8.79 -34.26
N LEU B 446 -1.91 10.04 -34.67
CA LEU B 446 -2.78 10.97 -33.97
C LEU B 446 -4.23 10.80 -34.41
N VAL B 447 -5.11 10.51 -33.45
CA VAL B 447 -6.53 10.32 -33.75
C VAL B 447 -7.32 11.52 -33.26
N ALA B 448 -7.99 12.20 -34.20
CA ALA B 448 -8.78 13.39 -33.87
C ALA B 448 -10.05 13.11 -33.08
N ARG B 449 -10.50 14.13 -32.35
CA ARG B 449 -11.71 14.16 -31.52
C ARG B 449 -11.43 14.23 -30.03
N SER C 15 38.39 21.55 34.95
CA SER C 15 39.09 22.78 34.49
C SER C 15 39.42 23.69 35.67
N SER C 16 40.51 24.45 35.56
CA SER C 16 40.91 25.37 36.60
C SER C 16 40.65 26.79 36.12
N SER C 17 40.23 27.66 37.04
CA SER C 17 39.94 29.03 36.67
C SER C 17 40.66 30.03 37.57
N ILE C 18 41.14 31.11 36.95
CA ILE C 18 41.83 32.16 37.67
C ILE C 18 41.15 33.49 37.39
N PRO C 19 40.87 34.28 38.44
CA PRO C 19 40.22 35.59 38.28
C PRO C 19 40.97 36.49 37.32
N MET C 20 40.24 37.23 36.51
CA MET C 20 40.86 38.13 35.54
C MET C 20 41.31 39.42 36.22
N PRO C 21 42.61 39.75 36.12
CA PRO C 21 43.13 40.97 36.73
C PRO C 21 42.36 42.18 36.23
N ALA C 22 41.65 42.85 37.14
CA ALA C 22 40.88 44.03 36.78
C ALA C 22 41.76 45.07 36.08
N GLY C 23 41.34 45.49 34.89
CA GLY C 23 42.11 46.48 34.17
C GLY C 23 42.74 46.01 32.87
N VAL C 24 43.03 44.72 32.76
CA VAL C 24 43.63 44.20 31.54
C VAL C 24 42.55 43.64 30.61
N ASN C 25 42.59 44.07 29.36
CA ASN C 25 41.62 43.65 28.36
C ASN C 25 41.77 42.17 27.99
N PRO C 26 40.64 41.44 27.96
CA PRO C 26 40.69 40.02 27.61
C PRO C 26 41.36 39.79 26.25
N ALA C 27 41.08 40.68 25.30
CA ALA C 27 41.65 40.55 23.97
C ALA C 27 43.17 40.58 23.96
N ASP C 28 43.76 41.46 24.77
CA ASP C 28 45.21 41.55 24.85
C ASP C 28 45.77 40.29 25.49
N LEU C 29 45.20 39.90 26.63
CA LEU C 29 45.65 38.71 27.31
C LEU C 29 45.53 37.46 26.44
N ALA C 30 44.38 37.31 25.79
CA ALA C 30 44.12 36.14 24.94
C ALA C 30 45.08 36.05 23.76
N ALA C 31 45.34 37.17 23.11
CA ALA C 31 46.23 37.18 21.96
C ALA C 31 47.67 36.94 22.40
N GLU C 32 48.03 37.46 23.57
CA GLU C 32 49.37 37.29 24.09
C GLU C 32 49.54 35.83 24.49
N LEU C 33 48.46 35.24 25.01
CA LEU C 33 48.46 33.84 25.42
C LEU C 33 48.79 32.98 24.20
N ALA C 34 48.17 33.30 23.07
CA ALA C 34 48.41 32.54 21.84
C ALA C 34 49.87 32.66 21.43
N ALA C 35 50.39 33.89 21.43
CA ALA C 35 51.77 34.15 21.04
C ALA C 35 52.74 33.34 21.90
N VAL C 36 52.51 33.33 23.21
CA VAL C 36 53.36 32.61 24.14
C VAL C 36 53.24 31.08 24.01
N VAL C 37 52.02 30.60 23.86
CA VAL C 37 51.78 29.17 23.73
C VAL C 37 52.38 28.57 22.45
N THR C 38 52.21 29.27 21.33
CA THR C 38 52.74 28.76 20.07
C THR C 38 54.26 28.68 20.09
N GLU C 39 54.89 29.58 20.85
CA GLU C 39 56.34 29.61 20.93
C GLU C 39 56.86 28.52 21.87
N SER C 40 56.40 28.53 23.12
CA SER C 40 56.85 27.57 24.11
C SER C 40 56.44 26.13 23.88
N VAL C 41 55.28 25.90 23.27
CA VAL C 41 54.79 24.55 23.04
C VAL C 41 54.77 24.14 21.57
N ASP C 42 55.15 25.05 20.68
CA ASP C 42 55.18 24.76 19.24
C ASP C 42 53.84 24.19 18.77
N GLU C 43 52.76 24.87 19.10
CA GLU C 43 51.44 24.39 18.70
C GLU C 43 50.69 25.38 17.84
N ASP C 44 49.82 24.84 16.98
CA ASP C 44 48.98 25.67 16.12
C ASP C 44 47.82 26.08 17.03
N TYR C 45 47.06 27.09 16.64
CA TYR C 45 45.96 27.53 17.49
C TYR C 45 44.92 28.32 16.71
N LEU C 46 43.79 28.55 17.36
CA LEU C 46 42.70 29.32 16.80
C LEU C 46 42.10 30.07 17.99
N LEU C 47 42.11 31.40 17.91
CA LEU C 47 41.54 32.23 18.96
C LEU C 47 40.25 32.79 18.34
N TYR C 48 39.13 32.59 19.04
CA TYR C 48 37.84 33.05 18.54
C TYR C 48 37.11 33.90 19.58
N GLU C 49 36.72 35.10 19.19
CA GLU C 49 35.99 36.00 20.09
C GLU C 49 34.50 35.84 19.83
N CYS C 50 33.77 35.50 20.88
CA CYS C 50 32.33 35.30 20.77
C CYS C 50 31.63 35.80 22.03
N ASP C 51 30.83 36.86 21.88
CA ASP C 51 30.05 37.46 22.97
C ASP C 51 30.83 37.69 24.27
N GLY C 52 31.90 38.47 24.20
CA GLY C 52 32.69 38.78 25.39
C GLY C 52 33.52 37.62 25.89
N GLN C 53 33.60 36.56 25.10
CA GLN C 53 34.38 35.39 25.47
C GLN C 53 35.43 35.12 24.40
N TRP C 54 36.69 35.08 24.81
CA TRP C 54 37.78 34.77 23.89
C TRP C 54 38.18 33.33 24.17
N VAL C 55 38.04 32.48 23.18
CA VAL C 55 38.39 31.08 23.37
C VAL C 55 39.62 30.75 22.54
N LEU C 56 40.69 30.34 23.23
CA LEU C 56 41.93 29.98 22.57
C LEU C 56 41.98 28.47 22.51
N ALA C 57 41.94 27.94 21.30
CA ALA C 57 41.99 26.50 21.09
C ALA C 57 43.45 26.26 20.71
N ALA C 58 44.20 25.57 21.58
CA ALA C 58 45.61 25.35 21.32
C ALA C 58 46.01 23.88 21.22
N GLY C 59 46.87 23.59 20.25
CA GLY C 59 47.32 22.24 20.02
C GLY C 59 46.31 21.45 19.22
N VAL C 60 46.79 20.56 18.36
CA VAL C 60 45.89 19.77 17.54
C VAL C 60 45.83 18.32 18.01
N GLN C 61 44.72 17.93 18.63
CA GLN C 61 44.55 16.57 19.08
C GLN C 61 44.13 15.74 17.86
N ALA C 62 43.23 16.30 17.06
CA ALA C 62 42.74 15.65 15.85
C ALA C 62 42.37 16.72 14.82
N MET C 63 42.73 16.48 13.57
CA MET C 63 42.46 17.43 12.49
C MET C 63 41.61 16.79 11.39
N VAL C 64 40.51 17.45 11.05
CA VAL C 64 39.65 16.95 9.98
C VAL C 64 39.91 17.86 8.79
N GLU C 65 40.36 17.27 7.70
CA GLU C 65 40.63 18.05 6.50
C GLU C 65 39.70 17.59 5.40
N LEU C 66 38.81 18.48 4.98
CA LEU C 66 37.88 18.18 3.90
C LEU C 66 38.34 18.91 2.65
N ASP C 67 38.62 18.15 1.59
CA ASP C 67 39.04 18.70 0.31
C ASP C 67 37.92 18.33 -0.66
N SER C 68 37.97 18.89 -1.86
CA SER C 68 36.95 18.62 -2.86
C SER C 68 36.88 17.16 -3.27
N ASP C 69 38.00 16.46 -3.13
CA ASP C 69 38.06 15.07 -3.56
C ASP C 69 38.45 14.05 -2.50
N GLU C 70 38.60 14.49 -1.26
CA GLU C 70 39.01 13.58 -0.21
C GLU C 70 38.72 14.12 1.18
N LEU C 71 38.56 13.22 2.13
CA LEU C 71 38.31 13.58 3.51
C LEU C 71 39.40 12.88 4.32
N ARG C 72 40.14 13.65 5.11
CA ARG C 72 41.21 13.10 5.93
C ARG C 72 40.98 13.42 7.40
N VAL C 73 41.33 12.47 8.25
CA VAL C 73 41.22 12.66 9.68
C VAL C 73 42.61 12.27 10.17
N ILE C 74 43.33 13.25 10.73
CA ILE C 74 44.68 13.04 11.20
C ILE C 74 44.74 13.08 12.71
N ARG C 75 45.22 12.00 13.32
CA ARG C 75 45.29 11.91 14.77
C ARG C 75 46.50 11.10 15.20
N ASP C 76 47.29 11.66 16.11
CA ASP C 76 48.48 10.98 16.62
C ASP C 76 49.39 10.49 15.50
N GLY C 77 49.65 11.35 14.52
CA GLY C 77 50.53 11.00 13.43
C GLY C 77 49.97 10.12 12.32
N VAL C 78 48.82 9.50 12.54
CA VAL C 78 48.23 8.65 11.52
C VAL C 78 47.12 9.35 10.75
N THR C 79 47.14 9.20 9.43
CA THR C 79 46.14 9.80 8.56
C THR C 79 45.16 8.78 8.00
N ARG C 80 43.89 8.98 8.31
CA ARG C 80 42.82 8.12 7.81
C ARG C 80 42.24 8.89 6.62
N ARG C 81 42.34 8.32 5.43
CA ARG C 81 41.84 8.98 4.23
C ARG C 81 40.63 8.26 3.67
N GLN C 82 39.77 9.00 2.98
CA GLN C 82 38.57 8.41 2.39
C GLN C 82 37.96 9.34 1.36
N GLN C 83 37.29 8.74 0.38
CA GLN C 83 36.60 9.50 -0.64
C GLN C 83 35.24 9.75 -0.03
N TRP C 84 34.71 10.96 -0.18
CA TRP C 84 33.40 11.24 0.38
C TRP C 84 32.40 11.52 -0.72
N SER C 85 31.13 11.38 -0.39
CA SER C 85 30.05 11.62 -1.34
C SER C 85 28.95 12.35 -0.58
N GLY C 86 27.93 12.80 -1.30
CA GLY C 86 26.84 13.51 -0.66
C GLY C 86 27.19 14.98 -0.49
N ARG C 87 26.53 15.65 0.44
CA ARG C 87 26.78 17.06 0.68
C ARG C 87 28.06 17.23 1.51
N PRO C 88 28.83 18.29 1.25
CA PRO C 88 30.07 18.50 2.02
C PRO C 88 29.77 18.75 3.49
N GLY C 89 28.62 19.34 3.77
CA GLY C 89 28.23 19.60 5.15
C GLY C 89 28.02 18.31 5.92
N ALA C 90 27.38 17.34 5.28
CA ALA C 90 27.13 16.06 5.91
C ALA C 90 28.44 15.31 6.16
N ALA C 91 29.32 15.36 5.17
CA ALA C 91 30.62 14.70 5.27
C ALA C 91 31.45 15.32 6.40
N LEU C 92 31.47 16.65 6.46
CA LEU C 92 32.22 17.34 7.49
C LEU C 92 31.58 17.11 8.85
N GLY C 93 30.26 17.22 8.89
CA GLY C 93 29.52 17.04 10.14
C GLY C 93 29.72 15.67 10.77
N GLU C 94 29.74 14.62 9.94
CA GLU C 94 29.92 13.27 10.46
C GLU C 94 31.27 13.11 11.15
N ALA C 95 32.31 13.66 10.53
CA ALA C 95 33.66 13.58 11.07
C ALA C 95 33.81 14.41 12.34
N VAL C 96 33.29 15.63 12.32
CA VAL C 96 33.40 16.50 13.49
C VAL C 96 32.53 15.99 14.64
N ASP C 97 31.35 15.48 14.33
CA ASP C 97 30.47 14.97 15.40
C ASP C 97 31.21 13.84 16.12
N ARG C 98 31.91 13.02 15.36
CA ARG C 98 32.68 11.91 15.91
C ARG C 98 33.68 12.43 16.94
N LEU C 99 34.41 13.47 16.58
CA LEU C 99 35.39 14.06 17.46
C LEU C 99 34.75 14.64 18.71
N LEU C 100 33.56 15.23 18.54
CA LEU C 100 32.86 15.84 19.66
C LEU C 100 32.20 14.85 20.61
N LEU C 101 32.35 13.56 20.36
CA LEU C 101 31.80 12.55 21.26
C LEU C 101 32.76 12.42 22.44
N GLU C 102 34.02 12.79 22.21
CA GLU C 102 35.06 12.70 23.23
C GLU C 102 35.68 14.03 23.65
N THR C 103 35.24 15.12 23.04
CA THR C 103 35.78 16.43 23.42
C THR C 103 34.65 17.46 23.34
N ASP C 104 34.81 18.59 24.02
CA ASP C 104 33.74 19.60 24.08
C ASP C 104 33.58 20.59 22.93
N GLN C 105 34.67 20.93 22.25
CA GLN C 105 34.59 21.88 21.14
C GLN C 105 35.58 21.59 20.02
N ALA C 106 35.26 22.09 18.82
CA ALA C 106 36.10 21.94 17.64
C ALA C 106 36.16 23.31 16.98
N PHE C 107 37.27 23.62 16.34
CA PHE C 107 37.46 24.93 15.73
C PHE C 107 38.06 24.84 14.34
N GLY C 108 37.90 25.90 13.56
CA GLY C 108 38.49 25.86 12.23
C GLY C 108 37.89 26.85 11.27
N TRP C 109 38.08 26.56 9.99
CA TRP C 109 37.57 27.44 8.97
C TRP C 109 36.95 26.65 7.84
N VAL C 110 36.05 27.32 7.15
CA VAL C 110 35.34 26.75 6.03
C VAL C 110 35.59 27.71 4.87
N ALA C 111 36.11 27.16 3.77
CA ALA C 111 36.41 27.98 2.60
C ALA C 111 35.18 28.39 1.81
N PHE C 112 35.34 29.43 1.01
CA PHE C 112 34.25 29.90 0.15
C PHE C 112 33.77 28.73 -0.70
N GLU C 113 34.71 27.92 -1.18
CA GLU C 113 34.43 26.78 -2.05
C GLU C 113 33.51 25.74 -1.43
N PHE C 114 33.39 25.75 -0.10
CA PHE C 114 32.51 24.83 0.59
C PHE C 114 31.06 25.04 0.16
N GLY C 115 30.76 26.25 -0.33
CA GLY C 115 29.39 26.53 -0.72
C GLY C 115 29.00 26.40 -2.18
N VAL C 116 29.86 25.80 -3.00
CA VAL C 116 29.52 25.68 -4.42
C VAL C 116 28.73 24.41 -4.74
N HIS C 117 28.84 23.42 -3.87
CA HIS C 117 28.15 22.15 -4.08
C HIS C 117 26.64 22.26 -4.09
N ARG C 118 26.08 23.13 -3.26
CA ARG C 118 24.64 23.31 -3.21
C ARG C 118 24.08 23.84 -4.52
N TYR C 119 24.96 24.34 -5.39
CA TYR C 119 24.52 24.86 -6.68
C TYR C 119 25.03 24.00 -7.83
N GLY C 120 25.54 22.82 -7.49
CA GLY C 120 26.04 21.89 -8.50
C GLY C 120 27.23 22.40 -9.30
N LEU C 121 28.07 23.23 -8.67
CA LEU C 121 29.22 23.79 -9.33
C LEU C 121 30.54 23.17 -8.87
N GLN C 122 30.47 22.09 -8.11
CA GLN C 122 31.69 21.47 -7.60
C GLN C 122 32.66 21.00 -8.67
N GLN C 123 32.16 20.67 -9.86
CA GLN C 123 33.04 20.20 -10.92
C GLN C 123 33.97 21.31 -11.39
N ARG C 124 33.64 22.55 -11.03
CA ARG C 124 34.46 23.70 -11.41
C ARG C 124 35.71 23.80 -10.53
N LEU C 125 35.71 23.08 -9.41
CA LEU C 125 36.83 23.12 -8.49
C LEU C 125 38.03 22.29 -8.95
N ALA C 126 39.22 22.81 -8.74
CA ALA C 126 40.43 22.09 -9.12
C ALA C 126 40.59 20.95 -8.12
N PRO C 127 41.31 19.89 -8.51
CA PRO C 127 41.48 18.78 -7.56
C PRO C 127 42.21 19.27 -6.32
N HIS C 128 41.98 18.60 -5.19
CA HIS C 128 42.61 18.94 -3.92
C HIS C 128 42.29 20.35 -3.43
N THR C 129 41.11 20.85 -3.76
CA THR C 129 40.71 22.17 -3.31
C THR C 129 40.24 22.10 -1.85
N PRO C 130 40.88 22.87 -0.95
CA PRO C 130 40.47 22.85 0.45
C PRO C 130 39.05 23.35 0.62
N LEU C 131 38.24 22.61 1.38
CA LEU C 131 36.86 23.03 1.64
C LEU C 131 36.70 23.40 3.10
N ALA C 132 37.35 22.65 3.97
CA ALA C 132 37.26 22.94 5.39
C ALA C 132 38.40 22.30 6.18
N ARG C 133 38.73 22.92 7.30
CA ARG C 133 39.77 22.44 8.20
C ARG C 133 39.19 22.66 9.60
N VAL C 134 38.92 21.57 10.31
CA VAL C 134 38.36 21.66 11.66
C VAL C 134 39.15 20.75 12.58
N PHE C 135 39.59 21.27 13.72
CA PHE C 135 40.36 20.45 14.63
C PHE C 135 39.85 20.44 16.06
N SER C 136 40.22 19.38 16.77
CA SER C 136 39.87 19.22 18.18
C SER C 136 41.17 19.67 18.86
N PRO C 137 41.10 20.66 19.77
CA PRO C 137 42.29 21.16 20.45
C PRO C 137 42.77 20.30 21.62
N ARG C 138 44.05 20.41 21.94
CA ARG C 138 44.61 19.67 23.06
C ARG C 138 44.28 20.43 24.34
N THR C 139 44.36 21.75 24.25
CA THR C 139 44.09 22.63 25.38
C THR C 139 43.09 23.71 24.98
N ARG C 140 42.32 24.19 25.95
CA ARG C 140 41.33 25.23 25.69
C ARG C 140 41.41 26.25 26.81
N ILE C 141 41.62 27.51 26.46
CA ILE C 141 41.70 28.58 27.44
C ILE C 141 40.68 29.66 27.10
N MET C 142 39.73 29.88 28.01
CA MET C 142 38.71 30.89 27.80
C MET C 142 39.05 32.14 28.60
N VAL C 143 39.03 33.28 27.94
CA VAL C 143 39.36 34.54 28.58
C VAL C 143 38.19 35.52 28.47
N SER C 144 37.84 36.14 29.59
CA SER C 144 36.75 37.12 29.61
C SER C 144 37.07 38.15 30.68
N GLU C 145 36.23 39.19 30.77
CA GLU C 145 36.45 40.21 31.78
C GLU C 145 36.42 39.62 33.18
N LYS C 146 35.60 38.59 33.37
CA LYS C 146 35.44 37.96 34.66
C LYS C 146 36.57 37.02 35.07
N GLU C 147 36.95 36.10 34.19
CA GLU C 147 38.00 35.16 34.56
C GLU C 147 38.67 34.48 33.40
N ILE C 148 39.67 33.66 33.74
CA ILE C 148 40.42 32.88 32.77
C ILE C 148 40.12 31.43 33.14
N ARG C 149 39.63 30.67 32.17
CA ARG C 149 39.30 29.28 32.42
C ARG C 149 40.23 28.38 31.61
N LEU C 150 40.82 27.40 32.28
CA LEU C 150 41.74 26.47 31.63
C LEU C 150 41.16 25.08 31.50
N PHE C 151 41.12 24.57 30.27
CA PHE C 151 40.60 23.25 30.00
C PHE C 151 41.69 22.34 29.46
N ASP C 152 42.03 21.31 30.24
CA ASP C 152 43.06 20.35 29.85
C ASP C 152 44.39 21.02 29.55
N ALA C 153 44.80 21.95 30.40
CA ALA C 153 46.07 22.65 30.22
C ALA C 153 47.19 21.91 30.94
N GLY C 154 48.35 21.83 30.30
CA GLY C 154 49.48 21.14 30.90
C GLY C 154 50.45 22.11 31.58
N ILE C 155 51.46 21.55 32.23
CA ILE C 155 52.46 22.36 32.93
C ILE C 155 53.03 23.46 32.04
N ARG C 156 53.32 23.12 30.79
CA ARG C 156 53.87 24.09 29.84
C ARG C 156 52.92 25.26 29.64
N HIS C 157 51.62 24.96 29.57
CA HIS C 157 50.61 25.99 29.38
C HIS C 157 50.44 26.81 30.65
N ARG C 158 50.27 26.12 31.77
CA ARG C 158 50.09 26.79 33.06
C ARG C 158 51.23 27.76 33.32
N GLU C 159 52.46 27.33 33.06
CA GLU C 159 53.63 28.16 33.25
C GLU C 159 53.54 29.42 32.40
N ALA C 160 53.17 29.24 31.13
CA ALA C 160 53.04 30.36 30.21
C ALA C 160 52.09 31.41 30.76
N ILE C 161 50.95 30.96 31.28
CA ILE C 161 49.96 31.86 31.84
C ILE C 161 50.49 32.56 33.08
N ASP C 162 50.94 31.78 34.05
CA ASP C 162 51.47 32.33 35.28
C ASP C 162 52.53 33.38 34.96
N ARG C 163 53.41 33.06 34.03
CA ARG C 163 54.47 33.98 33.64
C ARG C 163 53.93 35.20 32.92
N LEU C 164 52.98 34.98 32.02
CA LEU C 164 52.39 36.09 31.27
C LEU C 164 51.71 37.08 32.21
N LEU C 165 50.91 36.57 33.14
CA LEU C 165 50.22 37.45 34.09
C LEU C 165 51.23 38.22 34.95
N ALA C 166 52.40 37.61 35.15
CA ALA C 166 53.44 38.24 35.94
C ALA C 166 54.13 39.34 35.13
N THR C 167 54.54 39.01 33.91
CA THR C 167 55.22 39.97 33.03
C THR C 167 54.26 40.96 32.39
N GLY C 168 52.98 40.60 32.35
CA GLY C 168 52.00 41.47 31.72
C GLY C 168 52.13 41.33 30.22
N VAL C 169 51.28 42.03 29.47
CA VAL C 169 51.32 41.95 28.01
C VAL C 169 52.35 42.90 27.41
N ARG C 170 52.87 42.53 26.25
CA ARG C 170 53.85 43.35 25.55
C ARG C 170 53.18 44.62 25.05
N GLU C 171 53.97 45.67 24.85
CA GLU C 171 53.42 46.90 24.34
C GLU C 171 53.44 46.74 22.82
N VAL C 172 52.51 47.39 22.13
CA VAL C 172 52.42 47.28 20.68
C VAL C 172 53.10 48.42 19.94
N PRO C 173 54.02 48.09 19.02
CA PRO C 173 54.75 49.09 18.23
C PRO C 173 53.82 49.78 17.25
N GLN C 174 54.29 50.88 16.65
CA GLN C 174 53.47 51.59 15.69
C GLN C 174 53.25 50.67 14.49
N SER C 175 52.23 50.97 13.70
CA SER C 175 51.91 50.17 12.52
C SER C 175 52.71 50.66 11.32
N ARG C 176 52.80 49.84 10.29
CA ARG C 176 53.50 50.25 9.08
C ARG C 176 52.48 50.34 7.97
N SER C 177 52.60 51.37 7.14
CA SER C 177 51.66 51.61 6.05
C SER C 177 51.82 50.66 4.86
N VAL C 178 50.72 50.42 4.17
CA VAL C 178 50.71 49.57 2.99
C VAL C 178 49.89 50.25 1.89
N ASP C 179 50.48 50.40 0.72
CA ASP C 179 49.82 51.04 -0.42
C ASP C 179 48.77 50.11 -1.02
N VAL C 180 47.53 50.59 -1.12
CA VAL C 180 46.45 49.78 -1.68
C VAL C 180 45.88 50.42 -2.93
N SER C 181 46.59 51.41 -3.46
CA SER C 181 46.14 52.15 -4.64
C SER C 181 46.35 51.49 -6.00
N ASP C 182 47.23 50.49 -6.08
CA ASP C 182 47.47 49.84 -7.36
C ASP C 182 46.38 48.81 -7.68
N ASP C 183 46.19 48.53 -8.98
CA ASP C 183 45.17 47.57 -9.42
C ASP C 183 45.78 46.51 -10.35
N PRO C 184 46.75 45.74 -9.85
CA PRO C 184 47.40 44.70 -10.64
C PRO C 184 46.52 43.55 -11.14
N SER C 185 45.44 43.24 -10.43
CA SER C 185 44.58 42.14 -10.87
C SER C 185 43.42 42.62 -11.74
N GLY C 186 43.48 43.89 -12.14
CA GLY C 186 42.45 44.45 -12.99
C GLY C 186 41.04 44.43 -12.42
N PHE C 187 40.92 44.78 -11.15
CA PHE C 187 39.64 44.81 -10.47
C PHE C 187 38.64 45.70 -11.25
N ARG C 188 39.08 46.89 -11.62
CA ARG C 188 38.19 47.80 -12.35
C ARG C 188 37.66 47.21 -13.64
N ARG C 189 38.53 46.51 -14.37
CA ARG C 189 38.13 45.87 -15.62
C ARG C 189 37.13 44.76 -15.34
N ARG C 190 37.40 43.97 -14.31
CA ARG C 190 36.51 42.87 -13.95
C ARG C 190 35.15 43.39 -13.50
N VAL C 191 35.13 44.54 -12.83
CA VAL C 191 33.86 45.11 -12.40
C VAL C 191 33.06 45.50 -13.64
N ALA C 192 33.74 46.05 -14.64
CA ALA C 192 33.06 46.45 -15.87
C ALA C 192 32.42 45.23 -16.55
N VAL C 193 33.12 44.10 -16.54
CA VAL C 193 32.57 42.90 -17.14
C VAL C 193 31.29 42.48 -16.41
N ALA C 194 31.36 42.49 -15.08
CA ALA C 194 30.21 42.12 -14.27
C ALA C 194 29.02 43.04 -14.53
N VAL C 195 29.29 44.35 -14.62
CA VAL C 195 28.22 45.31 -14.88
C VAL C 195 27.54 45.00 -16.21
N ASP C 196 28.32 44.60 -17.21
CA ASP C 196 27.73 44.26 -18.50
C ASP C 196 26.86 43.02 -18.39
N GLU C 197 27.32 42.03 -17.64
CA GLU C 197 26.55 40.80 -17.47
C GLU C 197 25.23 41.08 -16.76
N ILE C 198 25.27 41.96 -15.76
CA ILE C 198 24.07 42.35 -15.03
C ILE C 198 23.13 43.14 -15.94
N ALA C 199 23.69 44.05 -16.72
CA ALA C 199 22.88 44.85 -17.63
C ALA C 199 22.22 43.92 -18.64
N ALA C 200 22.89 42.80 -18.92
CA ALA C 200 22.38 41.81 -19.87
C ALA C 200 21.37 40.90 -19.19
N GLY C 201 21.18 41.09 -17.89
CA GLY C 201 20.21 40.29 -17.14
C GLY C 201 20.64 38.92 -16.65
N ARG C 202 21.94 38.64 -16.63
CA ARG C 202 22.42 37.33 -16.19
C ARG C 202 22.23 37.10 -14.69
N TYR C 203 22.26 38.19 -13.92
CA TYR C 203 22.07 38.16 -12.48
C TYR C 203 21.91 39.60 -11.99
N HIS C 204 21.54 39.77 -10.73
CA HIS C 204 21.31 41.09 -10.17
C HIS C 204 22.50 41.71 -9.45
N LYS C 205 23.28 40.88 -8.78
CA LYS C 205 24.44 41.36 -8.04
C LYS C 205 25.51 40.28 -7.88
N VAL C 206 26.77 40.71 -7.86
CA VAL C 206 27.88 39.79 -7.63
C VAL C 206 28.94 40.54 -6.84
N ILE C 207 29.58 39.85 -5.91
CA ILE C 207 30.63 40.47 -5.12
C ILE C 207 31.98 40.05 -5.71
N LEU C 208 32.76 41.03 -6.15
CA LEU C 208 34.08 40.78 -6.71
C LEU C 208 35.08 41.39 -5.75
N SER C 209 36.30 40.87 -5.74
CA SER C 209 37.31 41.36 -4.82
C SER C 209 38.68 41.48 -5.46
N ARG C 210 39.62 42.00 -4.69
CA ARG C 210 40.98 42.12 -5.16
C ARG C 210 41.92 41.94 -3.98
N CYS C 211 43.09 41.38 -4.26
CA CYS C 211 44.09 41.17 -3.23
C CYS C 211 45.12 42.28 -3.27
N VAL C 212 45.68 42.59 -2.10
CA VAL C 212 46.72 43.60 -2.00
C VAL C 212 47.85 42.93 -1.24
N GLU C 213 49.02 42.85 -1.88
CA GLU C 213 50.17 42.22 -1.26
C GLU C 213 50.79 43.13 -0.19
N VAL C 214 51.16 42.53 0.93
CA VAL C 214 51.81 43.27 2.00
C VAL C 214 53.30 42.93 1.82
N PRO C 215 54.12 43.93 1.47
CA PRO C 215 55.55 43.75 1.25
C PRO C 215 56.43 43.45 2.47
N PHE C 216 55.82 43.14 3.60
CA PHE C 216 56.60 42.82 4.79
C PHE C 216 55.84 41.79 5.61
N ALA C 217 56.55 41.11 6.50
CA ALA C 217 55.92 40.10 7.34
C ALA C 217 55.23 40.82 8.49
N ILE C 218 54.04 40.37 8.86
CA ILE C 218 53.35 41.02 9.95
C ILE C 218 53.26 40.11 11.17
N ASP C 219 53.21 40.73 12.34
CA ASP C 219 53.10 39.99 13.58
C ASP C 219 51.59 39.91 13.76
N PHE C 220 51.04 38.72 13.60
CA PHE C 220 49.59 38.58 13.71
C PHE C 220 48.99 38.86 15.09
N PRO C 221 49.56 38.29 16.17
CA PRO C 221 48.98 38.56 17.49
C PRO C 221 48.97 40.06 17.85
N LEU C 222 50.08 40.74 17.56
CA LEU C 222 50.20 42.16 17.84
C LEU C 222 49.29 42.98 16.95
N THR C 223 49.16 42.57 15.69
CA THR C 223 48.29 43.28 14.77
C THR C 223 46.85 43.06 15.27
N TYR C 224 46.53 41.82 15.64
CA TYR C 224 45.21 41.51 16.14
C TYR C 224 44.86 42.41 17.34
N ARG C 225 45.80 42.54 18.27
CA ARG C 225 45.58 43.38 19.45
C ARG C 225 45.40 44.84 19.10
N LEU C 226 46.22 45.34 18.18
CA LEU C 226 46.14 46.74 17.79
C LEU C 226 44.77 47.08 17.19
N GLY C 227 44.28 46.23 16.29
CA GLY C 227 42.98 46.49 15.68
C GLY C 227 41.85 46.28 16.66
N ARG C 228 42.01 45.34 17.58
CA ARG C 228 40.95 45.06 18.55
C ARG C 228 40.83 46.17 19.60
N ARG C 229 41.82 47.05 19.66
CA ARG C 229 41.79 48.18 20.60
C ARG C 229 40.78 49.23 20.14
N HIS C 230 40.59 49.31 18.83
CA HIS C 230 39.70 50.30 18.25
C HIS C 230 38.48 49.74 17.55
N ASN C 231 38.23 48.45 17.74
CA ASN C 231 37.08 47.82 17.09
C ASN C 231 36.43 46.77 17.99
N THR C 232 35.11 46.70 17.90
CA THR C 232 34.34 45.73 18.66
C THR C 232 33.42 45.00 17.70
N PRO C 233 34.02 44.21 16.79
CA PRO C 233 33.25 43.45 15.78
C PRO C 233 32.38 42.38 16.43
N VAL C 234 31.38 41.90 15.69
CA VAL C 234 30.48 40.88 16.21
C VAL C 234 31.27 39.63 16.59
N ARG C 235 32.32 39.35 15.83
CA ARG C 235 33.20 38.22 16.08
C ARG C 235 34.59 38.62 15.59
N SER C 236 35.63 37.99 16.13
CA SER C 236 36.98 38.27 15.65
C SER C 236 37.77 36.99 15.80
N PHE C 237 38.89 36.91 15.08
CA PHE C 237 39.71 35.70 15.16
C PHE C 237 41.18 35.97 14.86
N LEU C 238 42.00 35.04 15.32
CA LEU C 238 43.44 35.06 15.14
C LEU C 238 43.81 33.59 15.11
N LEU C 239 44.47 33.15 14.04
CA LEU C 239 44.82 31.74 13.94
C LEU C 239 46.16 31.46 13.28
N GLN C 240 46.69 30.27 13.56
CA GLN C 240 47.95 29.79 12.98
C GLN C 240 47.64 28.32 12.88
N LEU C 241 47.21 27.89 11.71
CA LEU C 241 46.81 26.50 11.53
C LEU C 241 47.19 25.92 10.18
N GLY C 242 47.87 24.77 10.23
CA GLY C 242 48.28 24.09 9.01
C GLY C 242 49.01 24.94 7.99
N GLY C 243 49.88 25.84 8.46
CA GLY C 243 50.62 26.67 7.54
C GLY C 243 49.93 27.97 7.17
N ILE C 244 48.75 28.19 7.74
CA ILE C 244 48.02 29.41 7.46
C ILE C 244 47.96 30.28 8.70
N ARG C 245 48.25 31.57 8.53
CA ARG C 245 48.14 32.53 9.61
C ARG C 245 47.10 33.51 9.12
N ALA C 246 46.17 33.89 10.00
CA ALA C 246 45.14 34.83 9.60
C ALA C 246 44.55 35.51 10.81
N LEU C 247 43.99 36.69 10.60
CA LEU C 247 43.33 37.41 11.67
C LEU C 247 42.23 38.19 11.01
N GLY C 248 41.21 38.54 11.77
CA GLY C 248 40.13 39.30 11.18
C GLY C 248 39.11 39.79 12.17
N TYR C 249 38.38 40.83 11.76
CA TYR C 249 37.33 41.43 12.55
C TYR C 249 36.10 41.26 11.69
N SER C 250 35.37 40.16 11.92
CA SER C 250 34.20 39.84 11.12
C SER C 250 33.06 40.84 11.17
N PRO C 251 32.60 41.30 10.00
CA PRO C 251 31.51 42.26 9.92
C PRO C 251 30.15 41.57 9.86
N GLU C 252 30.13 40.26 9.91
CA GLU C 252 28.86 39.55 9.79
C GLU C 252 28.85 38.14 10.37
N LEU C 253 27.83 37.84 11.16
CA LEU C 253 27.66 36.50 11.74
C LEU C 253 26.84 35.74 10.69
N VAL C 254 27.49 34.81 9.99
CA VAL C 254 26.81 34.02 8.96
C VAL C 254 25.80 33.06 9.55
N THR C 255 26.18 32.40 10.63
CA THR C 255 25.28 31.44 11.26
C THR C 255 25.65 31.18 12.71
N ALA C 256 24.64 31.13 13.56
CA ALA C 256 24.84 30.79 14.97
C ALA C 256 23.71 29.82 15.27
N VAL C 257 24.06 28.65 15.79
CA VAL C 257 23.05 27.66 16.15
C VAL C 257 23.29 27.38 17.62
N ARG C 258 22.27 27.61 18.44
CA ARG C 258 22.42 27.38 19.87
C ARG C 258 21.96 25.99 20.26
N ALA C 259 22.42 25.51 21.42
CA ALA C 259 22.05 24.19 21.90
C ALA C 259 20.54 23.99 21.96
N ASP C 260 19.80 25.06 22.19
CA ASP C 260 18.35 24.95 22.27
C ASP C 260 17.66 24.99 20.91
N GLY C 261 18.45 25.03 19.84
CA GLY C 261 17.85 25.01 18.50
C GLY C 261 17.63 26.35 17.81
N VAL C 262 17.82 27.46 18.52
CA VAL C 262 17.63 28.76 17.90
C VAL C 262 18.76 29.03 16.93
N VAL C 263 18.40 29.46 15.72
CA VAL C 263 19.37 29.77 14.67
C VAL C 263 19.30 31.25 14.37
N ILE C 264 20.46 31.86 14.17
CA ILE C 264 20.54 33.28 13.91
C ILE C 264 21.50 33.55 12.75
N THR C 265 21.23 34.62 12.01
CA THR C 265 22.09 35.03 10.91
C THR C 265 21.94 36.54 10.86
N GLU C 266 23.04 37.25 10.58
CA GLU C 266 23.00 38.70 10.58
C GLU C 266 23.52 39.35 9.30
N PRO C 267 22.69 39.41 8.25
CA PRO C 267 23.12 40.02 6.98
C PRO C 267 23.46 41.50 7.15
N LEU C 268 24.59 41.89 6.54
CA LEU C 268 25.09 43.25 6.59
C LEU C 268 24.59 44.05 5.39
N ALA C 269 24.16 45.29 5.61
CA ALA C 269 23.65 46.14 4.53
C ALA C 269 24.71 47.12 4.06
N GLY C 270 25.47 47.67 5.00
CA GLY C 270 26.50 48.63 4.66
C GLY C 270 27.34 49.02 5.84
N THR C 271 28.52 49.57 5.57
CA THR C 271 29.45 49.99 6.60
C THR C 271 30.01 51.38 6.30
N ARG C 272 30.23 52.16 7.35
CA ARG C 272 30.79 53.51 7.23
C ARG C 272 31.79 53.70 8.37
N ALA C 273 32.69 54.67 8.22
CA ALA C 273 33.67 54.93 9.26
C ALA C 273 32.98 55.55 10.47
N LEU C 274 33.56 55.34 11.65
CA LEU C 274 33.02 55.89 12.88
C LEU C 274 34.17 56.41 13.72
N GLY C 275 33.90 57.43 14.53
CA GLY C 275 34.93 58.00 15.39
C GLY C 275 35.74 59.11 14.74
N ARG C 276 35.25 59.65 13.63
CA ARG C 276 35.96 60.72 12.93
C ARG C 276 35.40 62.09 13.29
N GLY C 277 34.70 62.15 14.41
CA GLY C 277 34.11 63.41 14.85
C GLY C 277 32.61 63.31 14.75
N PRO C 278 31.86 63.88 15.71
CA PRO C 278 30.40 63.83 15.69
C PRO C 278 29.76 64.32 14.39
N ALA C 279 30.31 65.39 13.82
CA ALA C 279 29.77 65.93 12.58
C ALA C 279 29.95 64.98 11.39
N ILE C 280 31.17 64.48 11.21
CA ILE C 280 31.43 63.58 10.09
C ILE C 280 30.73 62.22 10.29
N ASP C 281 30.75 61.74 11.52
CA ASP C 281 30.11 60.46 11.85
C ASP C 281 28.63 60.52 11.54
N ARG C 282 28.01 61.67 11.81
CA ARG C 282 26.59 61.87 11.58
C ARG C 282 26.19 61.81 10.11
N LEU C 283 26.94 62.51 9.27
CA LEU C 283 26.64 62.52 7.84
C LEU C 283 26.78 61.11 7.28
N ALA C 284 27.74 60.37 7.80
CA ALA C 284 27.98 59.00 7.36
C ALA C 284 26.81 58.12 7.75
N ARG C 285 26.34 58.28 8.98
CA ARG C 285 25.22 57.48 9.46
C ARG C 285 23.92 57.81 8.73
N ASP C 286 23.67 59.09 8.53
CA ASP C 286 22.45 59.51 7.84
C ASP C 286 22.43 58.95 6.43
N ASP C 287 23.61 58.83 5.82
CA ASP C 287 23.70 58.28 4.48
C ASP C 287 23.41 56.79 4.56
N LEU C 288 24.08 56.12 5.50
CA LEU C 288 23.91 54.70 5.70
C LEU C 288 22.44 54.32 5.93
N GLU C 289 21.70 55.18 6.62
CA GLU C 289 20.30 54.91 6.92
C GLU C 289 19.29 55.42 5.90
N SER C 290 19.75 56.21 4.93
CA SER C 290 18.84 56.77 3.93
C SER C 290 19.24 56.46 2.49
N ASN C 291 20.35 55.74 2.32
CA ASN C 291 20.83 55.41 0.99
C ASN C 291 19.88 54.44 0.30
N SER C 292 19.18 54.91 -0.74
CA SER C 292 18.23 54.09 -1.48
C SER C 292 18.88 52.79 -1.96
N LYS C 293 20.04 52.92 -2.60
CA LYS C 293 20.77 51.77 -3.10
C LYS C 293 21.01 50.76 -1.98
N GLU C 294 21.53 51.25 -0.86
CA GLU C 294 21.82 50.39 0.28
C GLU C 294 20.56 49.72 0.83
N ILE C 295 19.47 50.48 0.89
CA ILE C 295 18.21 49.96 1.41
C ILE C 295 17.64 48.87 0.51
N VAL C 296 17.59 49.14 -0.80
CA VAL C 296 17.05 48.17 -1.75
C VAL C 296 17.82 46.86 -1.68
N GLU C 297 19.14 46.96 -1.74
CA GLU C 297 19.96 45.75 -1.70
C GLU C 297 19.85 44.99 -0.38
N HIS C 298 19.67 45.72 0.71
CA HIS C 298 19.54 45.06 1.99
C HIS C 298 18.20 44.32 2.08
N ALA C 299 17.14 44.97 1.59
CA ALA C 299 15.82 44.35 1.59
C ALA C 299 15.88 43.04 0.81
N ILE C 300 16.55 43.10 -0.34
CA ILE C 300 16.72 41.93 -1.20
C ILE C 300 17.53 40.85 -0.48
N SER C 301 18.56 41.27 0.24
CA SER C 301 19.40 40.32 0.97
C SER C 301 18.64 39.67 2.13
N VAL C 302 17.84 40.46 2.83
CA VAL C 302 17.07 39.93 3.96
C VAL C 302 16.05 38.92 3.45
N ARG C 303 15.38 39.26 2.35
CA ARG C 303 14.41 38.34 1.77
C ARG C 303 15.12 37.03 1.44
N SER C 304 16.34 37.14 0.92
CA SER C 304 17.11 35.94 0.57
C SER C 304 17.42 35.10 1.80
N SER C 305 17.91 35.73 2.87
CA SER C 305 18.23 35.02 4.11
C SER C 305 17.01 34.29 4.66
N LEU C 306 15.86 34.97 4.65
CA LEU C 306 14.63 34.38 5.14
C LEU C 306 14.24 33.14 4.34
N GLU C 307 14.37 33.23 3.02
CA GLU C 307 14.04 32.10 2.17
C GLU C 307 14.99 30.94 2.47
N GLU C 308 16.28 31.23 2.64
CA GLU C 308 17.28 30.21 2.93
C GLU C 308 17.04 29.53 4.27
N ILE C 309 16.91 30.33 5.33
CA ILE C 309 16.71 29.79 6.67
C ILE C 309 15.41 29.00 6.77
N THR C 310 14.38 29.42 6.03
CA THR C 310 13.11 28.73 6.07
C THR C 310 13.24 27.27 5.65
N ASP C 311 14.22 26.98 4.80
CA ASP C 311 14.42 25.62 4.33
C ASP C 311 15.00 24.66 5.37
N ILE C 312 15.48 25.19 6.50
CA ILE C 312 16.04 24.33 7.54
C ILE C 312 15.38 24.64 8.89
N ALA C 313 14.37 25.50 8.86
CA ALA C 313 13.69 25.92 10.07
C ALA C 313 12.32 25.29 10.31
N GLU C 314 11.89 25.34 11.57
CA GLU C 314 10.58 24.84 11.94
C GLU C 314 9.61 25.75 11.20
N PRO C 315 8.55 25.17 10.60
CA PRO C 315 7.58 25.99 9.87
C PRO C 315 7.08 27.15 10.69
N GLY C 316 7.13 28.35 10.12
CA GLY C 316 6.67 29.55 10.80
C GLY C 316 7.53 30.12 11.90
N SER C 317 8.75 29.59 12.09
CA SER C 317 9.62 30.09 13.15
C SER C 317 10.53 31.25 12.74
N ALA C 318 10.72 31.43 11.44
CA ALA C 318 11.60 32.50 10.96
C ALA C 318 11.04 33.91 11.14
N ALA C 319 11.89 34.83 11.58
CA ALA C 319 11.48 36.22 11.78
C ALA C 319 12.69 37.16 11.76
N VAL C 320 12.45 38.42 11.42
CA VAL C 320 13.51 39.43 11.44
C VAL C 320 13.30 40.15 12.77
N ILE C 321 14.25 40.04 13.70
CA ILE C 321 14.08 40.66 15.02
C ILE C 321 14.72 42.04 15.20
N ASP C 322 15.57 42.41 14.27
CA ASP C 322 16.22 43.72 14.30
C ASP C 322 16.32 44.03 12.82
N PHE C 323 15.49 44.97 12.36
CA PHE C 323 15.48 45.30 10.95
C PHE C 323 16.09 46.64 10.63
N MET C 324 17.09 46.63 9.76
CA MET C 324 17.79 47.82 9.31
C MET C 324 18.19 48.75 10.44
N THR C 325 18.94 48.24 11.40
CA THR C 325 19.40 49.04 12.52
C THR C 325 20.90 49.30 12.40
N VAL C 326 21.36 50.36 13.05
CA VAL C 326 22.78 50.70 13.01
C VAL C 326 23.49 50.28 14.28
N ARG C 327 24.61 49.58 14.12
CA ARG C 327 25.40 49.15 15.26
C ARG C 327 26.77 49.79 15.14
N GLU C 328 27.17 50.49 16.19
CA GLU C 328 28.49 51.14 16.20
C GLU C 328 29.47 50.12 16.76
N ARG C 329 30.57 49.92 16.07
CA ARG C 329 31.56 48.95 16.51
C ARG C 329 33.00 49.45 16.50
N GLY C 330 33.22 50.58 17.16
CA GLY C 330 34.57 51.14 17.23
C GLY C 330 34.88 52.13 16.12
N SER C 331 35.73 51.71 15.18
CA SER C 331 36.11 52.60 14.08
C SER C 331 35.19 52.48 12.87
N VAL C 332 34.15 51.66 13.00
CA VAL C 332 33.18 51.48 11.93
C VAL C 332 31.79 51.29 12.51
N GLN C 333 30.78 51.66 11.72
CA GLN C 333 29.39 51.51 12.12
C GLN C 333 28.69 50.78 10.98
N HIS C 334 27.82 49.82 11.32
CA HIS C 334 27.14 49.03 10.31
C HIS C 334 25.61 49.10 10.34
N LEU C 335 25.03 48.93 9.16
CA LEU C 335 23.59 48.88 9.00
C LEU C 335 23.33 47.42 8.68
N GLY C 336 22.37 46.80 9.37
CA GLY C 336 22.09 45.40 9.10
C GLY C 336 20.84 44.92 9.82
N SER C 337 20.57 43.63 9.71
CA SER C 337 19.39 43.05 10.34
C SER C 337 19.73 41.71 10.97
N THR C 338 18.86 41.24 11.86
CA THR C 338 19.07 39.96 12.52
C THR C 338 17.90 39.05 12.17
N ILE C 339 18.20 37.85 11.69
CA ILE C 339 17.17 36.90 11.35
C ILE C 339 17.32 35.72 12.28
N ARG C 340 16.19 35.30 12.84
CA ARG C 340 16.17 34.20 13.79
C ARG C 340 15.11 33.18 13.42
N ALA C 341 15.37 31.91 13.75
CA ALA C 341 14.43 30.84 13.49
C ALA C 341 14.77 29.68 14.42
N ARG C 342 14.03 28.60 14.30
CA ARG C 342 14.28 27.41 15.10
C ARG C 342 14.64 26.29 14.14
N LEU C 343 15.76 25.63 14.40
CA LEU C 343 16.22 24.54 13.56
C LEU C 343 15.19 23.41 13.54
N ASP C 344 14.79 22.98 12.35
CA ASP C 344 13.80 21.91 12.27
C ASP C 344 14.43 20.61 12.76
N PRO C 345 13.68 19.81 13.52
CA PRO C 345 14.21 18.54 14.03
C PRO C 345 14.77 17.63 12.95
N SER C 346 14.31 17.80 11.72
CA SER C 346 14.77 16.99 10.60
C SER C 346 16.09 17.51 10.05
N SER C 347 16.53 18.66 10.56
CA SER C 347 17.76 19.28 10.10
C SER C 347 18.83 19.24 11.19
N ASP C 348 20.02 19.74 10.87
CA ASP C 348 21.13 19.77 11.82
C ASP C 348 21.96 21.03 11.60
N ARG C 349 22.90 21.29 12.50
CA ARG C 349 23.71 22.49 12.41
C ARG C 349 24.48 22.66 11.11
N MET C 350 25.03 21.57 10.56
CA MET C 350 25.76 21.69 9.30
C MET C 350 24.81 22.04 8.17
N ALA C 351 23.61 21.50 8.21
CA ALA C 351 22.62 21.80 7.17
C ALA C 351 22.30 23.29 7.28
N ALA C 352 22.26 23.79 8.51
CA ALA C 352 21.95 25.19 8.76
C ALA C 352 23.03 26.05 8.11
N LEU C 353 24.29 25.69 8.33
CA LEU C 353 25.39 26.44 7.75
C LEU C 353 25.33 26.37 6.22
N GLU C 354 25.12 25.17 5.69
CA GLU C 354 25.04 24.97 4.24
C GLU C 354 23.93 25.79 3.61
N ALA C 355 22.84 25.99 4.34
CA ALA C 355 21.70 26.76 3.83
C ALA C 355 21.97 28.26 3.77
N LEU C 356 22.83 28.75 4.65
CA LEU C 356 23.12 30.18 4.71
C LEU C 356 24.51 30.52 4.16
N PHE C 357 25.16 29.52 3.58
CA PHE C 357 26.51 29.69 3.04
C PHE C 357 26.49 29.45 1.53
N PRO C 358 27.18 30.30 0.74
CA PRO C 358 27.96 31.46 1.15
C PRO C 358 27.00 32.59 1.47
N ALA C 359 27.47 33.58 2.22
CA ALA C 359 26.62 34.72 2.55
C ALA C 359 26.43 35.58 1.30
N VAL C 360 25.32 36.31 1.22
CA VAL C 360 25.07 37.18 0.06
C VAL C 360 26.22 38.18 -0.07
N THR C 361 26.73 38.62 1.07
CA THR C 361 27.84 39.57 1.14
C THR C 361 29.10 39.02 0.49
N ALA C 362 29.14 37.71 0.29
CA ALA C 362 30.30 37.07 -0.31
C ALA C 362 30.02 36.47 -1.68
N SER C 363 28.75 36.47 -2.10
CA SER C 363 28.41 35.87 -3.39
C SER C 363 27.66 36.80 -4.32
N GLY C 364 26.34 36.83 -4.20
CA GLY C 364 25.55 37.69 -5.07
C GLY C 364 24.08 37.33 -5.02
N ILE C 365 23.32 37.86 -5.97
CA ILE C 365 21.88 37.63 -6.10
C ILE C 365 21.52 37.44 -7.58
N PRO C 366 20.97 36.28 -7.96
CA PRO C 366 20.71 35.11 -7.11
C PRO C 366 22.03 34.48 -6.73
N LYS C 367 22.09 33.84 -5.57
CA LYS C 367 23.35 33.25 -5.13
C LYS C 367 23.99 32.28 -6.12
N ALA C 368 23.18 31.44 -6.75
CA ALA C 368 23.73 30.46 -7.69
C ALA C 368 24.49 31.16 -8.82
N ALA C 369 23.89 32.22 -9.36
CA ALA C 369 24.51 32.96 -10.47
C ALA C 369 25.72 33.77 -10.00
N GLY C 370 25.64 34.33 -8.79
CA GLY C 370 26.75 35.10 -8.27
C GLY C 370 27.96 34.21 -8.06
N VAL C 371 27.73 33.03 -7.46
CA VAL C 371 28.84 32.10 -7.24
C VAL C 371 29.46 31.70 -8.57
N GLU C 372 28.62 31.43 -9.57
CA GLU C 372 29.13 31.03 -10.88
C GLU C 372 30.00 32.13 -11.48
N ALA C 373 29.54 33.37 -11.36
CA ALA C 373 30.30 34.50 -11.90
C ALA C 373 31.64 34.66 -11.21
N ILE C 374 31.68 34.41 -9.91
CA ILE C 374 32.92 34.56 -9.16
C ILE C 374 34.02 33.63 -9.70
N PHE C 375 33.62 32.45 -10.16
CA PHE C 375 34.55 31.49 -10.73
C PHE C 375 35.25 32.10 -11.94
N ARG C 376 34.52 32.96 -12.65
CA ARG C 376 35.04 33.58 -13.87
C ARG C 376 35.63 34.97 -13.72
N LEU C 377 35.08 35.77 -12.82
CA LEU C 377 35.52 37.15 -12.65
C LEU C 377 36.34 37.51 -11.42
N ASP C 378 36.63 36.52 -10.58
CA ASP C 378 37.43 36.74 -9.37
C ASP C 378 38.58 35.74 -9.33
N GLU C 379 39.61 36.04 -8.55
CA GLU C 379 40.75 35.13 -8.43
C GLU C 379 40.30 33.96 -7.56
N CYS C 380 40.29 32.76 -8.12
CA CYS C 380 39.88 31.58 -7.37
C CYS C 380 41.00 30.54 -7.31
N PRO C 381 41.00 29.67 -6.28
CA PRO C 381 40.00 29.63 -5.20
C PRO C 381 40.17 30.80 -4.24
N ARG C 382 39.07 31.18 -3.60
CA ARG C 382 39.13 32.25 -2.62
C ARG C 382 39.72 31.76 -1.32
N GLY C 383 39.47 30.49 -0.98
CA GLY C 383 40.01 29.94 0.25
C GLY C 383 39.29 30.51 1.46
N LEU C 384 40.04 30.96 2.46
CA LEU C 384 39.44 31.52 3.66
C LEU C 384 38.61 32.77 3.41
N TYR C 385 39.05 33.60 2.47
CA TYR C 385 38.33 34.83 2.17
C TYR C 385 36.89 34.60 1.72
N SER C 386 35.97 35.27 2.41
CA SER C 386 34.54 35.20 2.17
C SER C 386 33.94 33.87 2.62
N GLY C 387 34.77 33.06 3.28
CA GLY C 387 34.31 31.80 3.84
C GLY C 387 33.97 32.11 5.28
N ALA C 388 34.23 31.18 6.19
CA ALA C 388 33.91 31.46 7.60
C ALA C 388 34.86 30.78 8.56
N VAL C 389 35.01 31.37 9.74
CA VAL C 389 35.82 30.78 10.81
C VAL C 389 34.72 30.21 11.71
N VAL C 390 34.89 28.97 12.14
CA VAL C 390 33.85 28.32 12.92
C VAL C 390 34.25 27.71 14.26
N MET C 391 33.27 27.62 15.15
CA MET C 391 33.45 27.01 16.46
C MET C 391 32.23 26.12 16.68
N LEU C 392 32.48 24.83 16.90
CA LEU C 392 31.40 23.88 17.12
C LEU C 392 31.47 23.31 18.53
N SER C 393 30.30 23.00 19.09
CA SER C 393 30.25 22.46 20.44
C SER C 393 29.52 21.12 20.49
N ALA C 394 29.90 20.29 21.46
CA ALA C 394 29.30 18.97 21.61
C ALA C 394 27.80 19.03 21.90
N ASP C 395 27.34 20.14 22.48
CA ASP C 395 25.94 20.28 22.80
C ASP C 395 25.08 20.65 21.60
N GLY C 396 25.71 20.73 20.43
CA GLY C 396 24.99 21.05 19.20
C GLY C 396 25.25 22.46 18.67
N GLY C 397 26.00 23.25 19.44
CA GLY C 397 26.28 24.62 19.02
C GLY C 397 27.15 24.77 17.79
N LEU C 398 26.96 25.89 17.10
CA LEU C 398 27.75 26.22 15.93
C LEU C 398 27.75 27.73 15.84
N ASP C 399 28.93 28.30 15.60
CA ASP C 399 29.05 29.74 15.45
C ASP C 399 29.99 29.92 14.27
N ALA C 400 29.56 30.69 13.28
CA ALA C 400 30.37 30.92 12.09
C ALA C 400 30.43 32.38 11.72
N ALA C 401 31.64 32.94 11.71
CA ALA C 401 31.85 34.34 11.38
C ALA C 401 32.33 34.50 9.95
N LEU C 402 31.75 35.45 9.22
CA LEU C 402 32.16 35.66 7.84
C LEU C 402 33.58 36.19 7.82
N THR C 403 34.43 35.54 7.02
CA THR C 403 35.82 35.93 6.93
C THR C 403 36.06 37.05 5.94
N LEU C 404 35.88 38.27 6.42
CA LEU C 404 36.10 39.48 5.65
C LEU C 404 36.85 40.41 6.61
N ARG C 405 37.50 41.44 6.07
CA ARG C 405 38.29 42.37 6.87
C ARG C 405 39.33 41.53 7.61
N ALA C 406 40.08 40.76 6.84
CA ALA C 406 41.11 39.89 7.40
C ALA C 406 42.43 39.98 6.63
N ALA C 407 43.51 39.54 7.28
CA ALA C 407 44.83 39.52 6.68
C ALA C 407 45.27 38.06 6.71
N TYR C 408 46.07 37.66 5.73
CA TYR C 408 46.50 36.27 5.63
C TYR C 408 47.98 36.14 5.31
N GLN C 409 48.56 35.02 5.72
CA GLN C 409 49.94 34.71 5.40
C GLN C 409 49.98 33.22 5.13
N VAL C 410 50.36 32.86 3.91
CA VAL C 410 50.45 31.46 3.51
C VAL C 410 51.64 31.32 2.57
N GLY C 411 52.50 30.34 2.84
CA GLY C 411 53.65 30.13 1.98
C GLY C 411 54.54 31.35 1.82
N GLY C 412 54.78 32.06 2.93
CA GLY C 412 55.64 33.23 2.86
C GLY C 412 55.01 34.45 2.21
N ARG C 413 53.79 34.30 1.70
CA ARG C 413 53.07 35.40 1.07
C ARG C 413 52.07 36.00 2.04
N THR C 414 52.03 37.33 2.11
CA THR C 414 51.13 38.03 3.01
C THR C 414 50.25 38.98 2.21
N TRP C 415 48.94 38.92 2.44
CA TRP C 415 48.06 39.80 1.70
C TRP C 415 46.77 40.16 2.41
N LEU C 416 46.10 41.16 1.84
CA LEU C 416 44.82 41.64 2.33
C LEU C 416 43.87 41.39 1.17
N ARG C 417 42.57 41.34 1.44
CA ARG C 417 41.61 41.13 0.37
C ARG C 417 40.27 41.77 0.73
N ALA C 418 39.73 42.55 -0.20
CA ALA C 418 38.45 43.21 0.02
C ALA C 418 37.68 43.25 -1.28
N GLY C 419 36.36 43.31 -1.16
CA GLY C 419 35.53 43.33 -2.34
C GLY C 419 34.41 44.34 -2.27
N ALA C 420 33.56 44.30 -3.28
CA ALA C 420 32.42 45.22 -3.35
C ALA C 420 31.27 44.54 -4.05
N GLY C 421 30.05 44.91 -3.64
CA GLY C 421 28.86 44.33 -4.26
C GLY C 421 28.60 45.08 -5.56
N ILE C 422 28.68 44.38 -6.68
CA ILE C 422 28.47 45.01 -7.98
C ILE C 422 27.04 44.85 -8.47
N ILE C 423 26.41 45.97 -8.83
CA ILE C 423 25.05 45.93 -9.35
C ILE C 423 25.00 46.72 -10.66
N GLU C 424 23.85 46.72 -11.33
CA GLU C 424 23.74 47.39 -12.63
C GLU C 424 24.27 48.83 -12.67
N GLU C 425 24.04 49.59 -11.61
CA GLU C 425 24.49 50.99 -11.57
C GLU C 425 25.93 51.18 -11.10
N SER C 426 26.61 50.09 -10.74
CA SER C 426 27.98 50.21 -10.26
C SER C 426 28.96 50.83 -11.26
N GLU C 427 29.92 51.56 -10.72
CA GLU C 427 30.94 52.23 -11.52
C GLU C 427 32.31 51.72 -11.08
N PRO C 428 33.12 51.20 -12.03
CA PRO C 428 34.46 50.68 -11.76
C PRO C 428 35.35 51.52 -10.85
N GLU C 429 35.48 52.80 -11.15
CA GLU C 429 36.32 53.67 -10.32
C GLU C 429 35.77 53.81 -8.90
N ARG C 430 34.45 53.92 -8.79
CA ARG C 430 33.83 54.06 -7.47
C ARG C 430 33.97 52.77 -6.66
N GLU C 431 33.81 51.63 -7.31
CA GLU C 431 33.94 50.36 -6.60
C GLU C 431 35.37 50.14 -6.15
N PHE C 432 36.33 50.56 -6.97
CA PHE C 432 37.72 50.41 -6.60
C PHE C 432 37.98 51.22 -5.34
N GLU C 433 37.47 52.44 -5.34
CA GLU C 433 37.63 53.35 -4.21
C GLU C 433 37.00 52.70 -2.98
N GLU C 434 35.87 52.04 -3.22
CA GLU C 434 35.14 51.36 -2.17
C GLU C 434 36.01 50.28 -1.50
N THR C 435 36.76 49.54 -2.30
CA THR C 435 37.64 48.52 -1.74
C THR C 435 38.79 49.16 -0.97
N CYS C 436 39.23 50.33 -1.42
CA CYS C 436 40.31 51.04 -0.73
C CYS C 436 39.82 51.44 0.65
N GLU C 437 38.58 51.90 0.73
CA GLU C 437 37.98 52.29 2.00
C GLU C 437 37.95 51.11 2.96
N LYS C 438 37.53 49.95 2.48
CA LYS C 438 37.44 48.76 3.31
C LYS C 438 38.81 48.28 3.78
N LEU C 439 39.80 48.32 2.89
CA LEU C 439 41.15 47.89 3.25
C LEU C 439 41.71 48.82 4.30
N SER C 440 41.37 50.10 4.20
CA SER C 440 41.84 51.10 5.14
C SER C 440 41.22 50.97 6.52
N THR C 441 40.42 49.94 6.73
CA THR C 441 39.83 49.71 8.04
C THR C 441 40.63 48.60 8.70
N LEU C 442 41.71 48.21 8.03
CA LEU C 442 42.59 47.17 8.54
C LEU C 442 44.06 47.64 8.44
N THR C 443 44.40 48.31 7.34
CA THR C 443 45.76 48.79 7.14
C THR C 443 46.35 49.63 8.29
N PRO C 444 45.51 50.38 9.00
CA PRO C 444 46.06 51.18 10.11
C PRO C 444 46.60 50.38 11.30
N TYR C 445 46.31 49.08 11.35
CA TYR C 445 46.71 48.26 12.48
C TYR C 445 47.81 47.24 12.20
N LEU C 446 48.35 47.23 10.99
CA LEU C 446 49.37 46.24 10.65
C LEU C 446 50.70 46.48 11.35
N VAL C 447 51.08 45.53 12.20
CA VAL C 447 52.33 45.60 12.94
C VAL C 447 53.34 44.68 12.24
N ALA C 448 54.45 45.25 11.78
CA ALA C 448 55.47 44.49 11.06
C ALA C 448 56.25 43.46 11.86
N ARG C 449 56.68 42.42 11.15
CA ARG C 449 57.48 41.28 11.62
C ARG C 449 56.77 40.21 12.46
N SER D 15 -49.98 -3.97 -21.80
CA SER D 15 -49.58 -2.60 -22.23
C SER D 15 -50.77 -1.63 -22.23
N SER D 16 -51.60 -1.72 -21.19
CA SER D 16 -52.77 -0.84 -21.06
C SER D 16 -53.15 -0.69 -19.58
N SER D 17 -54.11 0.17 -19.30
CA SER D 17 -54.53 0.38 -17.92
C SER D 17 -55.96 0.89 -17.79
N ILE D 18 -56.45 0.88 -16.55
CA ILE D 18 -57.80 1.32 -16.23
C ILE D 18 -57.79 1.97 -14.84
N PRO D 19 -58.31 3.20 -14.72
CA PRO D 19 -58.32 3.82 -13.39
C PRO D 19 -59.22 2.98 -12.47
N MET D 20 -58.82 2.80 -11.23
CA MET D 20 -59.62 2.03 -10.29
C MET D 20 -60.84 2.82 -9.84
N PRO D 21 -62.05 2.32 -10.13
CA PRO D 21 -63.28 3.04 -9.73
C PRO D 21 -63.34 3.18 -8.22
N ALA D 22 -63.82 4.33 -7.74
CA ALA D 22 -63.93 4.55 -6.31
C ALA D 22 -64.78 3.45 -5.71
N GLY D 23 -64.43 3.02 -4.50
CA GLY D 23 -65.21 1.98 -3.84
C GLY D 23 -64.84 0.55 -4.16
N VAL D 24 -63.87 0.33 -5.04
CA VAL D 24 -63.48 -1.03 -5.38
C VAL D 24 -62.23 -1.42 -4.58
N ASN D 25 -62.35 -2.50 -3.81
CA ASN D 25 -61.24 -2.99 -2.99
C ASN D 25 -60.24 -3.73 -3.87
N PRO D 26 -58.99 -3.25 -3.93
CA PRO D 26 -57.96 -3.90 -4.76
C PRO D 26 -57.71 -5.37 -4.44
N ALA D 27 -57.66 -5.72 -3.15
CA ALA D 27 -57.42 -7.12 -2.79
C ALA D 27 -58.52 -8.05 -3.29
N ASP D 28 -59.77 -7.61 -3.15
CA ASP D 28 -60.90 -8.42 -3.60
C ASP D 28 -60.87 -8.56 -5.12
N LEU D 29 -60.64 -7.46 -5.81
CA LEU D 29 -60.59 -7.50 -7.25
C LEU D 29 -59.43 -8.38 -7.74
N ALA D 30 -58.25 -8.21 -7.14
CA ALA D 30 -57.08 -8.98 -7.53
C ALA D 30 -57.28 -10.48 -7.34
N ALA D 31 -57.79 -10.86 -6.17
CA ALA D 31 -58.02 -12.27 -5.88
C ALA D 31 -59.10 -12.84 -6.79
N GLU D 32 -60.15 -12.05 -7.01
CA GLU D 32 -61.24 -12.49 -7.87
C GLU D 32 -60.74 -12.65 -9.31
N LEU D 33 -59.90 -11.72 -9.75
CA LEU D 33 -59.34 -11.79 -11.10
C LEU D 33 -58.47 -13.02 -11.26
N ALA D 34 -57.62 -13.27 -10.26
CA ALA D 34 -56.73 -14.42 -10.30
C ALA D 34 -57.52 -15.67 -10.67
N ALA D 35 -58.67 -15.84 -10.01
CA ALA D 35 -59.52 -16.99 -10.26
C ALA D 35 -60.16 -16.99 -11.65
N VAL D 36 -60.92 -15.95 -11.96
CA VAL D 36 -61.61 -15.86 -13.24
C VAL D 36 -60.75 -15.90 -14.50
N VAL D 37 -59.58 -15.27 -14.50
CA VAL D 37 -58.75 -15.27 -15.70
C VAL D 37 -57.85 -16.50 -15.85
N THR D 38 -57.92 -17.43 -14.91
CA THR D 38 -57.09 -18.63 -14.98
C THR D 38 -57.88 -19.93 -14.91
N GLU D 39 -59.01 -19.91 -14.20
CA GLU D 39 -59.83 -21.10 -14.04
C GLU D 39 -60.27 -21.78 -15.34
N SER D 40 -60.87 -21.02 -16.25
CA SER D 40 -61.36 -21.56 -17.50
C SER D 40 -60.30 -21.94 -18.52
N VAL D 41 -59.06 -21.50 -18.33
CA VAL D 41 -57.98 -21.82 -19.26
C VAL D 41 -56.90 -22.70 -18.66
N ASP D 42 -57.16 -23.22 -17.46
CA ASP D 42 -56.22 -24.12 -16.79
C ASP D 42 -54.84 -23.52 -16.56
N GLU D 43 -54.79 -22.25 -16.19
CA GLU D 43 -53.50 -21.61 -15.95
C GLU D 43 -53.10 -21.57 -14.48
N ASP D 44 -51.79 -21.61 -14.24
CA ASP D 44 -51.27 -21.51 -12.90
C ASP D 44 -51.09 -20.01 -12.69
N TYR D 45 -50.93 -19.59 -11.44
CA TYR D 45 -50.75 -18.17 -11.17
C TYR D 45 -50.19 -17.93 -9.79
N LEU D 46 -49.74 -16.69 -9.57
CA LEU D 46 -49.24 -16.29 -8.27
C LEU D 46 -49.59 -14.83 -8.11
N LEU D 47 -50.30 -14.52 -7.03
CA LEU D 47 -50.70 -13.16 -6.71
C LEU D 47 -49.82 -12.73 -5.53
N TYR D 48 -49.14 -11.59 -5.67
CA TYR D 48 -48.26 -11.11 -4.63
C TYR D 48 -48.57 -9.66 -4.27
N GLU D 49 -48.79 -9.40 -2.98
CA GLU D 49 -49.09 -8.05 -2.51
C GLU D 49 -47.81 -7.41 -2.00
N CYS D 50 -47.44 -6.27 -2.57
CA CYS D 50 -46.21 -5.59 -2.18
C CYS D 50 -46.42 -4.08 -2.18
N ASP D 51 -46.39 -3.47 -0.99
CA ASP D 51 -46.56 -2.03 -0.82
C ASP D 51 -47.70 -1.37 -1.61
N GLY D 52 -48.92 -1.85 -1.41
CA GLY D 52 -50.07 -1.27 -2.07
C GLY D 52 -50.35 -1.79 -3.47
N GLN D 53 -49.47 -2.64 -3.99
CA GLN D 53 -49.65 -3.20 -5.31
C GLN D 53 -49.88 -4.70 -5.23
N TRP D 54 -50.94 -5.18 -5.89
CA TRP D 54 -51.22 -6.60 -5.97
C TRP D 54 -50.80 -6.96 -7.39
N VAL D 55 -49.82 -7.84 -7.51
CA VAL D 55 -49.35 -8.22 -8.83
C VAL D 55 -49.76 -9.65 -9.12
N LEU D 56 -50.59 -9.82 -10.14
CA LEU D 56 -51.07 -11.14 -10.54
C LEU D 56 -50.21 -11.60 -11.71
N ALA D 57 -49.49 -12.70 -11.50
CA ALA D 57 -48.64 -13.28 -12.54
C ALA D 57 -49.48 -14.46 -13.00
N ALA D 58 -50.05 -14.35 -14.19
CA ALA D 58 -50.93 -15.40 -14.68
C ALA D 58 -50.40 -16.15 -15.88
N GLY D 59 -50.42 -17.47 -15.78
CA GLY D 59 -49.96 -18.31 -16.86
C GLY D 59 -48.45 -18.50 -16.80
N VAL D 60 -47.99 -19.73 -16.94
CA VAL D 60 -46.56 -19.99 -16.90
C VAL D 60 -45.99 -19.93 -18.31
N GLN D 61 -45.18 -18.91 -18.57
CA GLN D 61 -44.53 -18.72 -19.86
C GLN D 61 -43.29 -19.61 -19.89
N ALA D 62 -42.52 -19.56 -18.81
CA ALA D 62 -41.30 -20.37 -18.67
C ALA D 62 -41.13 -20.66 -17.19
N MET D 63 -40.67 -21.86 -16.86
CA MET D 63 -40.50 -22.24 -15.45
C MET D 63 -39.10 -22.76 -15.12
N VAL D 64 -38.58 -22.31 -13.99
CA VAL D 64 -37.29 -22.75 -13.52
C VAL D 64 -37.57 -23.59 -12.27
N GLU D 65 -37.12 -24.84 -12.28
CA GLU D 65 -37.33 -25.71 -11.15
C GLU D 65 -35.96 -26.12 -10.64
N LEU D 66 -35.66 -25.76 -9.39
CA LEU D 66 -34.40 -26.12 -8.80
C LEU D 66 -34.68 -27.16 -7.73
N ASP D 67 -34.09 -28.34 -7.91
CA ASP D 67 -34.22 -29.44 -6.97
C ASP D 67 -32.83 -29.65 -6.39
N SER D 68 -32.74 -30.45 -5.33
CA SER D 68 -31.47 -30.71 -4.67
C SER D 68 -30.45 -31.33 -5.63
N ASP D 69 -30.95 -32.13 -6.57
CA ASP D 69 -30.07 -32.83 -7.51
C ASP D 69 -30.10 -32.41 -8.98
N GLU D 70 -30.95 -31.46 -9.33
CA GLU D 70 -31.01 -31.02 -10.71
C GLU D 70 -31.74 -29.70 -10.91
N LEU D 71 -31.46 -29.04 -12.03
CA LEU D 71 -32.08 -27.77 -12.38
C LEU D 71 -32.80 -27.98 -13.70
N ARG D 72 -34.07 -27.62 -13.76
CA ARG D 72 -34.85 -27.78 -14.98
C ARG D 72 -35.45 -26.45 -15.44
N VAL D 73 -35.44 -26.23 -16.74
CA VAL D 73 -36.03 -25.01 -17.31
C VAL D 73 -37.04 -25.52 -18.32
N ILE D 74 -38.32 -25.25 -18.09
CA ILE D 74 -39.36 -25.70 -18.99
C ILE D 74 -39.93 -24.50 -19.74
N ARG D 75 -39.87 -24.55 -21.07
CA ARG D 75 -40.35 -23.48 -21.92
C ARG D 75 -41.09 -24.03 -23.13
N ASP D 76 -42.26 -23.48 -23.42
CA ASP D 76 -43.06 -23.90 -24.57
C ASP D 76 -43.01 -25.40 -24.83
N GLY D 77 -43.38 -26.18 -23.81
CA GLY D 77 -43.42 -27.62 -23.92
C GLY D 77 -42.10 -28.38 -23.95
N VAL D 78 -40.99 -27.68 -23.75
CA VAL D 78 -39.69 -28.32 -23.77
C VAL D 78 -38.97 -28.20 -22.44
N THR D 79 -38.56 -29.34 -21.88
CA THR D 79 -37.84 -29.38 -20.61
C THR D 79 -36.34 -29.60 -20.80
N ARG D 80 -35.55 -28.65 -20.32
CA ARG D 80 -34.10 -28.76 -20.42
C ARG D 80 -33.55 -29.07 -19.02
N ARG D 81 -32.94 -30.24 -18.88
CA ARG D 81 -32.38 -30.64 -17.59
C ARG D 81 -30.86 -30.55 -17.53
N GLN D 82 -30.33 -30.33 -16.34
CA GLN D 82 -28.89 -30.25 -16.13
C GLN D 82 -28.57 -30.43 -14.66
N GLN D 83 -27.37 -30.93 -14.39
CA GLN D 83 -26.92 -31.11 -13.02
C GLN D 83 -26.33 -29.75 -12.66
N TRP D 84 -26.46 -29.33 -11.42
CA TRP D 84 -25.90 -28.05 -11.02
C TRP D 84 -24.93 -28.25 -9.88
N SER D 85 -23.98 -27.33 -9.75
CA SER D 85 -22.99 -27.39 -8.68
C SER D 85 -22.82 -25.98 -8.13
N GLY D 86 -22.11 -25.87 -7.02
CA GLY D 86 -21.90 -24.57 -6.41
C GLY D 86 -23.07 -24.23 -5.51
N ARG D 87 -23.21 -22.95 -5.17
CA ARG D 87 -24.30 -22.52 -4.30
C ARG D 87 -25.64 -22.50 -5.04
N PRO D 88 -26.72 -22.92 -4.37
CA PRO D 88 -28.05 -22.94 -5.01
C PRO D 88 -28.48 -21.55 -5.50
N GLY D 89 -28.10 -20.51 -4.76
CA GLY D 89 -28.45 -19.16 -5.15
C GLY D 89 -27.85 -18.77 -6.48
N ALA D 90 -26.62 -19.20 -6.73
CA ALA D 90 -25.95 -18.90 -7.98
C ALA D 90 -26.59 -19.67 -9.13
N ALA D 91 -26.97 -20.92 -8.88
CA ALA D 91 -27.61 -21.74 -9.90
C ALA D 91 -28.98 -21.16 -10.25
N LEU D 92 -29.77 -20.84 -9.24
CA LEU D 92 -31.09 -20.28 -9.45
C LEU D 92 -30.97 -18.90 -10.08
N GLY D 93 -29.99 -18.12 -9.63
CA GLY D 93 -29.79 -16.78 -10.15
C GLY D 93 -29.49 -16.72 -11.64
N GLU D 94 -28.65 -17.63 -12.10
CA GLU D 94 -28.30 -17.65 -13.52
C GLU D 94 -29.53 -17.96 -14.35
N ALA D 95 -30.32 -18.92 -13.90
CA ALA D 95 -31.52 -19.33 -14.60
C ALA D 95 -32.58 -18.23 -14.61
N VAL D 96 -32.84 -17.64 -13.44
CA VAL D 96 -33.84 -16.59 -13.37
C VAL D 96 -33.41 -15.35 -14.14
N ASP D 97 -32.11 -15.05 -14.15
CA ASP D 97 -31.62 -13.88 -14.89
C ASP D 97 -31.91 -14.06 -16.38
N ARG D 98 -31.79 -15.28 -16.86
CA ARG D 98 -32.07 -15.57 -18.27
C ARG D 98 -33.54 -15.32 -18.57
N LEU D 99 -34.40 -15.68 -17.62
CA LEU D 99 -35.83 -15.47 -17.77
C LEU D 99 -36.13 -13.98 -17.87
N LEU D 100 -35.48 -13.20 -17.01
CA LEU D 100 -35.70 -11.76 -16.96
C LEU D 100 -35.16 -11.00 -18.17
N LEU D 101 -34.56 -11.71 -19.11
CA LEU D 101 -34.05 -11.06 -20.32
C LEU D 101 -35.25 -10.84 -21.24
N GLU D 102 -36.25 -11.71 -21.11
CA GLU D 102 -37.45 -11.64 -21.94
C GLU D 102 -38.66 -11.07 -21.22
N THR D 103 -38.63 -11.05 -19.89
CA THR D 103 -39.75 -10.54 -19.11
C THR D 103 -39.30 -9.55 -18.03
N ASP D 104 -40.21 -8.69 -17.59
CA ASP D 104 -39.91 -7.69 -16.57
C ASP D 104 -39.84 -8.26 -15.16
N GLN D 105 -40.61 -9.32 -14.91
CA GLN D 105 -40.63 -9.90 -13.57
C GLN D 105 -40.81 -11.41 -13.55
N ALA D 106 -40.35 -12.01 -12.46
CA ALA D 106 -40.45 -13.45 -12.26
C ALA D 106 -40.99 -13.63 -10.84
N PHE D 107 -41.73 -14.72 -10.63
CA PHE D 107 -42.35 -14.98 -9.35
C PHE D 107 -42.22 -16.43 -8.95
N GLY D 108 -42.37 -16.70 -7.66
CA GLY D 108 -42.29 -18.08 -7.25
C GLY D 108 -42.07 -18.26 -5.78
N TRP D 109 -41.49 -19.38 -5.41
CA TRP D 109 -41.22 -19.66 -4.01
C TRP D 109 -39.89 -20.36 -3.84
N VAL D 110 -39.35 -20.26 -2.63
CA VAL D 110 -38.10 -20.88 -2.27
C VAL D 110 -38.39 -21.71 -1.03
N ALA D 111 -38.00 -22.98 -1.07
CA ALA D 111 -38.26 -23.87 0.05
C ALA D 111 -37.30 -23.61 1.21
N PHE D 112 -37.74 -24.01 2.40
CA PHE D 112 -36.90 -23.87 3.58
C PHE D 112 -35.57 -24.56 3.27
N GLU D 113 -35.66 -25.69 2.57
CA GLU D 113 -34.49 -26.50 2.24
C GLU D 113 -33.42 -25.78 1.41
N PHE D 114 -33.81 -24.69 0.74
CA PHE D 114 -32.88 -23.91 -0.05
C PHE D 114 -31.79 -23.37 0.87
N GLY D 115 -32.14 -23.16 2.13
CA GLY D 115 -31.19 -22.61 3.08
C GLY D 115 -30.22 -23.53 3.81
N VAL D 116 -30.22 -24.84 3.53
CA VAL D 116 -29.31 -25.73 4.26
C VAL D 116 -27.90 -25.80 3.67
N HIS D 117 -27.75 -25.45 2.40
CA HIS D 117 -26.46 -25.48 1.74
C HIS D 117 -25.41 -24.56 2.34
N ARG D 118 -25.84 -23.39 2.82
CA ARG D 118 -24.91 -22.44 3.41
C ARG D 118 -24.26 -23.00 4.67
N TYR D 119 -24.82 -24.10 5.19
CA TYR D 119 -24.28 -24.73 6.39
C TYR D 119 -23.72 -26.13 6.08
N GLY D 120 -23.57 -26.44 4.80
CA GLY D 120 -23.04 -27.73 4.40
C GLY D 120 -23.88 -28.92 4.85
N LEU D 121 -25.19 -28.69 4.96
CA LEU D 121 -26.11 -29.74 5.39
C LEU D 121 -26.94 -30.33 4.24
N GLN D 122 -26.61 -30.00 3.01
CA GLN D 122 -27.37 -30.48 1.85
C GLN D 122 -27.46 -32.00 1.72
N GLN D 123 -26.48 -32.72 2.25
CA GLN D 123 -26.50 -34.18 2.16
C GLN D 123 -27.60 -34.77 3.01
N ARG D 124 -28.15 -33.97 3.92
CA ARG D 124 -29.23 -34.43 4.79
C ARG D 124 -30.56 -34.44 4.05
N LEU D 125 -30.56 -33.87 2.84
CA LEU D 125 -31.76 -33.80 2.01
C LEU D 125 -32.02 -35.09 1.24
N ALA D 126 -33.30 -35.46 1.13
CA ALA D 126 -33.68 -36.64 0.39
C ALA D 126 -33.49 -36.30 -1.08
N PRO D 127 -33.29 -37.33 -1.93
CA PRO D 127 -33.11 -37.04 -3.35
C PRO D 127 -34.37 -36.39 -3.93
N HIS D 128 -34.20 -35.56 -4.95
CA HIS D 128 -35.31 -34.87 -5.61
C HIS D 128 -36.04 -33.87 -4.72
N THR D 129 -35.34 -33.28 -3.76
CA THR D 129 -35.98 -32.32 -2.87
C THR D 129 -36.12 -30.97 -3.57
N PRO D 130 -37.36 -30.43 -3.64
CA PRO D 130 -37.58 -29.14 -4.29
C PRO D 130 -36.88 -28.03 -3.50
N LEU D 131 -36.16 -27.15 -4.18
CA LEU D 131 -35.49 -26.04 -3.51
C LEU D 131 -36.15 -24.72 -3.91
N ALA D 132 -36.57 -24.61 -5.16
CA ALA D 132 -37.23 -23.40 -5.64
C ALA D 132 -38.00 -23.60 -6.95
N ARG D 133 -39.00 -22.75 -7.16
CA ARG D 133 -39.82 -22.78 -8.35
C ARG D 133 -40.05 -21.31 -8.69
N VAL D 134 -39.53 -20.88 -9.83
CA VAL D 134 -39.66 -19.49 -10.26
C VAL D 134 -40.07 -19.46 -11.72
N PHE D 135 -41.11 -18.70 -12.04
CA PHE D 135 -41.59 -18.66 -13.41
C PHE D 135 -41.81 -17.24 -13.91
N SER D 136 -41.77 -17.08 -15.23
CA SER D 136 -42.05 -15.79 -15.84
C SER D 136 -43.48 -16.01 -16.32
N PRO D 137 -44.38 -15.04 -16.03
CA PRO D 137 -45.79 -15.10 -16.40
C PRO D 137 -46.10 -14.76 -17.86
N ARG D 138 -47.20 -15.31 -18.38
CA ARG D 138 -47.61 -15.01 -19.73
C ARG D 138 -48.23 -13.62 -19.71
N THR D 139 -48.93 -13.31 -18.62
CA THR D 139 -49.59 -12.03 -18.46
C THR D 139 -49.47 -11.53 -17.02
N ARG D 140 -49.36 -10.22 -16.84
CA ARG D 140 -49.27 -9.64 -15.51
C ARG D 140 -50.30 -8.54 -15.35
N ILE D 141 -51.02 -8.57 -14.24
CA ILE D 141 -52.02 -7.56 -13.97
C ILE D 141 -51.73 -6.97 -12.59
N MET D 142 -51.51 -5.66 -12.54
CA MET D 142 -51.23 -5.00 -11.28
C MET D 142 -52.48 -4.26 -10.83
N VAL D 143 -52.87 -4.49 -9.58
CA VAL D 143 -54.06 -3.83 -9.04
C VAL D 143 -53.70 -3.05 -7.79
N SER D 144 -54.16 -1.81 -7.70
CA SER D 144 -53.93 -0.97 -6.53
C SER D 144 -55.18 -0.14 -6.34
N GLU D 145 -55.21 0.69 -5.30
CA GLU D 145 -56.39 1.52 -5.08
C GLU D 145 -56.48 2.63 -6.11
N LYS D 146 -55.40 2.84 -6.87
CA LYS D 146 -55.37 3.90 -7.88
C LYS D 146 -55.68 3.44 -9.29
N GLU D 147 -55.17 2.28 -9.69
CA GLU D 147 -55.39 1.80 -11.05
C GLU D 147 -55.17 0.30 -11.23
N ILE D 148 -55.48 -0.16 -12.44
CA ILE D 148 -55.28 -1.55 -12.84
C ILE D 148 -54.42 -1.45 -14.09
N ARG D 149 -53.28 -2.13 -14.08
CA ARG D 149 -52.39 -2.12 -15.23
C ARG D 149 -52.27 -3.52 -15.79
N LEU D 150 -52.35 -3.61 -17.11
CA LEU D 150 -52.27 -4.89 -17.82
C LEU D 150 -51.01 -4.96 -18.66
N PHE D 151 -50.25 -6.03 -18.46
CA PHE D 151 -49.01 -6.24 -19.21
C PHE D 151 -49.14 -7.53 -20.01
N ASP D 152 -48.90 -7.45 -21.31
CA ASP D 152 -48.99 -8.60 -22.19
C ASP D 152 -50.31 -9.34 -22.04
N ALA D 153 -51.40 -8.58 -21.93
CA ALA D 153 -52.72 -9.18 -21.77
C ALA D 153 -53.49 -9.19 -23.08
N GLY D 154 -54.60 -9.90 -23.09
CA GLY D 154 -55.44 -9.99 -24.27
C GLY D 154 -56.85 -9.53 -23.96
N ILE D 155 -57.72 -9.59 -24.97
CA ILE D 155 -59.10 -9.17 -24.82
C ILE D 155 -59.83 -9.89 -23.70
N ARG D 156 -59.51 -11.17 -23.49
CA ARG D 156 -60.18 -11.92 -22.43
C ARG D 156 -59.84 -11.37 -21.05
N HIS D 157 -58.62 -10.89 -20.87
CA HIS D 157 -58.22 -10.32 -19.59
C HIS D 157 -58.97 -9.01 -19.37
N ARG D 158 -58.98 -8.14 -20.39
CA ARG D 158 -59.67 -6.86 -20.25
C ARG D 158 -61.18 -7.07 -20.09
N GLU D 159 -61.71 -8.10 -20.74
CA GLU D 159 -63.13 -8.38 -20.65
C GLU D 159 -63.48 -8.84 -19.24
N ALA D 160 -62.60 -9.68 -18.66
CA ALA D 160 -62.82 -10.19 -17.31
C ALA D 160 -62.86 -9.02 -16.32
N ILE D 161 -61.96 -8.07 -16.51
CA ILE D 161 -61.89 -6.90 -15.64
C ILE D 161 -63.15 -6.05 -15.74
N ASP D 162 -63.57 -5.74 -16.96
CA ASP D 162 -64.78 -4.93 -17.16
C ASP D 162 -65.97 -5.65 -16.54
N ARG D 163 -65.98 -6.97 -16.65
CA ARG D 163 -67.07 -7.78 -16.12
C ARG D 163 -67.15 -7.62 -14.60
N LEU D 164 -66.02 -7.75 -13.92
CA LEU D 164 -65.99 -7.62 -12.47
C LEU D 164 -66.30 -6.19 -12.02
N LEU D 165 -65.81 -5.20 -12.76
CA LEU D 165 -66.07 -3.82 -12.39
C LEU D 165 -67.55 -3.49 -12.61
N ALA D 166 -68.17 -4.18 -13.55
CA ALA D 166 -69.58 -3.95 -13.87
C ALA D 166 -70.52 -4.69 -12.93
N THR D 167 -70.21 -5.95 -12.64
CA THR D 167 -71.05 -6.79 -11.79
C THR D 167 -70.62 -6.85 -10.33
N GLY D 168 -69.33 -6.58 -10.08
CA GLY D 168 -68.83 -6.65 -8.71
C GLY D 168 -68.25 -8.03 -8.49
N VAL D 169 -67.69 -8.29 -7.32
CA VAL D 169 -67.11 -9.59 -7.03
C VAL D 169 -68.05 -10.47 -6.21
N ARG D 170 -67.74 -11.76 -6.14
CA ARG D 170 -68.56 -12.70 -5.39
C ARG D 170 -68.56 -12.36 -3.90
N GLU D 171 -69.68 -12.66 -3.24
CA GLU D 171 -69.78 -12.41 -1.81
C GLU D 171 -68.99 -13.52 -1.12
N VAL D 172 -68.28 -13.18 -0.06
CA VAL D 172 -67.51 -14.19 0.66
C VAL D 172 -68.44 -14.82 1.71
N PRO D 173 -68.61 -16.15 1.64
CA PRO D 173 -69.48 -16.83 2.60
C PRO D 173 -68.87 -16.89 4.00
N GLN D 174 -69.66 -17.38 4.95
CA GLN D 174 -69.20 -17.51 6.33
C GLN D 174 -68.06 -18.53 6.35
N SER D 175 -67.10 -18.35 7.25
CA SER D 175 -65.97 -19.27 7.32
C SER D 175 -66.35 -20.54 8.09
N ARG D 176 -65.53 -21.58 7.93
CA ARG D 176 -65.75 -22.84 8.62
C ARG D 176 -64.61 -23.07 9.60
N SER D 177 -64.94 -23.41 10.83
CA SER D 177 -63.93 -23.64 11.86
C SER D 177 -63.19 -24.97 11.68
N VAL D 178 -61.99 -25.02 12.26
CA VAL D 178 -61.14 -26.22 12.19
C VAL D 178 -60.56 -26.49 13.57
N ASP D 179 -60.63 -27.75 14.00
CA ASP D 179 -60.11 -28.17 15.29
C ASP D 179 -58.58 -28.19 15.24
N VAL D 180 -57.93 -27.47 16.16
CA VAL D 180 -56.48 -27.43 16.19
C VAL D 180 -55.90 -28.02 17.47
N SER D 181 -56.75 -28.67 18.27
CA SER D 181 -56.34 -29.24 19.56
C SER D 181 -55.64 -30.60 19.54
N ASP D 182 -55.73 -31.33 18.44
CA ASP D 182 -55.09 -32.64 18.36
C ASP D 182 -53.59 -32.47 18.17
N ASP D 183 -52.82 -33.52 18.50
CA ASP D 183 -51.36 -33.46 18.37
C ASP D 183 -50.81 -34.78 17.83
N PRO D 184 -51.25 -35.18 16.63
CA PRO D 184 -50.83 -36.43 15.99
C PRO D 184 -49.34 -36.57 15.68
N SER D 185 -48.65 -35.45 15.42
CA SER D 185 -47.23 -35.53 15.09
C SER D 185 -46.34 -35.45 16.32
N GLY D 186 -46.96 -35.47 17.50
CA GLY D 186 -46.20 -35.41 18.74
C GLY D 186 -45.40 -34.15 18.97
N PHE D 187 -46.02 -32.99 18.72
CA PHE D 187 -45.33 -31.71 18.92
C PHE D 187 -44.81 -31.57 20.36
N ARG D 188 -45.67 -31.86 21.33
CA ARG D 188 -45.28 -31.76 22.74
C ARG D 188 -44.01 -32.54 23.04
N ARG D 189 -43.97 -33.79 22.60
CA ARG D 189 -42.81 -34.65 22.81
C ARG D 189 -41.57 -34.07 22.16
N ARG D 190 -41.68 -33.70 20.89
CA ARG D 190 -40.57 -33.14 20.16
C ARG D 190 -40.01 -31.88 20.82
N VAL D 191 -40.91 -31.06 21.38
CA VAL D 191 -40.49 -29.84 22.06
C VAL D 191 -39.62 -30.22 23.26
N ALA D 192 -40.09 -31.22 24.01
CA ALA D 192 -39.37 -31.70 25.20
C ALA D 192 -37.94 -32.07 24.82
N VAL D 193 -37.80 -32.77 23.70
CA VAL D 193 -36.48 -33.18 23.24
C VAL D 193 -35.60 -31.96 22.98
N ALA D 194 -36.17 -30.95 22.32
CA ALA D 194 -35.42 -29.73 22.01
C ALA D 194 -34.98 -29.03 23.29
N VAL D 195 -35.90 -28.92 24.26
CA VAL D 195 -35.58 -28.27 25.53
C VAL D 195 -34.36 -28.93 26.17
N ASP D 196 -34.32 -30.26 26.13
CA ASP D 196 -33.20 -30.99 26.70
C ASP D 196 -31.89 -30.63 26.00
N GLU D 197 -31.93 -30.61 24.67
CA GLU D 197 -30.74 -30.29 23.89
C GLU D 197 -30.27 -28.87 24.20
N ILE D 198 -31.22 -27.95 24.33
CA ILE D 198 -30.90 -26.56 24.64
C ILE D 198 -30.29 -26.49 26.03
N ALA D 199 -30.85 -27.26 26.94
CA ALA D 199 -30.36 -27.32 28.32
C ALA D 199 -28.95 -27.89 28.36
N ALA D 200 -28.67 -28.83 27.45
CA ALA D 200 -27.36 -29.45 27.37
C ALA D 200 -26.38 -28.51 26.68
N GLY D 201 -26.90 -27.43 26.10
CA GLY D 201 -26.05 -26.46 25.44
C GLY D 201 -25.74 -26.70 23.97
N ARG D 202 -26.52 -27.56 23.30
CA ARG D 202 -26.29 -27.83 21.88
C ARG D 202 -26.61 -26.59 21.04
N TYR D 203 -27.59 -25.82 21.48
CA TYR D 203 -27.99 -24.58 20.82
C TYR D 203 -28.86 -23.76 21.76
N HIS D 204 -29.14 -22.52 21.38
CA HIS D 204 -29.93 -21.61 22.21
C HIS D 204 -31.42 -21.61 21.91
N LYS D 205 -31.78 -21.78 20.65
CA LYS D 205 -33.19 -21.78 20.26
C LYS D 205 -33.42 -22.49 18.94
N VAL D 206 -34.59 -23.11 18.81
CA VAL D 206 -34.97 -23.80 17.59
C VAL D 206 -36.47 -23.68 17.41
N ILE D 207 -36.89 -23.49 16.16
CA ILE D 207 -38.31 -23.39 15.88
C ILE D 207 -38.83 -24.75 15.39
N LEU D 208 -39.77 -25.31 16.13
CA LEU D 208 -40.37 -26.59 15.74
C LEU D 208 -41.81 -26.26 15.37
N SER D 209 -42.42 -27.10 14.54
CA SER D 209 -43.79 -26.85 14.09
C SER D 209 -44.62 -28.11 14.00
N ARG D 210 -45.89 -27.92 13.66
CA ARG D 210 -46.82 -29.02 13.50
C ARG D 210 -47.86 -28.66 12.46
N CYS D 211 -48.30 -29.66 11.70
CA CYS D 211 -49.31 -29.46 10.69
C CYS D 211 -50.67 -29.81 11.28
N VAL D 212 -51.70 -29.11 10.82
CA VAL D 212 -53.06 -29.38 11.25
C VAL D 212 -53.86 -29.59 9.97
N GLU D 213 -54.46 -30.76 9.85
CA GLU D 213 -55.25 -31.09 8.67
C GLU D 213 -56.56 -30.31 8.61
N VAL D 214 -56.90 -29.83 7.42
CA VAL D 214 -58.16 -29.13 7.20
C VAL D 214 -58.99 -30.23 6.54
N PRO D 215 -60.02 -30.72 7.25
CA PRO D 215 -60.94 -31.78 6.80
C PRO D 215 -61.95 -31.47 5.70
N PHE D 216 -61.71 -30.38 4.98
CA PHE D 216 -62.59 -30.00 3.89
C PHE D 216 -61.76 -29.23 2.88
N ALA D 217 -62.19 -29.22 1.63
CA ALA D 217 -61.47 -28.48 0.60
C ALA D 217 -61.81 -27.00 0.75
N ILE D 218 -60.82 -26.13 0.66
CA ILE D 218 -61.12 -24.72 0.80
C ILE D 218 -61.01 -23.96 -0.51
N ASP D 219 -61.68 -22.80 -0.54
CA ASP D 219 -61.66 -21.93 -1.71
C ASP D 219 -60.52 -20.98 -1.41
N PHE D 220 -59.39 -21.15 -2.09
CA PHE D 220 -58.24 -20.31 -1.80
C PHE D 220 -58.46 -18.82 -2.09
N PRO D 221 -58.99 -18.48 -3.28
CA PRO D 221 -59.18 -17.04 -3.50
C PRO D 221 -60.14 -16.40 -2.48
N LEU D 222 -61.26 -17.05 -2.19
CA LEU D 222 -62.20 -16.51 -1.21
C LEU D 222 -61.61 -16.47 0.20
N THR D 223 -60.86 -17.50 0.58
CA THR D 223 -60.23 -17.52 1.90
C THR D 223 -59.20 -16.39 1.96
N TYR D 224 -58.46 -16.21 0.88
CA TYR D 224 -57.46 -15.15 0.83
C TYR D 224 -58.15 -13.81 1.04
N ARG D 225 -59.29 -13.61 0.37
CA ARG D 225 -60.02 -12.36 0.49
C ARG D 225 -60.54 -12.11 1.90
N LEU D 226 -61.08 -13.15 2.53
CA LEU D 226 -61.62 -13.01 3.88
C LEU D 226 -60.56 -12.60 4.89
N GLY D 227 -59.38 -13.22 4.81
CA GLY D 227 -58.33 -12.87 5.74
C GLY D 227 -57.75 -11.49 5.46
N ARG D 228 -57.66 -11.12 4.18
CA ARG D 228 -57.08 -9.83 3.82
C ARG D 228 -58.00 -8.68 4.22
N ARG D 229 -59.27 -9.00 4.44
CA ARG D 229 -60.24 -8.00 4.86
C ARG D 229 -59.97 -7.59 6.31
N HIS D 230 -59.31 -8.46 7.07
CA HIS D 230 -59.04 -8.17 8.48
C HIS D 230 -57.57 -8.07 8.84
N ASN D 231 -56.70 -8.07 7.84
CA ASN D 231 -55.28 -8.00 8.07
C ASN D 231 -54.55 -7.21 7.00
N THR D 232 -53.51 -6.50 7.41
CA THR D 232 -52.68 -5.72 6.50
C THR D 232 -51.24 -6.12 6.74
N PRO D 233 -50.86 -7.35 6.33
CA PRO D 233 -49.50 -7.87 6.51
C PRO D 233 -48.49 -7.12 5.65
N VAL D 234 -47.21 -7.25 5.98
CA VAL D 234 -46.17 -6.59 5.22
C VAL D 234 -46.21 -7.09 3.76
N ARG D 235 -46.55 -8.36 3.60
CA ARG D 235 -46.67 -8.99 2.28
C ARG D 235 -47.72 -10.09 2.38
N SER D 236 -48.38 -10.40 1.27
CA SER D 236 -49.36 -11.48 1.28
C SER D 236 -49.30 -12.16 -0.07
N PHE D 237 -49.86 -13.36 -0.16
CA PHE D 237 -49.84 -14.08 -1.42
C PHE D 237 -50.95 -15.10 -1.53
N LEU D 238 -51.22 -15.47 -2.78
CA LEU D 238 -52.23 -16.45 -3.14
C LEU D 238 -51.66 -17.09 -4.40
N LEU D 239 -51.57 -18.41 -4.43
CA LEU D 239 -51.01 -19.03 -5.62
C LEU D 239 -51.57 -20.40 -5.94
N GLN D 240 -51.36 -20.81 -7.19
CA GLN D 240 -51.75 -22.11 -7.69
C GLN D 240 -50.62 -22.38 -8.68
N LEU D 241 -49.65 -23.19 -8.27
CA LEU D 241 -48.49 -23.45 -9.10
C LEU D 241 -47.98 -24.87 -8.94
N GLY D 242 -47.82 -25.56 -10.07
CA GLY D 242 -47.30 -26.91 -10.06
C GLY D 242 -47.97 -27.88 -9.11
N GLY D 243 -49.30 -27.82 -9.02
CA GLY D 243 -50.02 -28.74 -8.14
C GLY D 243 -50.14 -28.28 -6.70
N ILE D 244 -49.64 -27.08 -6.43
CA ILE D 244 -49.69 -26.52 -5.09
C ILE D 244 -50.55 -25.27 -5.03
N ARG D 245 -51.48 -25.25 -4.09
CA ARG D 245 -52.31 -24.09 -3.86
C ARG D 245 -51.85 -23.59 -2.51
N ALA D 246 -51.69 -22.29 -2.35
CA ALA D 246 -51.27 -21.77 -1.07
C ALA D 246 -51.63 -20.30 -0.97
N LEU D 247 -51.77 -19.83 0.26
CA LEU D 247 -52.09 -18.43 0.50
C LEU D 247 -51.47 -18.11 1.85
N GLY D 248 -51.15 -16.85 2.07
CA GLY D 248 -50.56 -16.51 3.36
C GLY D 248 -50.47 -15.03 3.59
N TYR D 249 -50.31 -14.67 4.86
CA TYR D 249 -50.18 -13.29 5.27
C TYR D 249 -48.86 -13.27 6.00
N SER D 250 -47.79 -12.98 5.27
CA SER D 250 -46.45 -13.00 5.82
C SER D 250 -46.20 -12.07 6.99
N PRO D 251 -45.66 -12.61 8.09
CA PRO D 251 -45.38 -11.78 9.26
C PRO D 251 -43.99 -11.17 9.19
N GLU D 252 -43.23 -11.49 8.14
CA GLU D 252 -41.87 -10.99 8.06
C GLU D 252 -41.31 -10.86 6.65
N LEU D 253 -40.65 -9.74 6.39
CA LEU D 253 -40.00 -9.52 5.10
C LEU D 253 -38.59 -10.04 5.32
N VAL D 254 -38.25 -11.14 4.66
CA VAL D 254 -36.93 -11.73 4.81
C VAL D 254 -35.86 -10.93 4.10
N THR D 255 -36.16 -10.48 2.88
CA THR D 255 -35.20 -9.70 2.12
C THR D 255 -35.86 -8.90 1.02
N ALA D 256 -35.43 -7.65 0.87
CA ALA D 256 -35.93 -6.80 -0.20
C ALA D 256 -34.69 -6.12 -0.73
N VAL D 257 -34.43 -6.30 -2.02
CA VAL D 257 -33.29 -5.66 -2.65
C VAL D 257 -33.84 -4.74 -3.71
N ARG D 258 -33.52 -3.46 -3.60
CA ARG D 258 -33.99 -2.46 -4.57
C ARG D 258 -32.96 -2.31 -5.67
N ALA D 259 -33.41 -1.82 -6.83
CA ALA D 259 -32.55 -1.62 -7.97
C ALA D 259 -31.38 -0.70 -7.63
N ASP D 260 -31.58 0.22 -6.71
CA ASP D 260 -30.52 1.15 -6.32
C ASP D 260 -29.50 0.53 -5.36
N GLY D 261 -29.64 -0.77 -5.09
CA GLY D 261 -28.70 -1.44 -4.21
C GLY D 261 -29.04 -1.49 -2.72
N VAL D 262 -30.08 -0.79 -2.29
CA VAL D 262 -30.45 -0.81 -0.89
C VAL D 262 -31.11 -2.14 -0.54
N VAL D 263 -30.63 -2.76 0.54
CA VAL D 263 -31.13 -4.05 1.00
C VAL D 263 -31.75 -3.90 2.39
N ILE D 264 -32.91 -4.48 2.61
CA ILE D 264 -33.51 -4.41 3.93
C ILE D 264 -34.03 -5.78 4.32
N THR D 265 -34.15 -5.98 5.63
CA THR D 265 -34.65 -7.22 6.19
C THR D 265 -35.38 -6.77 7.45
N GLU D 266 -36.46 -7.45 7.80
CA GLU D 266 -37.24 -7.05 8.97
C GLU D 266 -37.52 -8.18 9.94
N PRO D 267 -36.54 -8.50 10.80
CA PRO D 267 -36.77 -9.58 11.77
C PRO D 267 -37.88 -9.24 12.76
N LEU D 268 -38.72 -10.21 13.04
CA LEU D 268 -39.84 -10.00 13.96
C LEU D 268 -39.52 -10.53 15.36
N ALA D 269 -39.88 -9.74 16.37
CA ALA D 269 -39.63 -10.11 17.77
C ALA D 269 -40.77 -10.89 18.39
N GLY D 270 -42.00 -10.48 18.11
CA GLY D 270 -43.15 -11.17 18.67
C GLY D 270 -44.45 -10.60 18.11
N THR D 271 -45.54 -11.34 18.32
CA THR D 271 -46.84 -10.93 17.82
C THR D 271 -47.92 -11.09 18.89
N ARG D 272 -48.88 -10.16 18.89
CA ARG D 272 -50.00 -10.21 19.84
C ARG D 272 -51.26 -9.87 19.06
N ALA D 273 -52.41 -10.22 19.62
CA ALA D 273 -53.67 -9.92 18.96
C ALA D 273 -53.93 -8.42 18.97
N LEU D 274 -54.74 -7.95 18.03
CA LEU D 274 -55.08 -6.54 17.94
C LEU D 274 -56.55 -6.45 17.51
N GLY D 275 -57.22 -5.38 17.93
CA GLY D 275 -58.62 -5.21 17.56
C GLY D 275 -59.62 -5.79 18.55
N ARG D 276 -59.16 -6.07 19.76
CA ARG D 276 -60.04 -6.63 20.78
C ARG D 276 -60.45 -5.58 21.81
N GLY D 277 -60.33 -4.32 21.43
CA GLY D 277 -60.68 -3.23 22.32
C GLY D 277 -59.45 -2.49 22.81
N PRO D 278 -59.56 -1.17 23.04
CA PRO D 278 -58.43 -0.35 23.50
C PRO D 278 -57.70 -0.94 24.70
N ALA D 279 -58.45 -1.18 25.78
CA ALA D 279 -57.88 -1.72 27.01
C ALA D 279 -57.08 -3.00 26.80
N ILE D 280 -57.70 -4.01 26.20
CA ILE D 280 -57.04 -5.27 25.97
C ILE D 280 -55.86 -5.12 25.00
N ASP D 281 -56.05 -4.29 23.98
CA ASP D 281 -55.00 -4.06 22.99
C ASP D 281 -53.79 -3.38 23.63
N ARG D 282 -54.05 -2.50 24.60
CA ARG D 282 -52.97 -1.80 25.28
C ARG D 282 -52.17 -2.76 26.13
N LEU D 283 -52.86 -3.67 26.82
CA LEU D 283 -52.19 -4.66 27.64
C LEU D 283 -51.31 -5.53 26.77
N ALA D 284 -51.82 -5.91 25.60
CA ALA D 284 -51.07 -6.74 24.67
C ALA D 284 -49.82 -6.00 24.18
N ARG D 285 -49.99 -4.73 23.84
CA ARG D 285 -48.87 -3.94 23.36
C ARG D 285 -47.80 -3.76 24.43
N ASP D 286 -48.24 -3.49 25.67
CA ASP D 286 -47.30 -3.31 26.78
C ASP D 286 -46.48 -4.56 27.03
N ASP D 287 -47.11 -5.72 26.92
CA ASP D 287 -46.42 -6.99 27.13
C ASP D 287 -45.36 -7.16 26.04
N LEU D 288 -45.77 -6.92 24.80
CA LEU D 288 -44.88 -7.04 23.66
C LEU D 288 -43.67 -6.13 23.82
N GLU D 289 -43.90 -4.88 24.20
CA GLU D 289 -42.82 -3.91 24.35
C GLU D 289 -42.00 -4.00 25.63
N SER D 290 -42.42 -4.83 26.58
CA SER D 290 -41.66 -4.94 27.83
C SER D 290 -41.32 -6.38 28.23
N ASN D 291 -41.75 -7.35 27.44
CA ASN D 291 -41.47 -8.75 27.75
C ASN D 291 -39.97 -9.02 27.67
N SER D 292 -39.34 -9.25 28.82
CA SER D 292 -37.90 -9.51 28.89
C SER D 292 -37.42 -10.60 27.94
N LYS D 293 -38.13 -11.72 27.93
CA LYS D 293 -37.78 -12.85 27.08
C LYS D 293 -37.79 -12.45 25.60
N GLU D 294 -38.85 -11.79 25.18
CA GLU D 294 -38.98 -11.37 23.80
C GLU D 294 -37.91 -10.34 23.43
N ILE D 295 -37.60 -9.44 24.36
CA ILE D 295 -36.60 -8.42 24.11
C ILE D 295 -35.20 -9.03 23.91
N VAL D 296 -34.81 -9.96 24.79
CA VAL D 296 -33.49 -10.58 24.66
C VAL D 296 -33.38 -11.38 23.37
N GLU D 297 -34.40 -12.16 23.06
CA GLU D 297 -34.40 -12.97 21.85
C GLU D 297 -34.34 -12.10 20.60
N HIS D 298 -35.04 -10.98 20.63
CA HIS D 298 -35.03 -10.08 19.47
C HIS D 298 -33.67 -9.41 19.33
N ALA D 299 -33.08 -9.04 20.46
CA ALA D 299 -31.77 -8.39 20.45
C ALA D 299 -30.78 -9.38 19.83
N ILE D 300 -30.88 -10.65 20.21
CA ILE D 300 -30.01 -11.67 19.68
C ILE D 300 -30.26 -11.83 18.17
N SER D 301 -31.53 -11.78 17.77
CA SER D 301 -31.88 -11.92 16.37
C SER D 301 -31.37 -10.75 15.54
N VAL D 302 -31.51 -9.54 16.07
CA VAL D 302 -31.05 -8.34 15.37
C VAL D 302 -29.54 -8.41 15.16
N ARG D 303 -28.80 -8.82 16.19
CA ARG D 303 -27.35 -8.93 16.11
C ARG D 303 -26.99 -9.94 15.01
N SER D 304 -27.77 -11.01 14.95
CA SER D 304 -27.54 -12.05 13.96
C SER D 304 -27.79 -11.50 12.55
N SER D 305 -28.90 -10.77 12.37
CA SER D 305 -29.23 -10.18 11.06
C SER D 305 -28.13 -9.23 10.59
N LEU D 306 -27.61 -8.44 11.53
CA LEU D 306 -26.54 -7.49 11.20
C LEU D 306 -25.30 -8.25 10.74
N GLU D 307 -24.97 -9.32 11.45
CA GLU D 307 -23.82 -10.14 11.10
C GLU D 307 -24.00 -10.68 9.67
N GLU D 308 -25.18 -11.22 9.39
CA GLU D 308 -25.46 -11.78 8.07
C GLU D 308 -25.43 -10.75 6.94
N ILE D 309 -26.13 -9.64 7.12
CA ILE D 309 -26.19 -8.62 6.07
C ILE D 309 -24.82 -7.98 5.82
N THR D 310 -24.00 -7.91 6.86
CA THR D 310 -22.68 -7.32 6.69
C THR D 310 -21.83 -8.14 5.72
N ASP D 311 -22.12 -9.44 5.62
CA ASP D 311 -21.39 -10.33 4.73
C ASP D 311 -21.62 -10.06 3.24
N ILE D 312 -22.70 -9.35 2.92
CA ILE D 312 -22.99 -9.03 1.53
C ILE D 312 -23.15 -7.53 1.29
N ALA D 313 -22.83 -6.73 2.31
CA ALA D 313 -22.97 -5.29 2.20
C ALA D 313 -21.67 -4.49 2.07
N GLU D 314 -21.81 -3.27 1.59
CA GLU D 314 -20.67 -2.37 1.46
C GLU D 314 -20.25 -2.04 2.88
N PRO D 315 -18.95 -2.14 3.19
CA PRO D 315 -18.45 -1.86 4.53
C PRO D 315 -19.04 -0.60 5.18
N GLY D 316 -19.50 -0.74 6.41
CA GLY D 316 -20.08 0.37 7.15
C GLY D 316 -21.46 0.84 6.73
N SER D 317 -22.11 0.12 5.81
CA SER D 317 -23.42 0.55 5.34
C SER D 317 -24.59 -0.03 6.15
N ALA D 318 -24.34 -1.11 6.88
CA ALA D 318 -25.38 -1.77 7.68
C ALA D 318 -25.79 -0.97 8.90
N ALA D 319 -27.09 -0.90 9.15
CA ALA D 319 -27.63 -0.18 10.30
C ALA D 319 -29.05 -0.65 10.63
N VAL D 320 -29.47 -0.42 11.87
CA VAL D 320 -30.83 -0.77 12.31
C VAL D 320 -31.61 0.55 12.23
N ILE D 321 -32.67 0.57 11.44
CA ILE D 321 -33.47 1.77 11.22
C ILE D 321 -34.62 2.13 12.18
N ASP D 322 -35.41 1.16 12.60
CA ASP D 322 -36.50 1.43 13.54
C ASP D 322 -36.53 0.30 14.54
N PHE D 323 -35.51 0.31 15.39
CA PHE D 323 -35.31 -0.68 16.43
C PHE D 323 -36.47 -0.85 17.40
N MET D 324 -36.90 -2.10 17.54
CA MET D 324 -37.99 -2.45 18.46
C MET D 324 -39.19 -1.54 18.40
N THR D 325 -39.82 -1.48 17.22
CA THR D 325 -41.01 -0.64 17.05
C THR D 325 -42.20 -1.56 16.84
N VAL D 326 -43.40 -1.08 17.19
CA VAL D 326 -44.60 -1.87 17.02
C VAL D 326 -45.34 -1.44 15.76
N ARG D 327 -45.79 -2.44 14.99
CA ARG D 327 -46.52 -2.18 13.76
C ARG D 327 -47.88 -2.85 13.91
N GLU D 328 -48.95 -2.08 13.77
CA GLU D 328 -50.29 -2.63 13.88
C GLU D 328 -50.69 -3.08 12.48
N ARG D 329 -51.10 -4.35 12.36
CA ARG D 329 -51.46 -4.88 11.06
C ARG D 329 -52.81 -5.60 10.97
N GLY D 330 -53.84 -4.99 11.55
CA GLY D 330 -55.17 -5.57 11.49
C GLY D 330 -55.57 -6.34 12.72
N SER D 331 -55.63 -7.66 12.61
CA SER D 331 -56.01 -8.49 13.74
C SER D 331 -54.80 -8.84 14.60
N VAL D 332 -53.63 -8.40 14.17
CA VAL D 332 -52.40 -8.66 14.91
C VAL D 332 -51.51 -7.43 14.91
N GLN D 333 -50.64 -7.34 15.91
CA GLN D 333 -49.67 -6.27 16.03
C GLN D 333 -48.33 -6.95 16.31
N HIS D 334 -47.25 -6.41 15.75
CA HIS D 334 -45.94 -7.02 15.90
C HIS D 334 -44.88 -6.05 16.37
N LEU D 335 -43.92 -6.59 17.10
CA LEU D 335 -42.78 -5.81 17.56
C LEU D 335 -41.65 -6.33 16.66
N GLY D 336 -40.85 -5.43 16.12
CA GLY D 336 -39.76 -5.85 15.27
C GLY D 336 -38.80 -4.73 14.98
N SER D 337 -37.85 -4.97 14.08
CA SER D 337 -36.87 -3.98 13.72
C SER D 337 -36.57 -4.09 12.23
N THR D 338 -35.95 -3.06 11.67
CA THR D 338 -35.60 -3.08 10.26
C THR D 338 -34.11 -2.88 10.11
N ILE D 339 -33.46 -3.77 9.37
CA ILE D 339 -32.03 -3.66 9.14
C ILE D 339 -31.88 -3.26 7.67
N ARG D 340 -31.01 -2.28 7.42
CA ARG D 340 -30.79 -1.81 6.06
C ARG D 340 -29.29 -1.73 5.79
N ALA D 341 -28.93 -1.92 4.53
CA ALA D 341 -27.53 -1.83 4.15
C ALA D 341 -27.50 -1.59 2.66
N ARG D 342 -26.31 -1.52 2.08
CA ARG D 342 -26.17 -1.32 0.66
C ARG D 342 -25.48 -2.55 0.13
N LEU D 343 -26.05 -3.14 -0.93
CA LEU D 343 -25.48 -4.34 -1.52
C LEU D 343 -24.06 -4.06 -2.02
N ASP D 344 -23.11 -4.91 -1.66
CA ASP D 344 -21.73 -4.70 -2.09
C ASP D 344 -21.63 -4.98 -3.59
N PRO D 345 -20.80 -4.20 -4.31
CA PRO D 345 -20.67 -4.41 -5.75
C PRO D 345 -20.21 -5.81 -6.16
N SER D 346 -19.55 -6.52 -5.24
CA SER D 346 -19.09 -7.87 -5.52
C SER D 346 -20.18 -8.89 -5.20
N SER D 347 -21.31 -8.40 -4.70
CA SER D 347 -22.41 -9.29 -4.36
C SER D 347 -23.53 -9.17 -5.39
N ASP D 348 -24.62 -9.88 -5.14
CA ASP D 348 -25.76 -9.86 -6.05
C ASP D 348 -27.01 -10.15 -5.23
N ARG D 349 -28.18 -9.94 -5.81
CA ARG D 349 -29.43 -10.16 -5.07
C ARG D 349 -29.60 -11.55 -4.51
N MET D 350 -29.19 -12.58 -5.26
CA MET D 350 -29.34 -13.94 -4.78
C MET D 350 -28.42 -14.20 -3.60
N ALA D 351 -27.23 -13.60 -3.62
CA ALA D 351 -26.30 -13.77 -2.51
C ALA D 351 -26.92 -13.12 -1.28
N ALA D 352 -27.67 -12.05 -1.49
CA ALA D 352 -28.32 -11.36 -0.39
C ALA D 352 -29.37 -12.26 0.24
N LEU D 353 -30.18 -12.90 -0.60
CA LEU D 353 -31.20 -13.80 -0.10
C LEU D 353 -30.54 -14.95 0.66
N GLU D 354 -29.51 -15.54 0.06
CA GLU D 354 -28.79 -16.65 0.69
C GLU D 354 -28.18 -16.27 2.04
N ALA D 355 -27.82 -15.00 2.19
CA ALA D 355 -27.20 -14.53 3.43
C ALA D 355 -28.21 -14.32 4.55
N LEU D 356 -29.47 -14.08 4.18
CA LEU D 356 -30.52 -13.83 5.16
C LEU D 356 -31.55 -14.94 5.26
N PHE D 357 -31.30 -16.04 4.57
CA PHE D 357 -32.21 -17.18 4.54
C PHE D 357 -31.49 -18.41 5.10
N PRO D 358 -32.16 -19.20 5.97
CA PRO D 358 -33.53 -19.02 6.45
C PRO D 358 -33.59 -17.95 7.55
N ALA D 359 -34.77 -17.44 7.81
CA ALA D 359 -34.93 -16.44 8.85
C ALA D 359 -34.77 -17.12 10.21
N VAL D 360 -34.34 -16.35 11.20
CA VAL D 360 -34.18 -16.87 12.55
C VAL D 360 -35.56 -17.36 13.02
N THR D 361 -36.60 -16.65 12.61
CA THR D 361 -37.96 -17.02 12.98
C THR D 361 -38.38 -18.37 12.41
N ALA D 362 -37.57 -18.90 11.48
CA ALA D 362 -37.88 -20.19 10.86
C ALA D 362 -36.86 -21.26 11.21
N SER D 363 -35.75 -20.86 11.83
CA SER D 363 -34.71 -21.82 12.15
C SER D 363 -34.34 -21.88 13.62
N GLY D 364 -33.52 -20.93 14.07
CA GLY D 364 -33.10 -20.90 15.45
C GLY D 364 -31.79 -20.17 15.63
N ILE D 365 -31.19 -20.32 16.81
CA ILE D 365 -29.92 -19.67 17.17
C ILE D 365 -29.04 -20.67 17.93
N PRO D 366 -27.82 -20.95 17.43
CA PRO D 366 -27.23 -20.44 16.19
C PRO D 366 -28.05 -21.02 15.05
N LYS D 367 -28.08 -20.33 13.92
CA LYS D 367 -28.86 -20.79 12.79
C LYS D 367 -28.48 -22.20 12.29
N ALA D 368 -27.19 -22.45 12.13
CA ALA D 368 -26.76 -23.77 11.64
C ALA D 368 -27.23 -24.90 12.56
N ALA D 369 -27.15 -24.69 13.87
CA ALA D 369 -27.57 -25.68 14.85
C ALA D 369 -29.09 -25.88 14.80
N GLY D 370 -29.81 -24.77 14.66
CA GLY D 370 -31.25 -24.84 14.58
C GLY D 370 -31.69 -25.61 13.34
N VAL D 371 -31.07 -25.32 12.20
CA VAL D 371 -31.41 -26.02 10.97
C VAL D 371 -31.14 -27.51 11.10
N GLU D 372 -30.01 -27.86 11.71
CA GLU D 372 -29.65 -29.27 11.89
C GLU D 372 -30.69 -29.96 12.77
N ALA D 373 -31.12 -29.31 13.85
CA ALA D 373 -32.11 -29.90 14.75
C ALA D 373 -33.46 -30.10 14.07
N ILE D 374 -33.82 -29.16 13.20
CA ILE D 374 -35.09 -29.24 12.48
C ILE D 374 -35.15 -30.52 11.63
N PHE D 375 -34.01 -30.94 11.10
CA PHE D 375 -33.96 -32.18 10.31
C PHE D 375 -34.36 -33.37 11.17
N ARG D 376 -34.02 -33.32 12.46
CA ARG D 376 -34.31 -34.41 13.38
C ARG D 376 -35.60 -34.28 14.19
N LEU D 377 -35.94 -33.06 14.56
CA LEU D 377 -37.11 -32.84 15.41
C LEU D 377 -38.36 -32.27 14.75
N ASP D 378 -38.33 -32.07 13.44
CA ASP D 378 -39.49 -31.54 12.75
C ASP D 378 -39.79 -32.38 11.51
N GLU D 379 -41.03 -32.35 11.04
CA GLU D 379 -41.40 -33.11 9.85
C GLU D 379 -40.78 -32.45 8.61
N CYS D 380 -39.90 -33.18 7.92
CA CYS D 380 -39.23 -32.66 6.74
C CYS D 380 -39.52 -33.51 5.51
N PRO D 381 -39.41 -32.91 4.30
CA PRO D 381 -39.04 -31.52 4.04
C PRO D 381 -40.16 -30.56 4.39
N ARG D 382 -39.79 -29.34 4.79
CA ARG D 382 -40.79 -28.34 5.12
C ARG D 382 -41.44 -27.79 3.86
N GLY D 383 -40.66 -27.71 2.79
CA GLY D 383 -41.20 -27.20 1.54
C GLY D 383 -41.45 -25.70 1.62
N LEU D 384 -42.65 -25.26 1.26
CA LEU D 384 -42.95 -23.84 1.29
C LEU D 384 -42.94 -23.26 2.69
N TYR D 385 -43.39 -24.03 3.67
CA TYR D 385 -43.44 -23.56 5.05
C TYR D 385 -42.08 -23.11 5.58
N SER D 386 -42.06 -21.88 6.11
CA SER D 386 -40.87 -21.25 6.66
C SER D 386 -39.85 -20.93 5.56
N GLY D 387 -40.29 -21.06 4.30
CA GLY D 387 -39.44 -20.72 3.18
C GLY D 387 -39.87 -19.31 2.79
N ALA D 388 -39.84 -18.97 1.51
CA ALA D 388 -40.27 -17.63 1.10
C ALA D 388 -40.96 -17.61 -0.26
N VAL D 389 -41.82 -16.62 -0.44
CA VAL D 389 -42.49 -16.41 -1.70
C VAL D 389 -41.72 -15.22 -2.24
N VAL D 390 -41.32 -15.30 -3.51
CA VAL D 390 -40.47 -14.26 -4.08
C VAL D 390 -40.93 -13.59 -5.36
N MET D 391 -40.47 -12.36 -5.56
CA MET D 391 -40.77 -11.59 -6.76
C MET D 391 -39.45 -10.94 -7.16
N LEU D 392 -39.01 -11.22 -8.39
CA LEU D 392 -37.77 -10.65 -8.90
C LEU D 392 -38.04 -9.74 -10.09
N SER D 393 -37.24 -8.70 -10.23
CA SER D 393 -37.42 -7.75 -11.32
C SER D 393 -36.18 -7.67 -12.22
N ALA D 394 -36.41 -7.37 -13.49
CA ALA D 394 -35.33 -7.27 -14.46
C ALA D 394 -34.33 -6.20 -14.05
N ASP D 395 -34.79 -5.18 -13.33
CA ASP D 395 -33.91 -4.11 -12.90
C ASP D 395 -33.04 -4.48 -11.70
N GLY D 396 -33.07 -5.74 -11.30
CA GLY D 396 -32.25 -6.20 -10.18
C GLY D 396 -32.98 -6.32 -8.84
N GLY D 397 -34.26 -5.98 -8.83
CA GLY D 397 -35.02 -6.06 -7.59
C GLY D 397 -35.31 -7.47 -7.14
N LEU D 398 -35.48 -7.63 -5.83
CA LEU D 398 -35.81 -8.91 -5.22
C LEU D 398 -36.66 -8.63 -3.98
N ASP D 399 -37.75 -9.36 -3.83
CA ASP D 399 -38.59 -9.16 -2.66
C ASP D 399 -38.95 -10.57 -2.18
N ALA D 400 -38.65 -10.88 -0.92
CA ALA D 400 -38.92 -12.20 -0.39
C ALA D 400 -39.67 -12.15 0.92
N ALA D 401 -40.87 -12.74 0.94
CA ALA D 401 -41.71 -12.76 2.15
C ALA D 401 -41.65 -14.12 2.82
N LEU D 402 -41.43 -14.11 4.14
CA LEU D 402 -41.37 -15.37 4.89
C LEU D 402 -42.72 -16.07 4.83
N THR D 403 -42.69 -17.35 4.47
CA THR D 403 -43.92 -18.13 4.34
C THR D 403 -44.36 -18.76 5.66
N LEU D 404 -45.11 -17.98 6.42
CA LEU D 404 -45.68 -18.41 7.69
C LEU D 404 -47.11 -17.87 7.64
N ARG D 405 -47.97 -18.39 8.52
CA ARG D 405 -49.38 -17.98 8.56
C ARG D 405 -49.94 -18.22 7.17
N ALA D 406 -49.80 -19.47 6.72
CA ALA D 406 -50.26 -19.85 5.39
C ALA D 406 -50.99 -21.18 5.40
N ALA D 407 -51.80 -21.39 4.38
CA ALA D 407 -52.56 -22.64 4.21
C ALA D 407 -52.07 -23.26 2.91
N TYR D 408 -52.08 -24.59 2.82
CA TYR D 408 -51.60 -25.30 1.64
C TYR D 408 -52.54 -26.41 1.21
N GLN D 409 -52.47 -26.75 -0.07
CA GLN D 409 -53.27 -27.83 -0.62
C GLN D 409 -52.43 -28.47 -1.71
N VAL D 410 -52.18 -29.76 -1.56
CA VAL D 410 -51.42 -30.53 -2.55
C VAL D 410 -52.12 -31.88 -2.60
N GLY D 411 -52.55 -32.27 -3.80
CA GLY D 411 -53.27 -33.53 -3.92
C GLY D 411 -54.60 -33.38 -3.21
N GLY D 412 -55.02 -34.40 -2.50
CA GLY D 412 -56.28 -34.31 -1.79
C GLY D 412 -56.07 -33.85 -0.37
N ARG D 413 -54.88 -33.31 -0.08
CA ARG D 413 -54.57 -32.86 1.26
C ARG D 413 -54.49 -31.34 1.41
N THR D 414 -55.18 -30.84 2.43
CA THR D 414 -55.20 -29.42 2.73
C THR D 414 -54.78 -29.29 4.19
N TRP D 415 -53.86 -28.36 4.47
CA TRP D 415 -53.41 -28.22 5.84
C TRP D 415 -52.83 -26.88 6.19
N LEU D 416 -52.69 -26.67 7.50
CA LEU D 416 -52.12 -25.47 8.09
C LEU D 416 -50.85 -25.91 8.80
N ARG D 417 -49.95 -24.98 9.07
CA ARG D 417 -48.73 -25.31 9.77
C ARG D 417 -48.23 -24.11 10.54
N ALA D 418 -47.97 -24.31 11.82
CA ALA D 418 -47.49 -23.25 12.69
C ALA D 418 -46.44 -23.82 13.63
N GLY D 419 -45.58 -22.95 14.14
CA GLY D 419 -44.54 -23.40 15.04
C GLY D 419 -44.32 -22.46 16.20
N ALA D 420 -43.28 -22.74 16.99
CA ALA D 420 -42.96 -21.92 18.14
C ALA D 420 -41.46 -21.94 18.36
N GLY D 421 -40.93 -20.82 18.83
CA GLY D 421 -39.50 -20.74 19.09
C GLY D 421 -39.26 -21.38 20.45
N ILE D 422 -38.59 -22.53 20.43
CA ILE D 422 -38.32 -23.24 21.67
C ILE D 422 -36.99 -22.79 22.29
N ILE D 423 -37.03 -22.45 23.58
CA ILE D 423 -35.82 -22.05 24.29
C ILE D 423 -35.69 -22.87 25.57
N GLU D 424 -34.64 -22.61 26.33
CA GLU D 424 -34.39 -23.36 27.56
C GLU D 424 -35.57 -23.38 28.54
N GLU D 425 -36.18 -22.22 28.78
CA GLU D 425 -37.29 -22.09 29.70
C GLU D 425 -38.64 -22.55 29.17
N SER D 426 -38.72 -22.86 27.88
CA SER D 426 -40.00 -23.26 27.30
C SER D 426 -40.52 -24.60 27.84
N GLU D 427 -41.84 -24.72 27.86
CA GLU D 427 -42.53 -25.93 28.33
C GLU D 427 -43.45 -26.42 27.20
N PRO D 428 -43.46 -27.74 26.95
CA PRO D 428 -44.28 -28.38 25.92
C PRO D 428 -45.73 -27.90 25.82
N GLU D 429 -46.44 -27.96 26.94
CA GLU D 429 -47.83 -27.55 26.96
C GLU D 429 -48.05 -26.09 26.55
N ARG D 430 -47.25 -25.20 27.12
CA ARG D 430 -47.35 -23.78 26.80
C ARG D 430 -47.09 -23.53 25.32
N GLU D 431 -46.05 -24.17 24.78
CA GLU D 431 -45.72 -24.00 23.37
C GLU D 431 -46.79 -24.56 22.45
N PHE D 432 -47.38 -25.70 22.81
CA PHE D 432 -48.44 -26.28 21.99
C PHE D 432 -49.57 -25.25 21.91
N GLU D 433 -49.85 -24.58 23.03
CA GLU D 433 -50.92 -23.58 23.07
C GLU D 433 -50.52 -22.38 22.22
N GLU D 434 -49.22 -22.09 22.16
CA GLU D 434 -48.73 -20.98 21.36
C GLU D 434 -49.06 -21.27 19.89
N THR D 435 -48.87 -22.52 19.47
CA THR D 435 -49.18 -22.87 18.08
C THR D 435 -50.68 -22.78 17.84
N CYS D 436 -51.47 -23.10 18.87
CA CYS D 436 -52.92 -23.01 18.73
C CYS D 436 -53.31 -21.56 18.50
N GLU D 437 -52.69 -20.66 19.25
CA GLU D 437 -52.95 -19.24 19.12
C GLU D 437 -52.60 -18.77 17.70
N LYS D 438 -51.42 -19.17 17.22
CA LYS D 438 -50.99 -18.78 15.88
C LYS D 438 -51.92 -19.31 14.79
N LEU D 439 -52.30 -20.58 14.88
CA LEU D 439 -53.20 -21.17 13.91
C LEU D 439 -54.53 -20.42 13.95
N SER D 440 -54.92 -19.96 15.14
CA SER D 440 -56.17 -19.23 15.30
C SER D 440 -56.15 -17.84 14.66
N THR D 441 -55.02 -17.45 14.06
CA THR D 441 -54.96 -16.17 13.36
C THR D 441 -55.17 -16.42 11.88
N LEU D 442 -55.53 -17.66 11.55
CA LEU D 442 -55.78 -18.03 10.17
C LEU D 442 -57.09 -18.81 10.03
N THR D 443 -57.40 -19.66 11.01
CA THR D 443 -58.63 -20.45 10.96
C THR D 443 -59.92 -19.63 10.83
N PRO D 444 -59.93 -18.38 11.33
CA PRO D 444 -61.17 -17.60 11.21
C PRO D 444 -61.55 -17.22 9.78
N TYR D 445 -60.63 -17.43 8.85
CA TYR D 445 -60.85 -17.05 7.46
C TYR D 445 -61.06 -18.18 6.46
N LEU D 446 -60.94 -19.42 6.91
CA LEU D 446 -61.09 -20.55 6.01
C LEU D 446 -62.50 -20.68 5.44
N VAL D 447 -62.60 -20.54 4.12
CA VAL D 447 -63.89 -20.67 3.42
C VAL D 447 -63.92 -21.98 2.66
N ALA D 448 -64.93 -22.80 2.92
CA ALA D 448 -65.03 -24.10 2.27
C ALA D 448 -65.47 -24.04 0.81
N ARG D 449 -65.00 -25.02 0.05
CA ARG D 449 -65.35 -25.21 -1.36
C ARG D 449 -64.16 -25.05 -2.29
C PYR E . -3.48 -37.64 12.03
O PYR E . -3.13 -36.62 13.23
OXT PYR E . -2.64 -38.29 11.38
CA PYR E . -4.94 -37.76 11.74
O3 PYR E . -5.58 -38.79 11.98
CB PYR E . -5.57 -36.51 11.13
N1 IMD F . -22.48 -38.50 -1.44
C2 IMD F . -23.50 -39.34 -1.43
N3 IMD F . -23.73 -39.66 -0.16
C4 IMD F . -22.87 -39.05 0.65
C5 IMD F . -22.07 -38.30 -0.18
C1 GOL G . -1.02 -41.94 -3.55
O1 GOL G . -0.26 -42.54 -2.27
C2 GOL G . -1.29 -40.59 -3.77
O2 GOL G . -0.73 -39.81 -2.82
C3 GOL G . -1.92 -40.46 -4.79
O3 GOL G . -2.71 -40.82 -6.08
C PYR H . 14.38 13.96 -26.53
O PYR H . 14.41 12.47 -27.07
OXT PYR H . 13.37 14.72 -26.58
CA PYR H . 15.69 14.38 -25.94
O3 PYR H . 16.74 14.51 -26.62
CB PYR H . 15.67 14.61 -24.44
C1 GOL I . 20.03 -1.00 -22.80
O1 GOL I . 19.39 -0.54 -24.20
C2 GOL I . 19.65 -0.54 -21.54
O2 GOL I . 18.57 0.28 -21.61
C3 GOL I . 20.37 -1.01 -20.71
O3 GOL I . 21.52 -1.80 -20.02
N1 IMD J . 33.90 15.61 -15.12
C2 IMD J . 32.72 15.13 -14.77
N3 IMD J . 32.93 14.18 -13.87
C4 IMD J . 34.23 14.04 -13.62
C5 IMD J . 34.85 14.98 -14.44
N1 IMD K . 12.05 37.16 -5.75
C2 IMD K . 11.14 36.88 -4.83
N3 IMD K . 11.79 36.31 -3.81
C4 IMD K . 13.10 36.25 -4.06
C5 IMD K . 13.25 36.80 -5.30
C1 GOL L . 34.80 44.08 4.06
O1 GOL L . 35.92 44.30 2.93
C2 GOL L . 34.69 44.83 5.24
O2 GOL L . 35.91 45.09 5.76
C3 GOL L . 33.53 45.06 5.48
O3 GOL L . 31.98 45.08 5.34
C1 GOL M . 21.83 44.87 13.20
O1 GOL M . 20.61 43.84 13.35
C2 GOL M . 23.15 44.55 12.86
O2 GOL M . 23.41 43.24 13.08
C3 GOL M . 23.71 45.53 12.46
O3 GOL M . 23.96 47.01 12.04
N1 IMD N . -23.01 -14.08 18.55
C2 IMD N . -22.64 -14.29 19.80
N3 IMD N . -22.05 -13.17 20.23
C4 IMD N . -22.04 -12.25 19.28
C5 IMD N . -22.66 -12.83 18.20
C1 GOL O . -48.33 -17.95 12.47
O1 GOL O . -49.71 -18.19 11.69
C2 GOL O . -47.71 -16.71 12.68
O2 GOL O . -46.39 -16.78 12.41
C3 GOL O . -48.52 -15.90 13.06
O3 GOL O . -49.88 -15.26 13.48
C1 GOL P . -40.81 -2.93 12.62
O1 GOL P . -39.48 -2.15 12.16
C2 GOL P . -41.16 -4.22 12.25
O2 GOL P . -40.35 -4.69 11.28
C3 GOL P . -42.11 -4.59 12.90
O3 GOL P . -43.27 -4.58 13.94
#